data_2LTW
#
_entry.id   2LTW
#
loop_
_entity.id
_entity.type
_entity.pdbx_description
1 polymer 'Yorkie homolog'
2 polymer 'Smad7 derived peptide'
#
loop_
_entity_poly.entity_id
_entity_poly.type
_entity_poly.pdbx_seq_one_letter_code
_entity_poly.pdbx_strand_id
1 'polypeptide(L)' DVPLPAGWEMAKTSSGQRYFLNHIDQTTTWQDPRKA A
2 'polypeptide(L)' GESPPPPYSRYPMD B
#
# COMPACT_ATOMS: atom_id res chain seq x y z
N ASP A 1 6.81 4.99 12.81
CA ASP A 1 7.41 5.28 11.48
C ASP A 1 8.25 4.11 10.98
N VAL A 2 8.74 3.29 11.90
CA VAL A 2 9.48 2.08 11.51
C VAL A 2 8.54 0.93 11.12
N PRO A 3 7.54 0.58 11.96
CA PRO A 3 6.59 -0.50 11.62
C PRO A 3 5.74 -0.15 10.41
N LEU A 4 5.57 1.15 10.19
CA LEU A 4 4.86 1.65 9.04
C LEU A 4 5.62 2.85 8.48
N PRO A 5 6.27 2.66 7.32
CA PRO A 5 7.05 3.73 6.66
C PRO A 5 6.25 5.02 6.50
N ALA A 6 6.95 6.14 6.55
CA ALA A 6 6.32 7.45 6.51
C ALA A 6 6.19 7.93 5.07
N GLY A 7 5.00 8.40 4.72
CA GLY A 7 4.71 8.80 3.36
C GLY A 7 4.16 7.63 2.57
N TRP A 8 3.76 6.60 3.29
CA TRP A 8 3.20 5.39 2.70
C TRP A 8 1.78 5.18 3.19
N GLU A 9 0.94 4.67 2.31
CA GLU A 9 -0.43 4.33 2.67
C GLU A 9 -0.48 2.89 3.16
N MET A 10 -0.75 2.72 4.44
CA MET A 10 -0.71 1.40 5.04
C MET A 10 -2.11 0.85 5.24
N ALA A 11 -2.50 -0.13 4.43
CA ALA A 11 -3.82 -0.73 4.57
C ALA A 11 -3.79 -2.20 4.18
N LYS A 12 -4.43 -3.02 5.00
CA LYS A 12 -4.46 -4.46 4.80
C LYS A 12 -5.90 -4.95 4.73
N THR A 13 -6.25 -5.65 3.66
CA THR A 13 -7.60 -6.16 3.51
C THR A 13 -7.73 -7.54 4.13
N SER A 14 -8.91 -7.83 4.68
CA SER A 14 -9.20 -9.13 5.26
C SER A 14 -9.22 -10.22 4.17
N SER A 15 -9.29 -9.76 2.93
CA SER A 15 -9.17 -10.64 1.77
C SER A 15 -7.76 -11.24 1.68
N GLY A 16 -6.84 -10.65 2.45
CA GLY A 16 -5.46 -11.08 2.40
C GLY A 16 -4.67 -10.31 1.38
N GLN A 17 -4.88 -9.00 1.34
CA GLN A 17 -4.11 -8.12 0.47
C GLN A 17 -3.43 -7.03 1.29
N ARG A 18 -2.12 -7.11 1.38
CA ARG A 18 -1.34 -6.11 2.09
C ARG A 18 -0.69 -5.15 1.10
N TYR A 19 -1.29 -3.99 0.90
CA TYR A 19 -0.78 -3.05 -0.07
C TYR A 19 -0.25 -1.80 0.63
N PHE A 20 0.77 -1.22 0.01
CA PHE A 20 1.38 -0.02 0.53
C PHE A 20 1.54 1.00 -0.59
N LEU A 21 0.93 2.15 -0.44
CA LEU A 21 1.03 3.22 -1.44
C LEU A 21 2.21 4.11 -1.16
N ASN A 22 2.91 4.54 -2.19
CA ASN A 22 3.86 5.62 -2.03
C ASN A 22 3.12 6.92 -2.28
N HIS A 23 2.68 7.59 -1.19
CA HIS A 23 1.95 8.85 -1.33
C HIS A 23 2.90 9.97 -1.78
N ILE A 24 4.18 9.63 -1.88
CA ILE A 24 5.20 10.56 -2.35
C ILE A 24 5.56 10.26 -3.80
N ASP A 25 5.67 8.98 -4.13
CA ASP A 25 6.09 8.56 -5.46
C ASP A 25 4.91 8.42 -6.41
N GLN A 26 3.70 8.39 -5.86
CA GLN A 26 2.48 8.21 -6.65
C GLN A 26 2.48 6.81 -7.28
N THR A 27 2.95 5.84 -6.51
CA THR A 27 3.03 4.47 -7.02
C THR A 27 2.39 3.48 -6.06
N THR A 28 1.85 2.42 -6.63
CA THR A 28 1.25 1.36 -5.84
C THR A 28 2.29 0.26 -5.59
N THR A 29 2.30 -0.28 -4.39
CA THR A 29 3.25 -1.33 -4.02
C THR A 29 2.53 -2.55 -3.43
N TRP A 30 2.78 -3.73 -3.98
CA TRP A 30 2.18 -4.96 -3.46
C TRP A 30 3.05 -5.59 -2.38
N GLN A 31 4.36 -5.49 -2.56
CA GLN A 31 5.30 -6.20 -1.70
C GLN A 31 5.86 -5.26 -0.65
N ASP A 32 5.87 -5.73 0.59
CA ASP A 32 6.24 -4.92 1.75
C ASP A 32 7.61 -4.24 1.56
N PRO A 33 7.63 -2.89 1.56
CA PRO A 33 8.86 -2.11 1.35
C PRO A 33 9.92 -2.34 2.44
N ARG A 34 9.52 -2.94 3.55
CA ARG A 34 10.45 -3.16 4.66
C ARG A 34 11.33 -4.38 4.38
N LYS A 35 10.85 -5.28 3.54
CA LYS A 35 11.65 -6.43 3.14
C LYS A 35 12.27 -6.20 1.77
N ALA A 36 11.75 -5.19 1.06
CA ALA A 36 12.21 -4.83 -0.28
C ALA A 36 11.84 -5.90 -1.31
N GLY B 1 0.01 -13.87 -8.06
CA GLY B 1 -1.13 -13.46 -8.89
C GLY B 1 -2.11 -12.61 -8.12
N GLU B 2 -1.85 -11.31 -8.08
CA GLU B 2 -2.67 -10.40 -7.31
C GLU B 2 -3.73 -9.78 -8.21
N SER B 3 -4.86 -9.44 -7.64
CA SER B 3 -5.90 -8.72 -8.35
C SER B 3 -5.65 -7.23 -8.17
N PRO B 4 -6.01 -6.39 -9.17
CA PRO B 4 -5.63 -4.96 -9.18
C PRO B 4 -5.92 -4.27 -7.86
N PRO B 5 -4.96 -3.48 -7.37
CA PRO B 5 -4.95 -2.93 -6.03
C PRO B 5 -5.61 -1.54 -6.01
N PRO B 6 -5.68 -0.90 -4.84
CA PRO B 6 -6.29 0.45 -4.68
C PRO B 6 -5.80 1.46 -5.71
N PRO B 7 -6.71 2.30 -6.21
CA PRO B 7 -6.34 3.45 -7.04
C PRO B 7 -5.59 4.48 -6.20
N TYR B 8 -4.54 5.05 -6.76
CA TYR B 8 -3.67 5.97 -6.04
C TYR B 8 -4.36 7.30 -5.69
N SER B 9 -5.55 7.55 -6.23
CA SER B 9 -6.05 8.92 -6.35
C SER B 9 -6.14 9.59 -4.98
N ARG B 10 -7.05 9.19 -4.10
CA ARG B 10 -6.96 9.70 -2.73
C ARG B 10 -6.79 8.59 -1.70
N TYR B 11 -7.84 7.81 -1.47
CA TYR B 11 -7.80 6.73 -0.48
C TYR B 11 -8.10 5.38 -1.13
N PRO B 12 -7.40 4.32 -0.72
CA PRO B 12 -7.59 2.97 -1.24
C PRO B 12 -9.00 2.43 -0.99
N MET B 13 -9.33 2.22 0.27
CA MET B 13 -10.63 1.67 0.64
C MET B 13 -11.29 2.60 1.65
N ASP B 14 -12.62 2.64 1.63
CA ASP B 14 -13.36 3.56 2.48
C ASP B 14 -13.67 2.93 3.82
N ASP A 1 7.91 4.56 13.12
CA ASP A 1 7.91 4.52 11.63
C ASP A 1 8.48 3.20 11.10
N VAL A 2 9.07 2.39 11.97
CA VAL A 2 9.58 1.07 11.55
C VAL A 2 8.44 0.14 11.12
N PRO A 3 7.37 -0.03 11.93
CA PRO A 3 6.23 -0.87 11.55
C PRO A 3 5.44 -0.30 10.36
N LEU A 4 5.46 1.03 10.21
CA LEU A 4 4.78 1.69 9.11
C LEU A 4 5.61 2.89 8.64
N PRO A 5 6.23 2.79 7.45
CA PRO A 5 7.06 3.88 6.89
C PRO A 5 6.27 5.19 6.69
N ALA A 6 7.00 6.30 6.64
CA ALA A 6 6.39 7.62 6.49
C ALA A 6 6.26 7.98 5.01
N GLY A 7 5.15 8.61 4.65
CA GLY A 7 4.86 8.91 3.26
C GLY A 7 4.24 7.72 2.55
N TRP A 8 3.79 6.75 3.34
CA TRP A 8 3.23 5.53 2.82
C TRP A 8 1.80 5.33 3.33
N GLU A 9 0.94 4.86 2.44
CA GLU A 9 -0.44 4.57 2.79
C GLU A 9 -0.54 3.12 3.25
N MET A 10 -0.86 2.91 4.51
CA MET A 10 -0.81 1.58 5.10
C MET A 10 -2.21 1.03 5.30
N ALA A 11 -2.59 0.03 4.52
CA ALA A 11 -3.86 -0.65 4.75
C ALA A 11 -3.80 -2.10 4.30
N LYS A 12 -4.44 -2.96 5.08
CA LYS A 12 -4.49 -4.38 4.77
C LYS A 12 -5.94 -4.84 4.72
N THR A 13 -6.31 -5.58 3.69
CA THR A 13 -7.69 -6.01 3.54
C THR A 13 -7.89 -7.35 4.23
N SER A 14 -9.09 -7.56 4.75
CA SER A 14 -9.44 -8.83 5.39
C SER A 14 -9.35 -10.00 4.41
N SER A 15 -9.27 -9.67 3.12
CA SER A 15 -9.05 -10.66 2.07
C SER A 15 -7.62 -11.22 2.17
N GLY A 16 -6.78 -10.54 2.94
CA GLY A 16 -5.39 -10.91 3.05
C GLY A 16 -4.52 -10.20 2.03
N GLN A 17 -4.87 -8.94 1.73
CA GLN A 17 -4.10 -8.14 0.81
C GLN A 17 -3.40 -7.01 1.55
N ARG A 18 -2.08 -7.08 1.60
CA ARG A 18 -1.30 -6.00 2.17
C ARG A 18 -0.83 -5.06 1.05
N TYR A 19 -1.33 -3.83 1.04
CA TYR A 19 -0.92 -2.89 0.02
C TYR A 19 -0.40 -1.61 0.67
N PHE A 20 0.60 -1.02 0.05
CA PHE A 20 1.17 0.21 0.55
C PHE A 20 1.29 1.22 -0.58
N LEU A 21 0.73 2.40 -0.38
CA LEU A 21 0.84 3.47 -1.37
C LEU A 21 2.07 4.31 -1.10
N ASN A 22 2.78 4.69 -2.14
CA ASN A 22 3.73 5.76 -2.00
C ASN A 22 3.00 7.04 -2.30
N HIS A 23 2.58 7.76 -1.25
CA HIS A 23 1.84 9.00 -1.41
C HIS A 23 2.74 10.05 -2.06
N ILE A 24 4.03 9.80 -2.00
CA ILE A 24 5.02 10.72 -2.56
C ILE A 24 5.40 10.30 -3.98
N ASP A 25 5.45 9.00 -4.22
CA ASP A 25 5.91 8.47 -5.50
C ASP A 25 4.77 8.20 -6.47
N GLN A 26 3.54 8.18 -5.95
CA GLN A 26 2.36 7.94 -6.79
C GLN A 26 2.35 6.49 -7.28
N THR A 27 2.81 5.60 -6.42
CA THR A 27 2.92 4.20 -6.81
C THR A 27 2.22 3.26 -5.82
N THR A 28 1.66 2.19 -6.35
CA THR A 28 0.98 1.19 -5.54
C THR A 28 1.88 -0.03 -5.34
N THR A 29 2.35 -0.21 -4.12
CA THR A 29 3.29 -1.28 -3.81
C THR A 29 2.57 -2.47 -3.17
N TRP A 30 2.61 -3.64 -3.82
CA TRP A 30 2.06 -4.86 -3.24
C TRP A 30 2.94 -5.36 -2.10
N GLN A 31 4.21 -5.62 -2.41
CA GLN A 31 5.11 -6.23 -1.45
C GLN A 31 5.83 -5.19 -0.62
N ASP A 32 5.84 -5.44 0.69
CA ASP A 32 6.31 -4.50 1.70
C ASP A 32 7.65 -3.86 1.33
N PRO A 33 7.73 -2.52 1.38
CA PRO A 33 8.97 -1.77 1.12
C PRO A 33 10.10 -2.11 2.10
N ARG A 34 9.77 -2.72 3.22
CA ARG A 34 10.74 -2.98 4.27
C ARG A 34 11.38 -4.36 4.12
N LYS A 35 10.78 -5.21 3.31
CA LYS A 35 11.34 -6.56 3.10
C LYS A 35 12.44 -6.51 2.05
N ALA A 36 12.36 -5.50 1.19
CA ALA A 36 13.31 -5.30 0.08
C ALA A 36 12.80 -4.19 -0.82
N GLY B 1 0.04 -14.17 -9.16
CA GLY B 1 -0.69 -13.07 -9.82
C GLY B 1 -1.69 -12.41 -8.89
N GLU B 2 -1.48 -11.14 -8.62
CA GLU B 2 -2.39 -10.37 -7.78
C GLU B 2 -3.47 -9.74 -8.64
N SER B 3 -4.64 -9.54 -8.03
CA SER B 3 -5.73 -8.87 -8.70
C SER B 3 -5.59 -7.38 -8.39
N PRO B 4 -5.97 -6.50 -9.34
CA PRO B 4 -5.67 -5.05 -9.27
C PRO B 4 -6.01 -4.44 -7.91
N PRO B 5 -5.07 -3.64 -7.38
CA PRO B 5 -5.08 -3.12 -6.02
C PRO B 5 -5.73 -1.73 -5.99
N PRO B 6 -5.82 -1.09 -4.82
CA PRO B 6 -6.38 0.25 -4.65
C PRO B 6 -5.85 1.27 -5.64
N PRO B 7 -6.75 2.10 -6.20
CA PRO B 7 -6.35 3.25 -7.03
C PRO B 7 -5.59 4.28 -6.21
N TYR B 8 -4.56 4.85 -6.79
CA TYR B 8 -3.69 5.80 -6.11
C TYR B 8 -4.39 7.14 -5.86
N SER B 9 -5.56 7.36 -6.44
CA SER B 9 -6.06 8.71 -6.65
C SER B 9 -6.19 9.47 -5.34
N ARG B 10 -7.12 9.12 -4.47
CA ARG B 10 -7.06 9.69 -3.12
C ARG B 10 -6.93 8.62 -2.06
N TYR B 11 -7.99 7.87 -1.84
CA TYR B 11 -8.00 6.83 -0.83
C TYR B 11 -8.28 5.45 -1.43
N PRO B 12 -7.52 4.43 -1.01
CA PRO B 12 -7.71 3.04 -1.47
C PRO B 12 -9.10 2.50 -1.13
N MET B 13 -9.34 2.31 0.16
CA MET B 13 -10.58 1.72 0.61
C MET B 13 -11.15 2.53 1.76
N ASP B 14 -12.41 2.88 1.67
CA ASP B 14 -13.05 3.66 2.72
C ASP B 14 -13.67 2.72 3.74
N ASP A 1 7.09 4.57 13.18
CA ASP A 1 7.56 4.83 11.81
C ASP A 1 8.40 3.67 11.27
N VAL A 2 8.85 2.80 12.16
CA VAL A 2 9.56 1.59 11.74
C VAL A 2 8.59 0.50 11.28
N PRO A 3 7.54 0.17 12.07
CA PRO A 3 6.52 -0.81 11.66
C PRO A 3 5.69 -0.32 10.48
N LEU A 4 5.67 0.99 10.29
CA LEU A 4 4.95 1.60 9.17
C LEU A 4 5.73 2.81 8.66
N PRO A 5 6.34 2.69 7.48
CA PRO A 5 7.09 3.78 6.84
C PRO A 5 6.24 5.04 6.62
N ALA A 6 6.87 6.21 6.73
CA ALA A 6 6.15 7.47 6.61
C ALA A 6 6.14 7.94 5.15
N GLY A 7 5.01 8.50 4.73
CA GLY A 7 4.82 8.86 3.35
C GLY A 7 4.26 7.70 2.56
N TRP A 8 3.77 6.72 3.29
CA TRP A 8 3.21 5.51 2.73
C TRP A 8 1.78 5.32 3.21
N GLU A 9 0.96 4.72 2.37
CA GLU A 9 -0.41 4.39 2.75
C GLU A 9 -0.46 2.96 3.24
N MET A 10 -0.73 2.77 4.51
CA MET A 10 -0.64 1.44 5.12
C MET A 10 -2.01 0.84 5.32
N ALA A 11 -2.34 -0.18 4.53
CA ALA A 11 -3.61 -0.87 4.73
C ALA A 11 -3.51 -2.35 4.38
N LYS A 12 -4.15 -3.17 5.19
CA LYS A 12 -4.20 -4.60 4.98
C LYS A 12 -5.65 -5.05 4.96
N THR A 13 -6.07 -5.68 3.88
CA THR A 13 -7.47 -6.05 3.72
C THR A 13 -7.71 -7.43 4.30
N SER A 14 -8.90 -7.66 4.84
CA SER A 14 -9.27 -8.95 5.42
C SER A 14 -9.22 -10.05 4.37
N SER A 15 -9.17 -9.65 3.11
CA SER A 15 -9.03 -10.56 2.00
C SER A 15 -7.65 -11.22 2.00
N GLY A 16 -6.74 -10.64 2.78
CA GLY A 16 -5.37 -11.09 2.80
C GLY A 16 -4.53 -10.34 1.78
N GLN A 17 -4.87 -9.08 1.58
CA GLN A 17 -4.13 -8.22 0.67
C GLN A 17 -3.42 -7.12 1.42
N ARG A 18 -2.10 -7.15 1.38
CA ARG A 18 -1.30 -6.13 2.01
C ARG A 18 -0.76 -5.18 0.93
N TYR A 19 -1.30 -3.96 0.87
CA TYR A 19 -0.82 -3.01 -0.11
C TYR A 19 -0.30 -1.76 0.59
N PHE A 20 0.71 -1.17 0.00
CA PHE A 20 1.30 0.02 0.53
C PHE A 20 1.44 1.05 -0.57
N LEU A 21 0.87 2.22 -0.37
CA LEU A 21 0.93 3.28 -1.36
C LEU A 21 2.15 4.15 -1.14
N ASN A 22 2.84 4.53 -2.20
CA ASN A 22 3.81 5.59 -2.09
C ASN A 22 3.09 6.89 -2.36
N HIS A 23 2.68 7.57 -1.29
CA HIS A 23 1.98 8.85 -1.40
C HIS A 23 2.94 9.92 -1.91
N ILE A 24 4.21 9.55 -2.00
CA ILE A 24 5.25 10.42 -2.54
C ILE A 24 5.50 10.10 -4.01
N ASP A 25 5.53 8.81 -4.33
CA ASP A 25 5.93 8.36 -5.66
C ASP A 25 4.75 8.19 -6.61
N GLN A 26 3.52 8.17 -6.05
CA GLN A 26 2.30 7.99 -6.84
C GLN A 26 2.20 6.54 -7.31
N THR A 27 2.73 5.62 -6.52
CA THR A 27 2.78 4.23 -6.94
C THR A 27 2.10 3.31 -5.93
N THR A 28 1.55 2.21 -6.43
CA THR A 28 0.92 1.20 -5.60
C THR A 28 1.87 0.01 -5.43
N THR A 29 2.21 -0.31 -4.19
CA THR A 29 3.17 -1.34 -3.91
C THR A 29 2.52 -2.58 -3.27
N TRP A 30 2.68 -3.75 -3.90
CA TRP A 30 2.19 -5.00 -3.33
C TRP A 30 3.18 -5.57 -2.30
N GLN A 31 4.47 -5.39 -2.58
CA GLN A 31 5.52 -6.01 -1.77
C GLN A 31 5.93 -5.08 -0.64
N ASP A 32 5.89 -5.60 0.59
CA ASP A 32 6.21 -4.80 1.77
C ASP A 32 7.55 -4.08 1.62
N PRO A 33 7.53 -2.74 1.57
CA PRO A 33 8.72 -1.90 1.37
C PRO A 33 9.80 -2.08 2.44
N ARG A 34 9.44 -2.69 3.56
CA ARG A 34 10.40 -2.92 4.63
C ARG A 34 11.29 -4.12 4.30
N LYS A 35 10.83 -4.93 3.38
CA LYS A 35 11.61 -6.06 2.89
C LYS A 35 12.27 -5.69 1.56
N ALA A 36 11.51 -4.98 0.74
CA ALA A 36 11.93 -4.60 -0.60
C ALA A 36 12.32 -5.85 -1.39
N GLY B 1 0.34 -13.37 -8.35
CA GLY B 1 -1.05 -13.48 -8.83
C GLY B 1 -1.99 -12.60 -8.04
N GLU B 2 -1.89 -11.29 -8.25
CA GLU B 2 -2.65 -10.34 -7.47
C GLU B 2 -3.77 -9.73 -8.31
N SER B 3 -4.85 -9.38 -7.65
CA SER B 3 -5.96 -8.70 -8.28
C SER B 3 -5.71 -7.19 -8.19
N PRO B 4 -6.20 -6.39 -9.16
CA PRO B 4 -5.89 -4.96 -9.25
C PRO B 4 -6.10 -4.25 -7.90
N PRO B 5 -5.08 -3.50 -7.45
CA PRO B 5 -4.99 -2.92 -6.12
C PRO B 5 -5.61 -1.50 -6.09
N PRO B 6 -5.59 -0.84 -4.92
CA PRO B 6 -6.18 0.50 -4.70
C PRO B 6 -5.77 1.54 -5.75
N PRO B 7 -6.74 2.38 -6.16
CA PRO B 7 -6.46 3.58 -6.94
C PRO B 7 -5.69 4.61 -6.11
N TYR B 8 -4.69 5.22 -6.73
CA TYR B 8 -3.76 6.10 -6.03
C TYR B 8 -4.37 7.46 -5.64
N SER B 9 -5.56 7.77 -6.13
CA SER B 9 -5.99 9.17 -6.22
C SER B 9 -5.99 9.87 -4.85
N ARG B 10 -6.82 9.44 -3.92
CA ARG B 10 -6.62 9.87 -2.54
C ARG B 10 -6.38 8.67 -1.63
N TYR B 11 -7.46 7.92 -1.43
CA TYR B 11 -7.43 6.79 -0.53
C TYR B 11 -7.78 5.49 -1.25
N PRO B 12 -7.15 4.38 -0.83
CA PRO B 12 -7.28 3.08 -1.49
C PRO B 12 -8.71 2.55 -1.55
N MET B 13 -9.34 2.42 -0.40
CA MET B 13 -10.66 1.80 -0.33
C MET B 13 -11.47 2.37 0.81
N ASP B 14 -12.76 2.54 0.55
CA ASP B 14 -13.70 2.96 1.59
C ASP B 14 -15.05 2.32 1.32
N ASP A 1 5.91 4.28 14.77
CA ASP A 1 5.73 4.76 13.39
C ASP A 1 6.71 4.08 12.44
N VAL A 2 7.70 3.37 12.98
CA VAL A 2 8.76 2.78 12.15
C VAL A 2 8.35 1.47 11.43
N PRO A 3 7.41 0.63 11.96
CA PRO A 3 6.99 -0.58 11.25
C PRO A 3 6.20 -0.26 9.97
N LEU A 4 5.83 1.00 9.81
CA LEU A 4 5.13 1.46 8.62
C LEU A 4 5.88 2.64 8.02
N PRO A 5 6.51 2.46 6.85
CA PRO A 5 7.30 3.51 6.19
C PRO A 5 6.52 4.81 6.01
N ALA A 6 7.23 5.93 6.05
CA ALA A 6 6.62 7.24 5.96
C ALA A 6 6.52 7.68 4.50
N GLY A 7 5.42 8.33 4.16
CA GLY A 7 5.15 8.67 2.78
C GLY A 7 4.51 7.51 2.05
N TRP A 8 4.04 6.53 2.83
CA TRP A 8 3.42 5.34 2.30
C TRP A 8 2.01 5.19 2.86
N GLU A 9 1.11 4.68 2.03
CA GLU A 9 -0.25 4.39 2.46
C GLU A 9 -0.33 2.95 2.93
N MET A 10 -0.57 2.76 4.21
CA MET A 10 -0.51 1.43 4.82
C MET A 10 -1.92 0.91 5.07
N ALA A 11 -2.37 -0.03 4.26
CA ALA A 11 -3.67 -0.64 4.49
C ALA A 11 -3.64 -2.13 4.18
N LYS A 12 -4.03 -2.93 5.15
CA LYS A 12 -4.06 -4.37 4.99
C LYS A 12 -5.49 -4.86 5.12
N THR A 13 -6.10 -5.21 4.01
CA THR A 13 -7.51 -5.57 4.00
C THR A 13 -7.71 -7.05 4.25
N SER A 14 -8.84 -7.38 4.87
CA SER A 14 -9.16 -8.73 5.32
C SER A 14 -9.22 -9.71 4.16
N SER A 15 -9.28 -9.19 2.93
CA SER A 15 -9.22 -10.01 1.73
C SER A 15 -7.87 -10.74 1.64
N GLY A 16 -6.91 -10.29 2.44
CA GLY A 16 -5.57 -10.81 2.36
C GLY A 16 -4.72 -10.03 1.39
N GLN A 17 -5.11 -8.78 1.18
CA GLN A 17 -4.38 -7.90 0.29
C GLN A 17 -3.60 -6.87 1.09
N ARG A 18 -2.30 -7.08 1.19
CA ARG A 18 -1.42 -6.17 1.88
C ARG A 18 -0.76 -5.21 0.88
N TYR A 19 -1.37 -4.06 0.69
CA TYR A 19 -0.89 -3.12 -0.31
C TYR A 19 -0.38 -1.84 0.35
N PHE A 20 0.60 -1.23 -0.29
CA PHE A 20 1.20 -0.01 0.19
C PHE A 20 1.31 1.00 -0.95
N LEU A 21 0.80 2.19 -0.74
CA LEU A 21 0.90 3.24 -1.73
C LEU A 21 2.17 4.06 -1.51
N ASN A 22 2.83 4.47 -2.58
CA ASN A 22 3.83 5.50 -2.46
C ASN A 22 3.14 6.83 -2.66
N HIS A 23 2.79 7.50 -1.56
CA HIS A 23 2.09 8.78 -1.62
C HIS A 23 3.01 9.86 -2.18
N ILE A 24 4.28 9.50 -2.32
CA ILE A 24 5.28 10.39 -2.91
C ILE A 24 5.45 10.07 -4.39
N ASP A 25 5.67 8.80 -4.69
CA ASP A 25 5.97 8.37 -6.06
C ASP A 25 4.72 8.28 -6.93
N GLN A 26 3.56 8.27 -6.30
CA GLN A 26 2.29 8.11 -7.02
C GLN A 26 2.23 6.72 -7.63
N THR A 27 2.68 5.74 -6.87
CA THR A 27 2.72 4.36 -7.35
C THR A 27 2.08 3.40 -6.35
N THR A 28 1.51 2.32 -6.87
CA THR A 28 0.91 1.29 -6.04
C THR A 28 1.88 0.12 -5.87
N THR A 29 2.06 -0.32 -4.64
CA THR A 29 2.99 -1.39 -4.32
C THR A 29 2.29 -2.58 -3.65
N TRP A 30 2.42 -3.78 -4.23
CA TRP A 30 1.87 -5.00 -3.62
C TRP A 30 2.80 -5.56 -2.55
N GLN A 31 4.10 -5.40 -2.76
CA GLN A 31 5.09 -6.06 -1.91
C GLN A 31 5.50 -5.16 -0.75
N ASP A 32 5.87 -5.77 0.37
CA ASP A 32 6.14 -5.03 1.59
C ASP A 32 7.54 -4.43 1.58
N PRO A 33 7.63 -3.09 1.39
CA PRO A 33 8.90 -2.36 1.21
C PRO A 33 9.82 -2.36 2.44
N ARG A 34 9.28 -2.59 3.61
CA ARG A 34 10.06 -2.50 4.86
C ARG A 34 11.00 -3.70 5.02
N LYS A 35 10.77 -4.75 4.23
CA LYS A 35 11.54 -5.99 4.36
C LYS A 35 13.01 -5.77 3.98
N ALA A 36 13.26 -4.78 3.13
CA ALA A 36 14.59 -4.49 2.60
C ALA A 36 15.22 -5.76 2.01
N GLY B 1 -0.21 -13.44 -9.03
CA GLY B 1 -1.52 -13.38 -9.74
C GLY B 1 -2.53 -12.55 -8.99
N GLU B 2 -2.19 -11.30 -8.74
CA GLU B 2 -3.06 -10.41 -7.97
C GLU B 2 -4.02 -9.68 -8.90
N SER B 3 -5.18 -9.35 -8.37
CA SER B 3 -6.17 -8.56 -9.09
C SER B 3 -5.90 -7.09 -8.79
N PRO B 4 -6.22 -6.18 -9.73
CA PRO B 4 -5.84 -4.77 -9.64
C PRO B 4 -6.18 -4.16 -8.28
N PRO B 5 -5.21 -3.45 -7.69
CA PRO B 5 -5.22 -2.99 -6.31
C PRO B 5 -5.84 -1.58 -6.24
N PRO B 6 -5.92 -1.00 -5.03
CA PRO B 6 -6.51 0.33 -4.80
C PRO B 6 -5.97 1.40 -5.75
N PRO B 7 -6.88 2.28 -6.21
CA PRO B 7 -6.51 3.49 -6.95
C PRO B 7 -5.68 4.42 -6.07
N TYR B 8 -4.72 5.09 -6.68
CA TYR B 8 -3.76 5.90 -5.96
C TYR B 8 -4.38 7.21 -5.42
N SER B 9 -5.60 7.53 -5.82
CA SER B 9 -6.05 8.92 -5.81
C SER B 9 -6.00 9.52 -4.40
N ARG B 10 -6.85 9.13 -3.47
CA ARG B 10 -6.61 9.54 -2.09
C ARG B 10 -6.44 8.36 -1.15
N TYR B 11 -7.54 7.66 -0.88
CA TYR B 11 -7.53 6.52 0.03
C TYR B 11 -7.99 5.26 -0.67
N PRO B 12 -7.26 4.16 -0.49
CA PRO B 12 -7.58 2.86 -1.10
C PRO B 12 -8.93 2.30 -0.68
N MET B 13 -9.03 1.88 0.58
CA MET B 13 -10.20 1.16 1.05
C MET B 13 -10.56 1.55 2.47
N ASP B 14 -11.75 2.10 2.64
CA ASP B 14 -12.28 2.43 3.95
C ASP B 14 -13.79 2.33 3.94
N ASP A 1 6.77 4.24 13.17
CA ASP A 1 7.58 4.70 12.02
C ASP A 1 8.24 3.52 11.30
N VAL A 2 8.64 2.51 12.06
CA VAL A 2 9.28 1.33 11.48
C VAL A 2 8.26 0.35 10.88
N PRO A 3 7.19 -0.04 11.62
CA PRO A 3 6.16 -0.93 11.10
C PRO A 3 5.43 -0.33 9.90
N LEU A 4 5.29 0.99 9.92
CA LEU A 4 4.66 1.71 8.82
C LEU A 4 5.51 2.92 8.44
N PRO A 5 6.25 2.83 7.33
CA PRO A 5 7.09 3.94 6.83
C PRO A 5 6.26 5.20 6.57
N ALA A 6 6.90 6.36 6.68
CA ALA A 6 6.22 7.63 6.49
C ALA A 6 6.27 8.06 5.03
N GLY A 7 5.16 8.61 4.56
CA GLY A 7 5.02 8.95 3.15
C GLY A 7 4.45 7.78 2.38
N TRP A 8 3.91 6.83 3.13
CA TRP A 8 3.32 5.63 2.57
C TRP A 8 1.88 5.46 3.06
N GLU A 9 1.02 4.95 2.21
CA GLU A 9 -0.36 4.68 2.59
C GLU A 9 -0.47 3.20 2.95
N MET A 10 -0.84 2.92 4.20
CA MET A 10 -0.73 1.57 4.74
C MET A 10 -2.10 0.97 5.02
N ALA A 11 -2.43 -0.12 4.33
CA ALA A 11 -3.64 -0.87 4.65
C ALA A 11 -3.48 -2.36 4.32
N LYS A 12 -4.08 -3.20 5.15
CA LYS A 12 -3.99 -4.64 5.01
C LYS A 12 -5.38 -5.26 4.96
N THR A 13 -5.69 -5.97 3.89
CA THR A 13 -7.01 -6.59 3.75
C THR A 13 -6.99 -8.01 4.32
N SER A 14 -8.14 -8.46 4.82
CA SER A 14 -8.26 -9.77 5.46
C SER A 14 -8.04 -10.90 4.45
N SER A 15 -8.14 -10.57 3.17
CA SER A 15 -7.85 -11.52 2.10
C SER A 15 -6.35 -11.80 2.04
N GLY A 16 -5.60 -10.96 2.73
CA GLY A 16 -4.15 -11.03 2.69
C GLY A 16 -3.58 -10.18 1.58
N GLN A 17 -4.13 -8.98 1.44
CA GLN A 17 -3.57 -8.00 0.51
C GLN A 17 -2.94 -6.88 1.31
N ARG A 18 -1.63 -6.81 1.27
CA ARG A 18 -0.92 -5.75 1.95
C ARG A 18 -0.43 -4.73 0.92
N TYR A 19 -1.26 -3.74 0.64
CA TYR A 19 -0.91 -2.75 -0.35
C TYR A 19 -0.37 -1.50 0.32
N PHE A 20 0.61 -0.90 -0.33
CA PHE A 20 1.22 0.29 0.19
C PHE A 20 1.33 1.33 -0.91
N LEU A 21 0.79 2.51 -0.67
CA LEU A 21 0.93 3.60 -1.62
C LEU A 21 2.16 4.42 -1.34
N ASN A 22 2.89 4.78 -2.38
CA ASN A 22 3.87 5.82 -2.23
C ASN A 22 3.18 7.13 -2.52
N HIS A 23 2.77 7.83 -1.46
CA HIS A 23 2.07 9.12 -1.61
C HIS A 23 3.02 10.16 -2.18
N ILE A 24 4.31 9.81 -2.23
CA ILE A 24 5.33 10.68 -2.77
C ILE A 24 5.61 10.31 -4.23
N ASP A 25 5.81 9.01 -4.49
CA ASP A 25 6.16 8.53 -5.82
C ASP A 25 4.92 8.44 -6.72
N GLN A 26 3.74 8.49 -6.11
CA GLN A 26 2.47 8.39 -6.85
C GLN A 26 2.38 7.01 -7.51
N THR A 27 2.71 5.98 -6.76
CA THR A 27 2.68 4.63 -7.31
C THR A 27 2.10 3.64 -6.30
N THR A 28 1.47 2.60 -6.82
CA THR A 28 0.87 1.57 -6.01
C THR A 28 1.82 0.40 -5.82
N THR A 29 2.11 0.08 -4.58
CA THR A 29 3.06 -0.97 -4.25
C THR A 29 2.34 -2.19 -3.65
N TRP A 30 2.64 -3.39 -4.18
CA TRP A 30 2.06 -4.63 -3.66
C TRP A 30 2.97 -5.26 -2.61
N GLN A 31 4.26 -4.98 -2.72
CA GLN A 31 5.27 -5.68 -1.92
C GLN A 31 5.72 -4.82 -0.74
N ASP A 32 5.88 -5.46 0.42
CA ASP A 32 6.28 -4.76 1.64
C ASP A 32 7.66 -4.13 1.47
N PRO A 33 7.73 -2.78 1.50
CA PRO A 33 9.00 -2.04 1.36
C PRO A 33 10.01 -2.29 2.47
N ARG A 34 9.56 -2.88 3.57
CA ARG A 34 10.43 -3.08 4.72
C ARG A 34 11.20 -4.40 4.61
N LYS A 35 10.49 -5.51 4.74
CA LYS A 35 11.11 -6.81 4.80
C LYS A 35 11.18 -7.45 3.42
N ALA A 36 10.36 -6.95 2.50
CA ALA A 36 10.21 -7.52 1.16
C ALA A 36 9.83 -9.00 1.26
N GLY B 1 -0.72 -14.45 -7.41
CA GLY B 1 -1.23 -13.50 -8.44
C GLY B 1 -2.18 -12.50 -7.82
N GLU B 2 -1.93 -11.22 -8.06
CA GLU B 2 -2.72 -10.18 -7.41
C GLU B 2 -3.79 -9.64 -8.36
N SER B 3 -4.94 -9.31 -7.80
CA SER B 3 -5.98 -8.62 -8.53
C SER B 3 -5.77 -7.12 -8.36
N PRO B 4 -6.16 -6.29 -9.35
CA PRO B 4 -5.86 -4.86 -9.36
C PRO B 4 -6.19 -4.19 -8.02
N PRO B 5 -5.25 -3.35 -7.52
CA PRO B 5 -5.24 -2.82 -6.17
C PRO B 5 -5.94 -1.46 -6.10
N PRO B 6 -6.02 -0.85 -4.91
CA PRO B 6 -6.62 0.47 -4.71
C PRO B 6 -6.17 1.54 -5.70
N PRO B 7 -7.09 2.47 -6.02
CA PRO B 7 -6.75 3.68 -6.76
C PRO B 7 -5.86 4.61 -5.94
N TYR B 8 -4.85 5.17 -6.59
CA TYR B 8 -3.90 6.06 -5.93
C TYR B 8 -4.53 7.40 -5.53
N SER B 9 -5.75 7.66 -5.97
CA SER B 9 -6.25 9.02 -6.10
C SER B 9 -6.22 9.75 -4.75
N ARG B 10 -7.06 9.38 -3.79
CA ARG B 10 -6.84 9.89 -2.44
C ARG B 10 -6.63 8.75 -1.46
N TYR B 11 -7.69 8.01 -1.17
CA TYR B 11 -7.64 6.90 -0.24
C TYR B 11 -8.05 5.59 -0.91
N PRO B 12 -7.33 4.50 -0.62
CA PRO B 12 -7.56 3.20 -1.26
C PRO B 12 -8.95 2.63 -1.04
N MET B 13 -9.34 2.47 0.21
CA MET B 13 -10.58 1.79 0.53
C MET B 13 -11.52 2.70 1.29
N ASP B 14 -12.75 2.79 0.81
CA ASP B 14 -13.78 3.59 1.45
C ASP B 14 -14.53 2.73 2.46
N ASP A 1 8.17 5.23 12.02
CA ASP A 1 8.66 4.92 10.65
C ASP A 1 9.07 3.46 10.53
N VAL A 2 9.26 2.78 11.66
CA VAL A 2 9.69 1.39 11.64
C VAL A 2 8.53 0.42 11.37
N PRO A 3 7.40 0.52 12.09
CA PRO A 3 6.23 -0.32 11.78
C PRO A 3 5.53 0.12 10.50
N LEU A 4 5.59 1.43 10.22
CA LEU A 4 4.99 2.00 9.03
C LEU A 4 5.89 3.12 8.49
N PRO A 5 6.46 2.94 7.29
CA PRO A 5 7.30 3.97 6.65
C PRO A 5 6.54 5.27 6.39
N ALA A 6 7.28 6.36 6.24
CA ALA A 6 6.67 7.68 6.08
C ALA A 6 6.42 7.99 4.60
N GLY A 7 5.23 8.51 4.32
CA GLY A 7 4.85 8.78 2.95
C GLY A 7 4.25 7.56 2.28
N TRP A 8 3.89 6.58 3.09
CA TRP A 8 3.31 5.34 2.60
C TRP A 8 1.90 5.16 3.14
N GLU A 9 1.01 4.70 2.27
CA GLU A 9 -0.36 4.42 2.67
C GLU A 9 -0.47 2.96 3.06
N MET A 10 -0.84 2.72 4.32
CA MET A 10 -0.77 1.38 4.88
C MET A 10 -2.17 0.83 5.12
N ALA A 11 -2.57 -0.16 4.33
CA ALA A 11 -3.84 -0.83 4.59
C ALA A 11 -3.80 -2.29 4.14
N LYS A 12 -4.47 -3.14 4.88
CA LYS A 12 -4.47 -4.56 4.60
C LYS A 12 -5.91 -5.08 4.58
N THR A 13 -6.25 -5.84 3.54
CA THR A 13 -7.61 -6.33 3.38
C THR A 13 -7.77 -7.68 4.06
N SER A 14 -8.99 -7.96 4.54
CA SER A 14 -9.31 -9.22 5.22
C SER A 14 -9.10 -10.43 4.30
N SER A 15 -8.98 -10.17 3.00
CA SER A 15 -8.65 -11.20 2.03
C SER A 15 -7.18 -11.63 2.21
N GLY A 16 -6.45 -10.81 2.94
CA GLY A 16 -5.03 -11.03 3.12
C GLY A 16 -4.21 -10.33 2.07
N GLN A 17 -4.66 -9.15 1.68
CA GLN A 17 -3.92 -8.32 0.73
C GLN A 17 -3.26 -7.17 1.45
N ARG A 18 -1.94 -7.17 1.46
CA ARG A 18 -1.18 -6.10 2.08
C ARG A 18 -0.65 -5.17 1.01
N TYR A 19 -1.32 -4.04 0.81
CA TYR A 19 -0.90 -3.09 -0.20
C TYR A 19 -0.41 -1.81 0.46
N PHE A 20 0.52 -1.16 -0.20
CA PHE A 20 1.10 0.06 0.32
C PHE A 20 1.25 1.08 -0.79
N LEU A 21 0.69 2.26 -0.60
CA LEU A 21 0.81 3.33 -1.58
C LEU A 21 2.03 4.17 -1.32
N ASN A 22 2.71 4.63 -2.36
CA ASN A 22 3.68 5.68 -2.18
C ASN A 22 2.98 7.00 -2.42
N HIS A 23 2.60 7.67 -1.33
CA HIS A 23 1.89 8.96 -1.42
C HIS A 23 2.81 10.04 -1.99
N ILE A 24 4.07 9.69 -2.17
CA ILE A 24 5.06 10.59 -2.74
C ILE A 24 5.23 10.33 -4.23
N ASP A 25 5.30 9.05 -4.60
CA ASP A 25 5.63 8.66 -5.96
C ASP A 25 4.38 8.50 -6.83
N GLN A 26 3.21 8.41 -6.20
CA GLN A 26 1.96 8.12 -6.91
C GLN A 26 2.00 6.68 -7.42
N THR A 27 2.58 5.79 -6.62
CA THR A 27 2.73 4.42 -7.05
C THR A 27 2.05 3.45 -6.09
N THR A 28 1.60 2.33 -6.63
CA THR A 28 0.91 1.32 -5.86
C THR A 28 1.82 0.11 -5.67
N THR A 29 2.14 -0.19 -4.42
CA THR A 29 3.11 -1.22 -4.10
C THR A 29 2.45 -2.50 -3.57
N TRP A 30 2.62 -3.62 -4.27
CA TRP A 30 2.16 -4.93 -3.79
C TRP A 30 3.15 -5.53 -2.78
N GLN A 31 4.41 -5.11 -2.90
CA GLN A 31 5.49 -5.71 -2.11
C GLN A 31 5.72 -4.91 -0.84
N ASP A 32 5.49 -5.54 0.30
CA ASP A 32 5.69 -4.90 1.61
C ASP A 32 7.09 -4.30 1.72
N PRO A 33 7.18 -2.95 1.79
CA PRO A 33 8.46 -2.24 1.87
C PRO A 33 9.24 -2.54 3.15
N ARG A 34 8.59 -3.12 4.15
CA ARG A 34 9.27 -3.44 5.40
C ARG A 34 10.08 -4.71 5.24
N LYS A 35 9.81 -5.46 4.17
CA LYS A 35 10.55 -6.67 3.87
C LYS A 35 11.95 -6.33 3.37
N ALA A 36 12.15 -5.07 3.00
CA ALA A 36 13.45 -4.61 2.54
C ALA A 36 14.25 -4.02 3.71
N GLY B 1 0.28 -13.61 -9.14
CA GLY B 1 -0.84 -13.15 -10.00
C GLY B 1 -1.89 -12.42 -9.20
N GLU B 2 -1.65 -11.14 -8.95
CA GLU B 2 -2.51 -10.35 -8.10
C GLU B 2 -3.60 -9.71 -8.94
N SER B 3 -4.74 -9.49 -8.33
CA SER B 3 -5.83 -8.78 -8.98
C SER B 3 -5.65 -7.30 -8.69
N PRO B 4 -6.10 -6.41 -9.59
CA PRO B 4 -5.80 -4.97 -9.51
C PRO B 4 -6.08 -4.40 -8.12
N PRO B 5 -5.13 -3.61 -7.59
CA PRO B 5 -5.11 -3.11 -6.23
C PRO B 5 -5.78 -1.74 -6.16
N PRO B 6 -5.85 -1.12 -4.98
CA PRO B 6 -6.45 0.22 -4.80
C PRO B 6 -5.96 1.27 -5.79
N PRO B 7 -6.85 2.20 -6.15
CA PRO B 7 -6.48 3.41 -6.89
C PRO B 7 -5.66 4.36 -6.00
N TYR B 8 -4.75 5.09 -6.61
CA TYR B 8 -3.83 5.95 -5.88
C TYR B 8 -4.48 7.28 -5.44
N SER B 9 -5.68 7.57 -5.92
CA SER B 9 -6.14 8.96 -6.00
C SER B 9 -6.15 9.65 -4.64
N ARG B 10 -6.97 9.21 -3.69
CA ARG B 10 -6.81 9.70 -2.33
C ARG B 10 -6.55 8.56 -1.36
N TYR B 11 -7.58 7.77 -1.12
CA TYR B 11 -7.50 6.63 -0.21
C TYR B 11 -7.85 5.35 -0.95
N PRO B 12 -7.10 4.26 -0.69
CA PRO B 12 -7.38 2.96 -1.31
C PRO B 12 -8.76 2.44 -0.97
N MET B 13 -9.11 2.52 0.31
CA MET B 13 -10.41 2.08 0.78
C MET B 13 -10.82 2.90 1.99
N ASP B 14 -12.04 3.38 1.97
CA ASP B 14 -12.55 4.19 3.07
C ASP B 14 -14.05 3.97 3.22
N ASP A 1 7.36 4.76 12.06
CA ASP A 1 7.91 4.45 10.73
C ASP A 1 8.44 3.01 10.66
N VAL A 2 8.53 2.33 11.79
CA VAL A 2 9.02 0.95 11.80
C VAL A 2 7.93 -0.04 11.38
N PRO A 3 6.73 0.02 11.99
CA PRO A 3 5.61 -0.81 11.54
C PRO A 3 4.95 -0.23 10.28
N LEU A 4 4.95 1.10 10.16
CA LEU A 4 4.36 1.76 9.01
C LEU A 4 5.26 2.91 8.54
N PRO A 5 5.97 2.75 7.41
CA PRO A 5 6.80 3.80 6.83
C PRO A 5 6.01 5.09 6.58
N ALA A 6 6.68 6.24 6.69
CA ALA A 6 6.03 7.53 6.53
C ALA A 6 6.08 7.98 5.08
N GLY A 7 4.98 8.58 4.62
CA GLY A 7 4.85 8.92 3.21
C GLY A 7 4.27 7.76 2.43
N TRP A 8 3.71 6.81 3.17
CA TRP A 8 3.15 5.61 2.59
C TRP A 8 1.72 5.42 3.09
N GLU A 9 0.85 4.93 2.22
CA GLU A 9 -0.50 4.62 2.59
C GLU A 9 -0.58 3.17 3.04
N MET A 10 -0.98 2.95 4.28
CA MET A 10 -0.85 1.64 4.89
C MET A 10 -2.20 0.98 5.11
N ALA A 11 -2.49 -0.07 4.36
CA ALA A 11 -3.69 -0.86 4.62
C ALA A 11 -3.50 -2.32 4.21
N LYS A 12 -3.99 -3.21 5.06
CA LYS A 12 -3.87 -4.64 4.80
C LYS A 12 -5.26 -5.26 4.83
N THR A 13 -5.66 -5.91 3.75
CA THR A 13 -6.97 -6.51 3.69
C THR A 13 -6.91 -7.95 4.18
N SER A 14 -7.97 -8.39 4.87
CA SER A 14 -8.06 -9.75 5.38
C SER A 14 -8.05 -10.78 4.24
N SER A 15 -8.27 -10.29 3.03
CA SER A 15 -8.17 -11.11 1.83
C SER A 15 -6.72 -11.56 1.60
N GLY A 16 -5.80 -10.92 2.32
CA GLY A 16 -4.39 -11.20 2.14
C GLY A 16 -3.77 -10.30 1.09
N GLN A 17 -4.26 -9.06 1.03
CA GLN A 17 -3.69 -8.06 0.16
C GLN A 17 -3.04 -6.96 0.98
N ARG A 18 -1.72 -6.97 1.02
CA ARG A 18 -0.98 -5.95 1.74
C ARG A 18 -0.50 -4.89 0.75
N TYR A 19 -1.24 -3.80 0.63
CA TYR A 19 -0.87 -2.76 -0.31
C TYR A 19 -0.35 -1.54 0.42
N PHE A 20 0.70 -0.98 -0.14
CA PHE A 20 1.30 0.21 0.39
C PHE A 20 1.44 1.25 -0.71
N LEU A 21 0.84 2.40 -0.51
CA LEU A 21 0.90 3.46 -1.50
C LEU A 21 2.10 4.35 -1.26
N ASN A 22 2.81 4.72 -2.32
CA ASN A 22 3.78 5.78 -2.19
C ASN A 22 3.07 7.09 -2.46
N HIS A 23 2.70 7.81 -1.41
CA HIS A 23 1.99 9.08 -1.55
C HIS A 23 2.94 10.15 -2.10
N ILE A 24 4.20 9.78 -2.25
CA ILE A 24 5.20 10.68 -2.81
C ILE A 24 5.54 10.26 -4.25
N ASP A 25 5.70 8.96 -4.46
CA ASP A 25 6.10 8.44 -5.78
C ASP A 25 4.88 8.27 -6.69
N GLN A 26 3.68 8.30 -6.10
CA GLN A 26 2.43 8.14 -6.86
C GLN A 26 2.35 6.71 -7.40
N THR A 27 2.76 5.75 -6.59
CA THR A 27 2.78 4.36 -7.03
C THR A 27 2.02 3.45 -6.08
N THR A 28 1.45 2.39 -6.63
CA THR A 28 0.75 1.38 -5.84
C THR A 28 1.65 0.16 -5.66
N THR A 29 2.11 -0.04 -4.44
CA THR A 29 3.07 -1.09 -4.13
C THR A 29 2.38 -2.32 -3.50
N TRP A 30 2.49 -3.48 -4.14
CA TRP A 30 1.94 -4.73 -3.60
C TRP A 30 2.88 -5.34 -2.56
N GLN A 31 4.13 -4.87 -2.52
CA GLN A 31 5.15 -5.47 -1.69
C GLN A 31 5.45 -4.62 -0.48
N ASP A 32 5.85 -5.26 0.61
CA ASP A 32 6.21 -4.54 1.83
C ASP A 32 7.62 -3.98 1.70
N PRO A 33 7.75 -2.64 1.61
CA PRO A 33 9.05 -1.95 1.47
C PRO A 33 10.07 -2.30 2.57
N ARG A 34 9.61 -2.90 3.66
CA ARG A 34 10.50 -3.23 4.77
C ARG A 34 10.98 -4.67 4.68
N LYS A 35 10.32 -5.45 3.83
CA LYS A 35 10.63 -6.87 3.69
C LYS A 35 11.90 -7.06 2.85
N ALA A 36 12.30 -6.02 2.14
CA ALA A 36 13.46 -6.10 1.27
C ALA A 36 14.62 -5.29 1.85
N GLY B 1 -0.07 -13.35 -7.84
CA GLY B 1 -1.48 -13.59 -8.25
C GLY B 1 -2.43 -12.63 -7.60
N GLU B 2 -2.20 -11.34 -7.79
CA GLU B 2 -2.99 -10.32 -7.13
C GLU B 2 -4.07 -9.79 -8.05
N SER B 3 -5.20 -9.42 -7.46
CA SER B 3 -6.25 -8.72 -8.18
C SER B 3 -6.00 -7.23 -8.07
N PRO B 4 -6.40 -6.43 -9.08
CA PRO B 4 -6.06 -4.99 -9.17
C PRO B 4 -6.31 -4.26 -7.86
N PRO B 5 -5.35 -3.41 -7.43
CA PRO B 5 -5.31 -2.82 -6.10
C PRO B 5 -5.97 -1.44 -6.09
N PRO B 6 -5.99 -0.77 -4.92
CA PRO B 6 -6.54 0.58 -4.78
C PRO B 6 -6.03 1.57 -5.83
N PRO B 7 -6.91 2.47 -6.28
CA PRO B 7 -6.52 3.62 -7.07
C PRO B 7 -5.73 4.62 -6.23
N TYR B 8 -4.65 5.14 -6.79
CA TYR B 8 -3.73 6.04 -6.07
C TYR B 8 -4.39 7.36 -5.67
N SER B 9 -5.59 7.65 -6.14
CA SER B 9 -6.07 9.03 -6.24
C SER B 9 -6.08 9.73 -4.86
N ARG B 10 -6.95 9.34 -3.94
CA ARG B 10 -6.78 9.87 -2.59
C ARG B 10 -6.58 8.76 -1.56
N TYR B 11 -7.64 8.01 -1.30
CA TYR B 11 -7.60 6.92 -0.33
C TYR B 11 -7.98 5.60 -0.97
N PRO B 12 -7.28 4.52 -0.62
CA PRO B 12 -7.51 3.19 -1.21
C PRO B 12 -8.85 2.56 -0.83
N MET B 13 -9.30 2.80 0.38
CA MET B 13 -10.49 2.12 0.88
C MET B 13 -11.36 3.06 1.69
N ASP B 14 -12.63 3.12 1.31
CA ASP B 14 -13.61 3.92 2.03
C ASP B 14 -14.48 3.01 2.89
N ASP A 1 7.42 4.64 12.43
CA ASP A 1 8.22 4.51 11.20
C ASP A 1 8.71 3.09 10.97
N VAL A 2 8.83 2.32 12.05
CA VAL A 2 9.27 0.94 11.93
C VAL A 2 8.13 0.01 11.51
N PRO A 3 6.95 0.06 12.19
CA PRO A 3 5.81 -0.76 11.79
C PRO A 3 5.15 -0.25 10.52
N LEU A 4 5.20 1.06 10.32
CA LEU A 4 4.64 1.68 9.13
C LEU A 4 5.55 2.80 8.64
N PRO A 5 6.20 2.62 7.48
CA PRO A 5 7.06 3.64 6.87
C PRO A 5 6.31 4.95 6.60
N ALA A 6 7.05 6.05 6.65
CA ALA A 6 6.46 7.38 6.48
C ALA A 6 6.47 7.80 5.00
N GLY A 7 5.39 8.45 4.59
CA GLY A 7 5.22 8.84 3.19
C GLY A 7 4.52 7.76 2.40
N TRP A 8 3.91 6.84 3.12
CA TRP A 8 3.22 5.71 2.51
C TRP A 8 1.75 5.69 2.91
N GLU A 9 1.00 4.83 2.26
CA GLU A 9 -0.40 4.62 2.59
C GLU A 9 -0.58 3.17 3.01
N MET A 10 -0.94 2.96 4.27
CA MET A 10 -0.90 1.63 4.85
C MET A 10 -2.30 1.08 5.07
N ALA A 11 -2.67 0.02 4.35
CA ALA A 11 -3.93 -0.65 4.61
C ALA A 11 -3.83 -2.14 4.27
N LYS A 12 -4.34 -2.97 5.16
CA LYS A 12 -4.25 -4.42 4.98
C LYS A 12 -5.65 -5.02 4.87
N THR A 13 -5.92 -5.67 3.74
CA THR A 13 -7.24 -6.25 3.52
C THR A 13 -7.29 -7.70 4.01
N SER A 14 -8.40 -8.07 4.66
CA SER A 14 -8.61 -9.43 5.16
C SER A 14 -8.63 -10.44 4.00
N SER A 15 -8.77 -9.92 2.79
CA SER A 15 -8.66 -10.70 1.56
C SER A 15 -7.26 -11.31 1.42
N GLY A 16 -6.33 -10.81 2.22
CA GLY A 16 -4.95 -11.23 2.14
C GLY A 16 -4.15 -10.39 1.18
N GLN A 17 -4.58 -9.13 1.03
CA GLN A 17 -3.86 -8.19 0.20
C GLN A 17 -3.28 -7.08 1.06
N ARG A 18 -1.97 -7.08 1.20
CA ARG A 18 -1.28 -6.04 1.92
C ARG A 18 -0.70 -5.05 0.91
N TYR A 19 -1.26 -3.84 0.86
CA TYR A 19 -0.81 -2.88 -0.10
C TYR A 19 -0.34 -1.61 0.57
N PHE A 20 0.61 -0.97 -0.07
CA PHE A 20 1.17 0.27 0.43
C PHE A 20 1.33 1.25 -0.72
N LEU A 21 0.77 2.43 -0.56
CA LEU A 21 0.91 3.48 -1.56
C LEU A 21 2.14 4.31 -1.29
N ASN A 22 2.86 4.70 -2.32
CA ASN A 22 3.82 5.75 -2.17
C ASN A 22 3.10 7.06 -2.44
N HIS A 23 2.73 7.77 -1.38
CA HIS A 23 2.00 9.03 -1.51
C HIS A 23 2.87 10.07 -2.18
N ILE A 24 4.17 9.82 -2.19
CA ILE A 24 5.13 10.69 -2.83
C ILE A 24 5.33 10.28 -4.28
N ASP A 25 5.61 8.99 -4.49
CA ASP A 25 5.94 8.46 -5.82
C ASP A 25 4.70 8.32 -6.70
N GLN A 26 3.52 8.37 -6.09
CA GLN A 26 2.25 8.23 -6.83
C GLN A 26 2.13 6.78 -7.36
N THR A 27 2.73 5.84 -6.64
CA THR A 27 2.80 4.47 -7.13
C THR A 27 2.21 3.49 -6.12
N THR A 28 1.66 2.39 -6.64
CA THR A 28 1.07 1.36 -5.82
C THR A 28 2.06 0.22 -5.58
N THR A 29 2.27 -0.12 -4.32
CA THR A 29 3.22 -1.15 -3.96
C THR A 29 2.51 -2.38 -3.37
N TRP A 30 2.75 -3.57 -3.95
CA TRP A 30 2.19 -4.82 -3.43
C TRP A 30 3.07 -5.42 -2.33
N GLN A 31 4.38 -5.31 -2.50
CA GLN A 31 5.32 -5.97 -1.59
C GLN A 31 5.75 -5.01 -0.48
N ASP A 32 5.70 -5.50 0.75
CA ASP A 32 6.06 -4.70 1.93
C ASP A 32 7.44 -4.07 1.75
N PRO A 33 7.50 -2.72 1.72
CA PRO A 33 8.75 -1.97 1.52
C PRO A 33 9.83 -2.25 2.56
N ARG A 34 9.43 -2.86 3.66
CA ARG A 34 10.37 -3.18 4.73
C ARG A 34 11.05 -4.52 4.47
N LYS A 35 10.48 -5.30 3.56
CA LYS A 35 11.06 -6.58 3.19
C LYS A 35 11.91 -6.44 1.93
N ALA A 36 11.73 -5.34 1.23
CA ALA A 36 12.42 -5.09 -0.02
C ALA A 36 13.82 -4.55 0.23
N GLY B 1 0.28 -13.51 -7.47
CA GLY B 1 -1.04 -13.61 -8.13
C GLY B 1 -2.05 -12.68 -7.51
N GLU B 2 -1.77 -11.38 -7.59
CA GLU B 2 -2.59 -10.39 -6.92
C GLU B 2 -3.65 -9.83 -7.86
N SER B 3 -4.77 -9.44 -7.28
CA SER B 3 -5.86 -8.80 -8.00
C SER B 3 -5.61 -7.30 -7.98
N PRO B 4 -6.04 -6.53 -9.00
CA PRO B 4 -5.73 -5.10 -9.11
C PRO B 4 -5.98 -4.35 -7.80
N PRO B 5 -5.03 -3.51 -7.37
CA PRO B 5 -4.98 -2.91 -6.05
C PRO B 5 -5.66 -1.53 -6.04
N PRO B 6 -5.66 -0.86 -4.87
CA PRO B 6 -6.29 0.47 -4.68
C PRO B 6 -5.90 1.50 -5.73
N PRO B 7 -6.86 2.36 -6.11
CA PRO B 7 -6.59 3.55 -6.91
C PRO B 7 -5.80 4.57 -6.08
N TYR B 8 -4.77 5.13 -6.68
CA TYR B 8 -3.85 6.03 -6.00
C TYR B 8 -4.51 7.36 -5.60
N SER B 9 -5.72 7.64 -6.06
CA SER B 9 -6.22 9.01 -6.14
C SER B 9 -6.23 9.68 -4.76
N ARG B 10 -7.08 9.26 -3.84
CA ARG B 10 -6.89 9.72 -2.47
C ARG B 10 -6.68 8.58 -1.49
N TYR B 11 -7.74 7.82 -1.22
CA TYR B 11 -7.66 6.70 -0.29
C TYR B 11 -8.01 5.38 -0.97
N PRO B 12 -7.29 4.31 -0.64
CA PRO B 12 -7.45 3.00 -1.28
C PRO B 12 -8.84 2.41 -1.11
N MET B 13 -9.42 2.57 0.06
CA MET B 13 -10.71 1.96 0.37
C MET B 13 -11.50 2.82 1.34
N ASP B 14 -12.77 2.97 1.07
CA ASP B 14 -13.65 3.71 1.94
C ASP B 14 -14.97 2.97 2.10
N ASP A 1 7.97 4.37 13.62
CA ASP A 1 8.51 4.57 12.26
C ASP A 1 8.89 3.23 11.62
N VAL A 2 9.07 2.21 12.46
CA VAL A 2 9.43 0.88 11.96
C VAL A 2 8.21 0.11 11.43
N PRO A 3 7.10 0.02 12.20
CA PRO A 3 5.90 -0.71 11.77
C PRO A 3 5.26 -0.12 10.50
N LEU A 4 5.28 1.20 10.37
CA LEU A 4 4.70 1.85 9.20
C LEU A 4 5.62 2.96 8.70
N PRO A 5 6.25 2.77 7.53
CA PRO A 5 7.08 3.79 6.88
C PRO A 5 6.30 5.09 6.61
N ALA A 6 6.99 6.21 6.64
CA ALA A 6 6.34 7.51 6.48
C ALA A 6 6.29 7.91 5.00
N GLY A 7 5.15 8.46 4.60
CA GLY A 7 4.94 8.81 3.21
C GLY A 7 4.31 7.66 2.44
N TRP A 8 3.79 6.70 3.20
CA TRP A 8 3.18 5.51 2.63
C TRP A 8 1.75 5.37 3.14
N GLU A 9 0.86 4.90 2.27
CA GLU A 9 -0.50 4.63 2.65
C GLU A 9 -0.60 3.18 3.13
N MET A 10 -0.84 2.99 4.42
CA MET A 10 -0.76 1.68 5.02
C MET A 10 -2.16 1.08 5.24
N ALA A 11 -2.51 0.07 4.46
CA ALA A 11 -3.75 -0.66 4.72
C ALA A 11 -3.63 -2.12 4.28
N LYS A 12 -4.07 -3.01 5.15
CA LYS A 12 -4.05 -4.43 4.84
C LYS A 12 -5.48 -4.97 4.84
N THR A 13 -5.84 -5.69 3.79
CA THR A 13 -7.18 -6.25 3.70
C THR A 13 -7.21 -7.64 4.33
N SER A 14 -8.33 -7.97 4.97
CA SER A 14 -8.51 -9.30 5.57
C SER A 14 -8.46 -10.39 4.49
N SER A 15 -8.58 -9.97 3.23
CA SER A 15 -8.42 -10.85 2.08
C SER A 15 -6.97 -11.35 2.00
N GLY A 16 -6.10 -10.69 2.75
CA GLY A 16 -4.69 -11.02 2.73
C GLY A 16 -3.94 -10.21 1.68
N GLN A 17 -4.36 -8.97 1.49
CA GLN A 17 -3.69 -8.07 0.57
C GLN A 17 -3.05 -6.93 1.34
N ARG A 18 -1.75 -6.93 1.42
CA ARG A 18 -1.01 -5.87 2.10
C ARG A 18 -0.53 -4.85 1.08
N TYR A 19 -1.34 -3.83 0.85
CA TYR A 19 -0.98 -2.84 -0.15
C TYR A 19 -0.47 -1.58 0.53
N PHE A 20 0.53 -0.99 -0.09
CA PHE A 20 1.13 0.22 0.43
C PHE A 20 1.27 1.23 -0.71
N LEU A 21 0.69 2.41 -0.53
CA LEU A 21 0.81 3.46 -1.52
C LEU A 21 2.02 4.32 -1.26
N ASN A 22 2.75 4.68 -2.29
CA ASN A 22 3.70 5.75 -2.16
C ASN A 22 2.98 7.03 -2.51
N HIS A 23 2.52 7.77 -1.49
CA HIS A 23 1.80 9.02 -1.72
C HIS A 23 2.76 10.08 -2.28
N ILE A 24 4.03 9.74 -2.27
CA ILE A 24 5.06 10.60 -2.83
C ILE A 24 5.38 10.18 -4.26
N ASP A 25 5.57 8.88 -4.46
CA ASP A 25 5.99 8.35 -5.76
C ASP A 25 4.83 8.14 -6.71
N GLN A 26 3.60 8.16 -6.17
CA GLN A 26 2.40 7.90 -6.97
C GLN A 26 2.43 6.47 -7.49
N THR A 27 2.81 5.54 -6.61
CA THR A 27 2.91 4.14 -6.99
C THR A 27 2.16 3.24 -6.02
N THR A 28 1.67 2.13 -6.55
CA THR A 28 0.96 1.14 -5.76
C THR A 28 1.85 -0.07 -5.51
N THR A 29 2.18 -0.31 -4.25
CA THR A 29 3.08 -1.38 -3.87
C THR A 29 2.30 -2.59 -3.33
N TRP A 30 2.57 -3.79 -3.88
CA TRP A 30 1.86 -5.00 -3.48
C TRP A 30 2.57 -5.71 -2.32
N GLN A 31 3.85 -5.46 -2.17
CA GLN A 31 4.65 -6.14 -1.16
C GLN A 31 5.22 -5.15 -0.16
N ASP A 32 5.42 -5.59 1.07
CA ASP A 32 5.87 -4.73 2.15
C ASP A 32 7.22 -4.09 1.83
N PRO A 33 7.28 -2.75 1.76
CA PRO A 33 8.52 -2.00 1.51
C PRO A 33 9.62 -2.25 2.54
N ARG A 34 9.27 -2.84 3.67
CA ARG A 34 10.25 -3.15 4.70
C ARG A 34 10.92 -4.49 4.41
N LYS A 35 10.29 -5.24 3.49
CA LYS A 35 10.81 -6.52 3.05
C LYS A 35 11.95 -6.34 2.06
N ALA A 36 12.02 -5.16 1.46
CA ALA A 36 13.02 -4.86 0.45
C ALA A 36 14.29 -4.30 1.10
N GLY B 1 0.33 -13.38 -9.20
CA GLY B 1 -0.78 -12.82 -10.00
C GLY B 1 -1.86 -12.22 -9.12
N GLU B 2 -1.66 -10.97 -8.72
CA GLU B 2 -2.62 -10.28 -7.86
C GLU B 2 -3.65 -9.57 -8.73
N SER B 3 -4.85 -9.42 -8.19
CA SER B 3 -5.91 -8.73 -8.89
C SER B 3 -5.82 -7.25 -8.51
N PRO B 4 -6.23 -6.33 -9.42
CA PRO B 4 -5.91 -4.91 -9.32
C PRO B 4 -6.18 -4.32 -7.94
N PRO B 5 -5.23 -3.55 -7.42
CA PRO B 5 -5.20 -3.04 -6.06
C PRO B 5 -5.85 -1.66 -5.99
N PRO B 6 -5.90 -1.03 -4.81
CA PRO B 6 -6.49 0.30 -4.62
C PRO B 6 -6.01 1.34 -5.64
N PRO B 7 -6.95 2.16 -6.12
CA PRO B 7 -6.62 3.33 -6.95
C PRO B 7 -5.75 4.31 -6.18
N TYR B 8 -4.67 4.76 -6.80
CA TYR B 8 -3.73 5.68 -6.14
C TYR B 8 -4.37 7.06 -5.89
N SER B 9 -5.54 7.30 -6.46
CA SER B 9 -6.02 8.67 -6.65
C SER B 9 -6.12 9.44 -5.33
N ARG B 10 -7.03 9.09 -4.44
CA ARG B 10 -6.96 9.67 -3.11
C ARG B 10 -6.78 8.62 -2.02
N TYR B 11 -7.84 7.85 -1.77
CA TYR B 11 -7.82 6.82 -0.73
C TYR B 11 -8.10 5.45 -1.32
N PRO B 12 -7.36 4.41 -0.89
CA PRO B 12 -7.61 3.02 -1.32
C PRO B 12 -8.99 2.53 -0.93
N MET B 13 -9.26 2.51 0.36
CA MET B 13 -10.53 2.02 0.87
C MET B 13 -11.14 3.05 1.81
N ASP B 14 -12.44 3.22 1.71
CA ASP B 14 -13.13 4.20 2.51
C ASP B 14 -13.98 3.52 3.58
N ASP A 1 7.63 4.85 13.80
CA ASP A 1 8.05 5.27 12.44
C ASP A 1 8.56 4.08 11.63
N VAL A 2 9.03 3.04 12.32
CA VAL A 2 9.54 1.85 11.64
C VAL A 2 8.41 0.90 11.19
N PRO A 3 7.45 0.54 12.10
CA PRO A 3 6.35 -0.38 11.75
C PRO A 3 5.58 0.05 10.51
N LEU A 4 5.48 1.36 10.31
CA LEU A 4 4.83 1.90 9.13
C LEU A 4 5.65 3.06 8.57
N PRO A 5 6.36 2.84 7.44
CA PRO A 5 7.16 3.86 6.77
C PRO A 5 6.36 5.13 6.47
N ALA A 6 7.04 6.26 6.45
CA ALA A 6 6.38 7.55 6.30
C ALA A 6 6.24 7.92 4.82
N GLY A 7 5.07 8.41 4.47
CA GLY A 7 4.77 8.73 3.09
C GLY A 7 4.23 7.52 2.36
N TRP A 8 3.84 6.52 3.13
CA TRP A 8 3.29 5.30 2.60
C TRP A 8 1.88 5.10 3.14
N GLU A 9 0.96 4.70 2.28
CA GLU A 9 -0.41 4.42 2.68
C GLU A 9 -0.53 2.97 3.08
N MET A 10 -0.79 2.73 4.36
CA MET A 10 -0.74 1.39 4.91
C MET A 10 -2.14 0.82 5.12
N ALA A 11 -2.52 -0.16 4.30
CA ALA A 11 -3.80 -0.82 4.51
C ALA A 11 -3.74 -2.27 4.03
N LYS A 12 -4.25 -3.16 4.86
CA LYS A 12 -4.28 -4.57 4.52
C LYS A 12 -5.72 -5.05 4.50
N THR A 13 -6.10 -5.77 3.46
CA THR A 13 -7.46 -6.26 3.32
C THR A 13 -7.61 -7.62 3.97
N SER A 14 -8.81 -7.90 4.48
CA SER A 14 -9.11 -9.18 5.12
C SER A 14 -8.99 -10.34 4.12
N SER A 15 -8.94 -9.98 2.84
CA SER A 15 -8.73 -10.94 1.77
C SER A 15 -7.31 -11.53 1.84
N GLY A 16 -6.46 -10.86 2.61
CA GLY A 16 -5.07 -11.22 2.68
C GLY A 16 -4.24 -10.48 1.64
N GLN A 17 -4.62 -9.23 1.40
CA GLN A 17 -3.87 -8.39 0.47
C GLN A 17 -3.27 -7.21 1.21
N ARG A 18 -1.95 -7.24 1.33
CA ARG A 18 -1.21 -6.17 1.98
C ARG A 18 -0.64 -5.22 0.94
N TYR A 19 -1.24 -4.05 0.79
CA TYR A 19 -0.76 -3.10 -0.20
C TYR A 19 -0.30 -1.81 0.47
N PHE A 20 0.66 -1.17 -0.16
CA PHE A 20 1.20 0.06 0.35
C PHE A 20 1.30 1.09 -0.76
N LEU A 21 0.73 2.27 -0.54
CA LEU A 21 0.84 3.36 -1.51
C LEU A 21 2.06 4.21 -1.23
N ASN A 22 2.67 4.74 -2.26
CA ASN A 22 3.62 5.82 -2.08
C ASN A 22 2.92 7.12 -2.40
N HIS A 23 2.47 7.84 -1.36
CA HIS A 23 1.75 9.11 -1.54
C HIS A 23 2.69 10.18 -2.10
N ILE A 24 3.96 9.82 -2.24
CA ILE A 24 4.95 10.70 -2.81
C ILE A 24 5.26 10.30 -4.25
N ASP A 25 5.49 9.00 -4.46
CA ASP A 25 5.89 8.48 -5.77
C ASP A 25 4.70 8.28 -6.68
N GLN A 26 3.50 8.29 -6.11
CA GLN A 26 2.26 8.06 -6.87
C GLN A 26 2.24 6.62 -7.38
N THR A 27 2.70 5.71 -6.54
CA THR A 27 2.79 4.33 -6.95
C THR A 27 2.02 3.40 -6.02
N THR A 28 1.48 2.33 -6.61
CA THR A 28 0.80 1.29 -5.86
C THR A 28 1.73 0.10 -5.67
N THR A 29 2.09 -0.18 -4.43
CA THR A 29 3.10 -1.18 -4.10
C THR A 29 2.45 -2.45 -3.50
N TRP A 30 2.70 -3.62 -4.12
CA TRP A 30 2.26 -4.90 -3.57
C TRP A 30 3.26 -5.43 -2.55
N GLN A 31 4.49 -4.96 -2.66
CA GLN A 31 5.59 -5.46 -1.84
C GLN A 31 5.72 -4.66 -0.55
N ASP A 32 6.05 -5.36 0.55
CA ASP A 32 6.30 -4.69 1.82
C ASP A 32 7.63 -3.96 1.76
N PRO A 33 7.61 -2.61 1.88
CA PRO A 33 8.80 -1.77 1.76
C PRO A 33 9.88 -2.07 2.81
N ARG A 34 9.51 -2.80 3.86
CA ARG A 34 10.45 -3.12 4.92
C ARG A 34 11.05 -4.49 4.70
N LYS A 35 10.42 -5.27 3.83
CA LYS A 35 10.79 -6.67 3.65
C LYS A 35 11.64 -6.85 2.40
N ALA A 36 11.68 -5.85 1.54
CA ALA A 36 12.46 -5.92 0.32
C ALA A 36 13.11 -4.57 0.01
N GLY B 1 0.04 -13.03 -9.73
CA GLY B 1 -1.37 -13.42 -9.51
C GLY B 1 -2.04 -12.54 -8.46
N GLU B 2 -2.15 -11.27 -8.77
CA GLU B 2 -2.76 -10.30 -7.86
C GLU B 2 -4.10 -9.85 -8.42
N SER B 3 -5.01 -9.50 -7.53
CA SER B 3 -6.22 -8.80 -7.93
C SER B 3 -5.92 -7.31 -7.90
N PRO B 4 -6.32 -6.54 -8.93
CA PRO B 4 -5.90 -5.14 -9.09
C PRO B 4 -6.10 -4.32 -7.82
N PRO B 5 -5.11 -3.49 -7.45
CA PRO B 5 -4.98 -2.89 -6.13
C PRO B 5 -5.63 -1.51 -6.06
N PRO B 6 -5.56 -0.85 -4.89
CA PRO B 6 -6.16 0.47 -4.64
C PRO B 6 -5.86 1.52 -5.70
N PRO B 7 -6.85 2.37 -5.99
CA PRO B 7 -6.64 3.58 -6.77
C PRO B 7 -5.77 4.56 -5.97
N TYR B 8 -4.72 5.06 -6.60
CA TYR B 8 -3.75 5.90 -5.93
C TYR B 8 -4.33 7.27 -5.53
N SER B 9 -5.53 7.59 -5.99
CA SER B 9 -5.99 8.98 -6.04
C SER B 9 -5.99 9.61 -4.64
N ARG B 10 -6.83 9.15 -3.73
CA ARG B 10 -6.69 9.58 -2.35
C ARG B 10 -6.45 8.39 -1.44
N TYR B 11 -7.50 7.61 -1.28
CA TYR B 11 -7.47 6.49 -0.35
C TYR B 11 -7.73 5.17 -1.06
N PRO B 12 -7.07 4.10 -0.60
CA PRO B 12 -7.22 2.77 -1.18
C PRO B 12 -8.58 2.15 -0.90
N MET B 13 -9.13 2.48 0.25
CA MET B 13 -10.38 1.90 0.69
C MET B 13 -11.18 2.94 1.46
N ASP B 14 -12.41 3.16 1.04
CA ASP B 14 -13.26 4.14 1.69
C ASP B 14 -14.04 3.47 2.81
N ASP A 1 6.81 5.22 11.60
CA ASP A 1 7.98 5.13 10.71
C ASP A 1 8.54 3.71 10.61
N VAL A 2 8.78 3.07 11.75
CA VAL A 2 9.25 1.69 11.73
C VAL A 2 8.12 0.68 11.52
N PRO A 3 7.00 0.75 12.29
CA PRO A 3 5.86 -0.14 12.07
C PRO A 3 5.26 0.07 10.69
N LEU A 4 5.19 1.34 10.32
CA LEU A 4 4.70 1.73 9.01
C LEU A 4 5.53 2.92 8.52
N PRO A 5 6.28 2.75 7.41
CA PRO A 5 7.09 3.82 6.81
C PRO A 5 6.30 5.10 6.57
N ALA A 6 6.99 6.23 6.56
CA ALA A 6 6.36 7.53 6.46
C ALA A 6 6.19 7.96 5.02
N GLY A 7 5.01 8.46 4.70
CA GLY A 7 4.69 8.84 3.33
C GLY A 7 4.13 7.67 2.55
N TRP A 8 3.73 6.64 3.30
CA TRP A 8 3.18 5.42 2.72
C TRP A 8 1.76 5.20 3.21
N GLU A 9 0.89 4.78 2.31
CA GLU A 9 -0.47 4.45 2.68
C GLU A 9 -0.55 2.99 3.06
N MET A 10 -0.71 2.74 4.35
CA MET A 10 -0.61 1.38 4.88
C MET A 10 -1.97 0.83 5.24
N ALA A 11 -2.47 -0.10 4.45
CA ALA A 11 -3.73 -0.76 4.76
C ALA A 11 -3.73 -2.18 4.23
N LYS A 12 -4.40 -3.06 4.95
CA LYS A 12 -4.42 -4.47 4.60
C LYS A 12 -5.86 -4.97 4.57
N THR A 13 -6.22 -5.69 3.52
CA THR A 13 -7.57 -6.21 3.40
C THR A 13 -7.65 -7.60 4.03
N SER A 14 -8.82 -7.93 4.57
CA SER A 14 -9.05 -9.24 5.17
C SER A 14 -8.87 -10.36 4.14
N SER A 15 -8.85 -9.99 2.87
CA SER A 15 -8.58 -10.92 1.78
C SER A 15 -7.12 -11.38 1.82
N GLY A 16 -6.31 -10.67 2.60
CA GLY A 16 -4.90 -10.98 2.67
C GLY A 16 -4.11 -10.21 1.64
N GLN A 17 -4.47 -8.94 1.47
CA GLN A 17 -3.74 -8.06 0.58
C GLN A 17 -3.08 -6.95 1.36
N ARG A 18 -1.77 -7.01 1.49
CA ARG A 18 -1.03 -5.96 2.15
C ARG A 18 -0.51 -4.96 1.11
N TYR A 19 -1.27 -3.92 0.86
CA TYR A 19 -0.86 -2.93 -0.12
C TYR A 19 -0.29 -1.71 0.58
N PHE A 20 0.74 -1.14 -0.02
CA PHE A 20 1.37 0.03 0.50
C PHE A 20 1.51 1.07 -0.60
N LEU A 21 0.91 2.23 -0.41
CA LEU A 21 0.99 3.30 -1.40
C LEU A 21 2.20 4.19 -1.15
N ASN A 22 2.88 4.59 -2.19
CA ASN A 22 3.84 5.67 -2.05
C ASN A 22 3.12 6.97 -2.31
N HIS A 23 2.71 7.66 -1.24
CA HIS A 23 2.02 8.95 -1.37
C HIS A 23 3.00 10.01 -1.85
N ILE A 24 4.27 9.60 -1.98
CA ILE A 24 5.33 10.47 -2.44
C ILE A 24 5.67 10.18 -3.91
N ASP A 25 5.64 8.90 -4.26
CA ASP A 25 6.02 8.47 -5.60
C ASP A 25 4.81 8.39 -6.54
N GLN A 26 3.61 8.40 -5.95
CA GLN A 26 2.36 8.25 -6.72
C GLN A 26 2.26 6.83 -7.27
N THR A 27 2.84 5.89 -6.53
CA THR A 27 2.92 4.52 -7.01
C THR A 27 2.26 3.56 -6.03
N THR A 28 1.72 2.47 -6.56
CA THR A 28 1.15 1.42 -5.74
C THR A 28 2.15 0.28 -5.55
N THR A 29 2.24 -0.22 -4.32
CA THR A 29 3.21 -1.26 -3.99
C THR A 29 2.51 -2.48 -3.38
N TRP A 30 2.64 -3.65 -4.02
CA TRP A 30 2.10 -4.89 -3.49
C TRP A 30 3.03 -5.49 -2.44
N GLN A 31 4.32 -5.29 -2.62
CA GLN A 31 5.32 -5.88 -1.74
C GLN A 31 5.66 -4.95 -0.59
N ASP A 32 6.02 -5.54 0.54
CA ASP A 32 6.34 -4.75 1.73
C ASP A 32 7.70 -4.10 1.59
N PRO A 33 7.74 -2.75 1.58
CA PRO A 33 8.99 -1.97 1.45
C PRO A 33 10.00 -2.24 2.57
N ARG A 34 9.55 -2.86 3.65
CA ARG A 34 10.43 -3.18 4.77
C ARG A 34 11.04 -4.56 4.59
N LYS A 35 10.46 -5.34 3.68
CA LYS A 35 10.98 -6.65 3.35
C LYS A 35 11.82 -6.58 2.07
N ALA A 36 11.18 -6.27 0.94
CA ALA A 36 11.86 -6.24 -0.35
C ALA A 36 10.90 -5.73 -1.43
N GLY B 1 -1.42 -14.93 -8.38
CA GLY B 1 -1.15 -13.53 -8.82
C GLY B 1 -2.09 -12.57 -8.15
N GLU B 2 -1.71 -11.30 -8.08
CA GLU B 2 -2.52 -10.31 -7.40
C GLU B 2 -3.49 -9.67 -8.37
N SER B 3 -4.71 -9.45 -7.89
CA SER B 3 -5.72 -8.75 -8.64
C SER B 3 -5.60 -7.25 -8.35
N PRO B 4 -5.97 -6.37 -9.30
CA PRO B 4 -5.64 -4.93 -9.23
C PRO B 4 -5.98 -4.31 -7.87
N PRO B 5 -5.07 -3.46 -7.35
CA PRO B 5 -5.09 -2.94 -5.99
C PRO B 5 -5.77 -1.57 -5.96
N PRO B 6 -5.87 -0.93 -4.78
CA PRO B 6 -6.47 0.40 -4.64
C PRO B 6 -5.93 1.43 -5.64
N PRO B 7 -6.80 2.35 -6.07
CA PRO B 7 -6.40 3.51 -6.87
C PRO B 7 -5.59 4.49 -6.03
N TYR B 8 -4.62 5.13 -6.66
CA TYR B 8 -3.73 6.05 -5.95
C TYR B 8 -4.40 7.39 -5.61
N SER B 9 -5.60 7.62 -6.13
CA SER B 9 -6.12 8.98 -6.29
C SER B 9 -6.19 9.72 -4.95
N ARG B 10 -7.07 9.34 -4.03
CA ARG B 10 -6.94 9.86 -2.69
C ARG B 10 -6.75 8.74 -1.67
N TYR B 11 -7.82 7.99 -1.45
CA TYR B 11 -7.82 6.92 -0.46
C TYR B 11 -8.13 5.59 -1.14
N PRO B 12 -7.48 4.50 -0.70
CA PRO B 12 -7.68 3.17 -1.30
C PRO B 12 -9.12 2.66 -1.17
N MET B 13 -9.54 2.34 0.04
CA MET B 13 -10.86 1.74 0.23
C MET B 13 -11.44 2.11 1.60
N ASP B 14 -12.46 2.93 1.59
CA ASP B 14 -13.23 3.21 2.80
C ASP B 14 -14.67 3.54 2.41
N ASP A 1 6.66 4.21 13.41
CA ASP A 1 7.24 4.73 12.15
C ASP A 1 8.12 3.69 11.47
N VAL A 2 8.63 2.74 12.24
CA VAL A 2 9.42 1.64 11.67
C VAL A 2 8.52 0.56 11.07
N PRO A 3 7.49 0.06 11.81
CA PRO A 3 6.57 -0.97 11.29
C PRO A 3 5.70 -0.43 10.16
N LEU A 4 5.55 0.88 10.11
CA LEU A 4 4.84 1.54 9.02
C LEU A 4 5.64 2.72 8.51
N PRO A 5 6.29 2.58 7.35
CA PRO A 5 7.11 3.64 6.75
C PRO A 5 6.33 4.94 6.51
N ALA A 6 7.04 6.04 6.53
CA ALA A 6 6.43 7.36 6.38
C ALA A 6 6.36 7.76 4.91
N GLY A 7 5.22 8.28 4.52
CA GLY A 7 4.97 8.62 3.13
C GLY A 7 4.37 7.46 2.37
N TRP A 8 3.90 6.48 3.11
CA TRP A 8 3.28 5.29 2.55
C TRP A 8 1.86 5.15 3.07
N GLU A 9 0.98 4.65 2.23
CA GLU A 9 -0.40 4.37 2.64
C GLU A 9 -0.49 2.94 3.13
N MET A 10 -0.73 2.76 4.42
CA MET A 10 -0.68 1.45 5.03
C MET A 10 -2.10 0.93 5.27
N ALA A 11 -2.53 -0.01 4.45
CA ALA A 11 -3.85 -0.60 4.63
C ALA A 11 -3.88 -2.04 4.16
N LYS A 12 -4.39 -2.91 5.00
CA LYS A 12 -4.46 -4.33 4.70
C LYS A 12 -5.90 -4.80 4.71
N THR A 13 -6.27 -5.59 3.73
CA THR A 13 -7.63 -6.11 3.66
C THR A 13 -7.72 -7.42 4.41
N SER A 14 -8.85 -7.66 5.07
CA SER A 14 -9.10 -8.93 5.75
C SER A 14 -9.14 -10.07 4.76
N SER A 15 -9.32 -9.73 3.49
CA SER A 15 -9.23 -10.68 2.39
C SER A 15 -7.81 -11.25 2.28
N GLY A 16 -6.87 -10.60 2.96
CA GLY A 16 -5.49 -11.02 2.90
C GLY A 16 -4.73 -10.34 1.78
N GLN A 17 -4.96 -9.03 1.64
CA GLN A 17 -4.23 -8.23 0.69
C GLN A 17 -3.58 -7.05 1.40
N ARG A 18 -2.27 -7.10 1.54
CA ARG A 18 -1.52 -6.03 2.18
C ARG A 18 -0.89 -5.12 1.12
N TYR A 19 -1.47 -3.94 0.92
CA TYR A 19 -0.96 -3.02 -0.09
C TYR A 19 -0.41 -1.77 0.59
N PHE A 20 0.63 -1.23 0.00
CA PHE A 20 1.26 -0.02 0.48
C PHE A 20 1.35 0.98 -0.66
N LEU A 21 0.80 2.16 -0.46
CA LEU A 21 0.88 3.21 -1.47
C LEU A 21 2.11 4.07 -1.28
N ASN A 22 2.79 4.43 -2.35
CA ASN A 22 3.76 5.49 -2.26
C ASN A 22 3.05 6.80 -2.55
N HIS A 23 2.70 7.54 -1.51
CA HIS A 23 2.02 8.82 -1.68
C HIS A 23 2.99 9.86 -2.24
N ILE A 24 4.26 9.48 -2.27
CA ILE A 24 5.30 10.36 -2.78
C ILE A 24 5.63 10.01 -4.24
N ASP A 25 5.79 8.72 -4.51
CA ASP A 25 6.19 8.25 -5.83
C ASP A 25 5.00 8.11 -6.77
N GLN A 26 3.79 8.11 -6.18
CA GLN A 26 2.56 7.86 -6.94
C GLN A 26 2.61 6.48 -7.57
N THR A 27 2.68 5.46 -6.73
CA THR A 27 2.64 4.10 -7.22
C THR A 27 2.02 3.19 -6.17
N THR A 28 1.37 2.15 -6.65
CA THR A 28 0.73 1.18 -5.78
C THR A 28 1.62 -0.05 -5.59
N THR A 29 2.05 -0.27 -4.36
CA THR A 29 3.03 -1.29 -4.05
C THR A 29 2.37 -2.50 -3.35
N TRP A 30 2.50 -3.70 -3.94
CA TRP A 30 2.01 -4.92 -3.30
C TRP A 30 3.00 -5.46 -2.28
N GLN A 31 4.27 -5.12 -2.46
CA GLN A 31 5.35 -5.75 -1.70
C GLN A 31 5.84 -4.86 -0.56
N ASP A 32 6.10 -5.47 0.58
CA ASP A 32 6.51 -4.75 1.78
C ASP A 32 7.86 -4.05 1.57
N PRO A 33 7.89 -2.72 1.72
CA PRO A 33 9.10 -1.91 1.55
C PRO A 33 10.18 -2.16 2.62
N ARG A 34 9.80 -2.79 3.72
CA ARG A 34 10.73 -2.99 4.83
C ARG A 34 11.59 -4.23 4.61
N LYS A 35 11.17 -5.06 3.65
CA LYS A 35 11.92 -6.26 3.30
C LYS A 35 13.27 -5.89 2.67
N ALA A 36 13.39 -4.62 2.28
CA ALA A 36 14.50 -4.14 1.47
C ALA A 36 14.46 -4.79 0.09
N GLY B 1 0.00 -13.62 -9.00
CA GLY B 1 -0.85 -12.90 -9.98
C GLY B 1 -1.99 -12.19 -9.30
N GLU B 2 -1.77 -10.93 -8.97
CA GLU B 2 -2.70 -10.19 -8.13
C GLU B 2 -3.74 -9.50 -9.00
N SER B 3 -4.92 -9.33 -8.44
CA SER B 3 -5.96 -8.58 -9.11
C SER B 3 -5.82 -7.13 -8.70
N PRO B 4 -6.21 -6.18 -9.57
CA PRO B 4 -5.89 -4.76 -9.42
C PRO B 4 -6.20 -4.24 -8.02
N PRO B 5 -5.24 -3.53 -7.41
CA PRO B 5 -5.30 -3.08 -6.03
C PRO B 5 -5.95 -1.68 -5.99
N PRO B 6 -6.09 -1.06 -4.81
CA PRO B 6 -6.73 0.25 -4.66
C PRO B 6 -6.22 1.31 -5.65
N PRO B 7 -7.13 2.17 -6.14
CA PRO B 7 -6.78 3.34 -6.93
C PRO B 7 -5.92 4.32 -6.13
N TYR B 8 -4.93 4.90 -6.78
CA TYR B 8 -3.95 5.77 -6.12
C TYR B 8 -4.54 7.12 -5.70
N SER B 9 -5.75 7.45 -6.14
CA SER B 9 -6.17 8.85 -6.22
C SER B 9 -6.12 9.53 -4.84
N ARG B 10 -7.00 9.20 -3.90
CA ARG B 10 -6.79 9.69 -2.54
C ARG B 10 -6.64 8.56 -1.53
N TYR B 11 -7.74 7.87 -1.25
CA TYR B 11 -7.74 6.78 -0.28
C TYR B 11 -8.17 5.46 -0.92
N PRO B 12 -7.47 4.36 -0.60
CA PRO B 12 -7.79 3.04 -1.14
C PRO B 12 -9.18 2.55 -0.77
N MET B 13 -9.37 2.23 0.51
CA MET B 13 -10.65 1.73 0.99
C MET B 13 -11.43 2.84 1.66
N ASP B 14 -12.67 3.03 1.23
CA ASP B 14 -13.52 4.08 1.78
C ASP B 14 -14.39 3.53 2.90
N ASP A 1 5.96 3.35 15.35
CA ASP A 1 6.11 4.18 14.14
C ASP A 1 7.17 3.61 13.19
N VAL A 2 7.93 2.61 13.64
CA VAL A 2 8.97 2.02 12.80
C VAL A 2 8.44 0.99 11.75
N PRO A 3 7.34 0.24 12.00
CA PRO A 3 6.87 -0.76 11.01
C PRO A 3 6.15 -0.11 9.82
N LEU A 4 5.88 1.18 9.93
CA LEU A 4 5.20 1.90 8.87
C LEU A 4 6.04 3.06 8.38
N PRO A 5 6.65 2.93 7.20
CA PRO A 5 7.46 4.00 6.58
C PRO A 5 6.64 5.28 6.36
N ALA A 6 7.32 6.42 6.37
CA ALA A 6 6.66 7.71 6.24
C ALA A 6 6.54 8.13 4.78
N GLY A 7 5.36 8.61 4.42
CA GLY A 7 5.07 8.94 3.04
C GLY A 7 4.47 7.76 2.31
N TRP A 8 4.04 6.78 3.10
CA TRP A 8 3.46 5.55 2.57
C TRP A 8 2.04 5.38 3.11
N GLU A 9 1.17 4.83 2.28
CA GLU A 9 -0.20 4.56 2.68
C GLU A 9 -0.33 3.10 3.08
N MET A 10 -0.63 2.88 4.35
CA MET A 10 -0.57 1.53 4.91
C MET A 10 -1.97 0.98 5.14
N ALA A 11 -2.41 0.05 4.31
CA ALA A 11 -3.70 -0.59 4.52
C ALA A 11 -3.68 -2.03 4.02
N LYS A 12 -4.39 -2.88 4.73
CA LYS A 12 -4.43 -4.29 4.41
C LYS A 12 -5.87 -4.79 4.46
N THR A 13 -6.27 -5.54 3.45
CA THR A 13 -7.63 -6.00 3.34
C THR A 13 -7.81 -7.35 4.04
N SER A 14 -9.01 -7.59 4.56
CA SER A 14 -9.32 -8.82 5.26
C SER A 14 -9.27 -10.03 4.32
N SER A 15 -9.28 -9.75 3.02
CA SER A 15 -9.11 -10.77 1.99
C SER A 15 -7.67 -11.28 1.99
N GLY A 16 -6.79 -10.55 2.66
CA GLY A 16 -5.38 -10.87 2.67
C GLY A 16 -4.62 -10.20 1.55
N GLN A 17 -4.82 -8.89 1.42
CA GLN A 17 -4.05 -8.09 0.48
C GLN A 17 -3.35 -6.95 1.21
N ARG A 18 -2.04 -7.03 1.26
CA ARG A 18 -1.24 -5.97 1.86
C ARG A 18 -0.72 -5.05 0.77
N TYR A 19 -1.20 -3.81 0.74
CA TYR A 19 -0.71 -2.85 -0.24
C TYR A 19 -0.21 -1.60 0.45
N PHE A 20 0.79 -0.99 -0.15
CA PHE A 20 1.35 0.23 0.35
C PHE A 20 1.46 1.25 -0.79
N LEU A 21 0.88 2.41 -0.58
CA LEU A 21 0.96 3.48 -1.57
C LEU A 21 2.17 4.35 -1.32
N ASN A 22 2.86 4.77 -2.36
CA ASN A 22 3.81 5.84 -2.21
C ASN A 22 3.08 7.14 -2.47
N HIS A 23 2.72 7.83 -1.38
CA HIS A 23 1.97 9.10 -1.49
C HIS A 23 2.87 10.18 -2.10
N ILE A 24 4.14 9.86 -2.25
CA ILE A 24 5.11 10.78 -2.84
C ILE A 24 5.36 10.40 -4.31
N ASP A 25 5.43 9.11 -4.58
CA ASP A 25 5.76 8.61 -5.91
C ASP A 25 4.53 8.43 -6.78
N GLN A 26 3.35 8.42 -6.14
CA GLN A 26 2.08 8.15 -6.84
C GLN A 26 2.06 6.70 -7.34
N THR A 27 2.71 5.82 -6.59
CA THR A 27 2.85 4.44 -7.03
C THR A 27 2.21 3.45 -6.07
N THR A 28 1.64 2.40 -6.62
CA THR A 28 1.04 1.34 -5.84
C THR A 28 2.04 0.20 -5.63
N THR A 29 2.30 -0.14 -4.38
CA THR A 29 3.28 -1.15 -4.05
C THR A 29 2.62 -2.39 -3.43
N TRP A 30 2.73 -3.55 -4.10
CA TRP A 30 2.18 -4.81 -3.58
C TRP A 30 3.08 -5.41 -2.50
N GLN A 31 4.38 -5.42 -2.74
CA GLN A 31 5.33 -6.06 -1.84
C GLN A 31 5.88 -5.08 -0.83
N ASP A 32 5.94 -5.52 0.43
CA ASP A 32 6.37 -4.67 1.54
C ASP A 32 7.74 -4.08 1.29
N PRO A 33 7.86 -2.74 1.32
CA PRO A 33 9.12 -2.03 1.10
C PRO A 33 10.19 -2.37 2.14
N ARG A 34 9.79 -2.96 3.25
CA ARG A 34 10.74 -3.34 4.30
C ARG A 34 11.21 -4.77 4.09
N LYS A 35 10.46 -5.53 3.31
CA LYS A 35 10.80 -6.91 3.04
C LYS A 35 11.64 -7.01 1.76
N ALA A 36 11.64 -5.94 1.00
CA ALA A 36 12.40 -5.87 -0.24
C ALA A 36 13.88 -5.63 0.07
N GLY B 1 -0.14 -14.28 -7.01
CA GLY B 1 -0.84 -13.65 -8.16
C GLY B 1 -1.94 -12.74 -7.68
N GLU B 2 -1.72 -11.44 -7.76
CA GLU B 2 -2.61 -10.47 -7.14
C GLU B 2 -3.60 -9.92 -8.15
N SER B 3 -4.78 -9.58 -7.66
CA SER B 3 -5.78 -8.88 -8.45
C SER B 3 -5.55 -7.38 -8.30
N PRO B 4 -5.88 -6.57 -9.32
CA PRO B 4 -5.53 -5.13 -9.35
C PRO B 4 -5.89 -4.42 -8.04
N PRO B 5 -4.98 -3.57 -7.55
CA PRO B 5 -5.00 -3.00 -6.22
C PRO B 5 -5.71 -1.64 -6.22
N PRO B 6 -5.81 -0.99 -5.05
CA PRO B 6 -6.43 0.34 -4.92
C PRO B 6 -5.94 1.37 -5.93
N PRO B 7 -6.85 2.25 -6.39
CA PRO B 7 -6.48 3.44 -7.14
C PRO B 7 -5.74 4.43 -6.24
N TYR B 8 -4.67 5.03 -6.76
CA TYR B 8 -3.80 5.89 -5.97
C TYR B 8 -4.48 7.20 -5.55
N SER B 9 -5.66 7.50 -6.07
CA SER B 9 -6.12 8.89 -6.15
C SER B 9 -6.19 9.57 -4.78
N ARG B 10 -7.11 9.18 -3.90
CA ARG B 10 -6.99 9.64 -2.51
C ARG B 10 -6.85 8.49 -1.53
N TYR B 11 -7.94 7.75 -1.34
CA TYR B 11 -7.96 6.68 -0.35
C TYR B 11 -8.28 5.34 -1.00
N PRO B 12 -7.41 4.35 -0.77
CA PRO B 12 -7.54 3.00 -1.35
C PRO B 12 -8.83 2.28 -0.95
N MET B 13 -9.20 2.39 0.32
CA MET B 13 -10.33 1.64 0.84
C MET B 13 -11.05 2.43 1.93
N ASP B 14 -12.36 2.44 1.87
CA ASP B 14 -13.17 3.16 2.85
C ASP B 14 -13.50 2.23 4.02
N ASP A 1 6.92 4.55 13.64
CA ASP A 1 7.25 4.86 12.23
C ASP A 1 8.04 3.71 11.57
N VAL A 2 8.49 2.74 12.37
CA VAL A 2 9.22 1.60 11.84
C VAL A 2 8.30 0.53 11.23
N PRO A 3 7.24 0.09 11.96
CA PRO A 3 6.27 -0.87 11.41
C PRO A 3 5.49 -0.31 10.23
N LEU A 4 5.39 1.01 10.19
CA LEU A 4 4.72 1.70 9.10
C LEU A 4 5.55 2.89 8.63
N PRO A 5 6.26 2.74 7.50
CA PRO A 5 7.08 3.80 6.91
C PRO A 5 6.28 5.08 6.64
N ALA A 6 6.94 6.22 6.75
CA ALA A 6 6.27 7.50 6.58
C ALA A 6 6.31 7.95 5.12
N GLY A 7 5.21 8.53 4.66
CA GLY A 7 5.08 8.89 3.26
C GLY A 7 4.47 7.75 2.47
N TRP A 8 3.89 6.81 3.19
CA TRP A 8 3.29 5.62 2.59
C TRP A 8 1.85 5.48 3.03
N GLU A 9 1.05 4.80 2.21
CA GLU A 9 -0.32 4.50 2.54
C GLU A 9 -0.43 3.05 3.01
N MET A 10 -0.79 2.85 4.26
CA MET A 10 -0.70 1.54 4.88
C MET A 10 -2.08 0.92 5.06
N ALA A 11 -2.39 -0.12 4.30
CA ALA A 11 -3.61 -0.87 4.54
C ALA A 11 -3.44 -2.34 4.13
N LYS A 12 -4.07 -3.22 4.90
CA LYS A 12 -3.97 -4.65 4.67
C LYS A 12 -5.36 -5.27 4.68
N THR A 13 -5.72 -5.93 3.59
CA THR A 13 -7.06 -6.52 3.47
C THR A 13 -7.06 -7.95 3.97
N SER A 14 -8.22 -8.38 4.49
CA SER A 14 -8.39 -9.74 4.99
C SER A 14 -8.26 -10.76 3.85
N SER A 15 -8.33 -10.26 2.62
CA SER A 15 -8.10 -11.08 1.44
C SER A 15 -6.66 -11.59 1.39
N GLY A 16 -5.80 -10.99 2.21
CA GLY A 16 -4.39 -11.31 2.19
C GLY A 16 -3.64 -10.43 1.22
N GLN A 17 -4.07 -9.18 1.13
CA GLN A 17 -3.42 -8.21 0.26
C GLN A 17 -2.81 -7.10 1.09
N ARG A 18 -1.49 -7.01 1.05
CA ARG A 18 -0.80 -5.95 1.74
C ARG A 18 -0.34 -4.90 0.73
N TYR A 19 -1.10 -3.83 0.59
CA TYR A 19 -0.74 -2.80 -0.37
C TYR A 19 -0.24 -1.56 0.35
N PHE A 20 0.81 -1.00 -0.19
CA PHE A 20 1.40 0.20 0.34
C PHE A 20 1.55 1.21 -0.78
N LEU A 21 0.96 2.38 -0.61
CA LEU A 21 1.08 3.43 -1.60
C LEU A 21 2.27 4.31 -1.32
N ASN A 22 3.00 4.70 -2.35
CA ASN A 22 3.91 5.81 -2.19
C ASN A 22 3.14 7.06 -2.54
N HIS A 23 2.70 7.80 -1.51
CA HIS A 23 1.94 9.04 -1.70
C HIS A 23 2.84 10.13 -2.24
N ILE A 24 4.13 9.84 -2.31
CA ILE A 24 5.11 10.78 -2.82
C ILE A 24 5.53 10.40 -4.24
N ASP A 25 5.80 9.10 -4.44
CA ASP A 25 6.26 8.60 -5.74
C ASP A 25 5.10 8.40 -6.69
N GLN A 26 3.87 8.34 -6.14
CA GLN A 26 2.69 8.01 -6.92
C GLN A 26 2.82 6.62 -7.53
N THR A 27 2.81 5.61 -6.68
CA THR A 27 2.86 4.24 -7.18
C THR A 27 2.15 3.28 -6.24
N THR A 28 1.60 2.22 -6.81
CA THR A 28 0.88 1.22 -6.06
C THR A 28 1.77 -0.01 -5.83
N THR A 29 2.13 -0.22 -4.58
CA THR A 29 3.10 -1.25 -4.22
C THR A 29 2.42 -2.44 -3.53
N TRP A 30 2.45 -3.62 -4.17
CA TRP A 30 1.98 -4.86 -3.54
C TRP A 30 3.03 -5.39 -2.57
N GLN A 31 4.24 -4.86 -2.69
CA GLN A 31 5.38 -5.35 -1.92
C GLN A 31 5.49 -4.60 -0.60
N ASP A 32 6.01 -5.26 0.41
CA ASP A 32 6.23 -4.61 1.69
C ASP A 32 7.57 -3.87 1.67
N PRO A 33 7.52 -2.52 1.61
CA PRO A 33 8.71 -1.66 1.48
C PRO A 33 9.78 -1.85 2.55
N ARG A 34 9.41 -2.41 3.71
CA ARG A 34 10.38 -2.57 4.78
C ARG A 34 10.90 -4.01 4.82
N LYS A 35 10.21 -4.90 4.13
CA LYS A 35 10.62 -6.30 4.04
C LYS A 35 11.32 -6.55 2.71
N ALA A 36 10.58 -6.41 1.62
CA ALA A 36 11.07 -6.68 0.28
C ALA A 36 10.02 -6.26 -0.75
N GLY B 1 -1.00 -14.31 -6.68
CA GLY B 1 -1.70 -13.79 -7.88
C GLY B 1 -2.68 -12.71 -7.49
N GLU B 2 -2.24 -11.47 -7.59
CA GLU B 2 -2.98 -10.37 -7.05
C GLU B 2 -3.94 -9.79 -8.08
N SER B 3 -5.13 -9.46 -7.62
CA SER B 3 -6.12 -8.77 -8.43
C SER B 3 -5.91 -7.27 -8.25
N PRO B 4 -6.23 -6.44 -9.28
CA PRO B 4 -5.87 -5.02 -9.30
C PRO B 4 -6.21 -4.31 -7.99
N PRO B 5 -5.29 -3.46 -7.50
CA PRO B 5 -5.28 -2.91 -6.16
C PRO B 5 -5.98 -1.53 -6.13
N PRO B 6 -6.04 -0.90 -4.94
CA PRO B 6 -6.64 0.43 -4.77
C PRO B 6 -6.19 1.47 -5.78
N PRO B 7 -7.08 2.43 -6.10
CA PRO B 7 -6.71 3.64 -6.83
C PRO B 7 -5.78 4.51 -6.00
N TYR B 8 -4.73 5.02 -6.63
CA TYR B 8 -3.72 5.81 -5.94
C TYR B 8 -4.24 7.19 -5.51
N SER B 9 -5.42 7.57 -5.97
CA SER B 9 -5.79 8.99 -5.99
C SER B 9 -5.78 9.62 -4.61
N ARG B 10 -6.71 9.27 -3.72
CA ARG B 10 -6.57 9.73 -2.35
C ARG B 10 -6.49 8.57 -1.37
N TYR B 11 -7.62 7.89 -1.19
CA TYR B 11 -7.73 6.81 -0.22
C TYR B 11 -8.11 5.49 -0.89
N PRO B 12 -7.42 4.39 -0.56
CA PRO B 12 -7.67 3.08 -1.16
C PRO B 12 -8.97 2.43 -0.72
N MET B 13 -9.52 2.87 0.40
CA MET B 13 -10.70 2.22 0.97
C MET B 13 -11.55 3.22 1.73
N ASP B 14 -12.84 3.23 1.43
CA ASP B 14 -13.78 4.09 2.11
C ASP B 14 -14.46 3.31 3.23
N ASP A 1 6.45 4.48 14.76
CA ASP A 1 6.81 5.19 13.52
C ASP A 1 7.64 4.30 12.58
N VAL A 2 8.40 3.37 13.15
CA VAL A 2 9.26 2.50 12.35
C VAL A 2 8.52 1.30 11.69
N PRO A 3 7.42 0.75 12.27
CA PRO A 3 6.72 -0.40 11.65
C PRO A 3 5.95 -0.01 10.40
N LEU A 4 5.82 1.29 10.17
CA LEU A 4 5.15 1.80 8.99
C LEU A 4 5.95 2.96 8.40
N PRO A 5 6.64 2.75 7.28
CA PRO A 5 7.44 3.78 6.60
C PRO A 5 6.63 5.04 6.31
N ALA A 6 7.30 6.18 6.32
CA ALA A 6 6.64 7.47 6.17
C ALA A 6 6.55 7.85 4.69
N GLY A 7 5.39 8.35 4.30
CA GLY A 7 5.14 8.66 2.90
C GLY A 7 4.55 7.46 2.19
N TRP A 8 4.10 6.49 2.98
CA TRP A 8 3.49 5.28 2.47
C TRP A 8 2.09 5.12 3.06
N GLU A 9 1.17 4.68 2.22
CA GLU A 9 -0.20 4.44 2.64
C GLU A 9 -0.33 2.98 3.07
N MET A 10 -0.62 2.75 4.35
CA MET A 10 -0.54 1.42 4.91
C MET A 10 -1.92 0.84 5.21
N ALA A 11 -2.35 -0.12 4.39
CA ALA A 11 -3.60 -0.82 4.66
C ALA A 11 -3.56 -2.26 4.14
N LYS A 12 -4.25 -3.15 4.84
CA LYS A 12 -4.24 -4.57 4.51
C LYS A 12 -5.67 -5.11 4.51
N THR A 13 -6.06 -5.78 3.43
CA THR A 13 -7.40 -6.34 3.35
C THR A 13 -7.43 -7.78 3.87
N SER A 14 -8.56 -8.17 4.45
CA SER A 14 -8.72 -9.51 5.04
C SER A 14 -8.59 -10.62 4.00
N SER A 15 -8.68 -10.25 2.73
CA SER A 15 -8.47 -11.19 1.63
C SER A 15 -7.00 -11.61 1.55
N GLY A 16 -6.15 -10.86 2.24
CA GLY A 16 -4.73 -11.09 2.19
C GLY A 16 -4.07 -10.28 1.09
N GLN A 17 -4.49 -9.03 0.98
CA GLN A 17 -3.85 -8.08 0.08
C GLN A 17 -3.13 -7.02 0.91
N ARG A 18 -1.82 -7.06 0.90
CA ARG A 18 -1.03 -6.09 1.62
C ARG A 18 -0.54 -5.01 0.67
N TYR A 19 -1.27 -3.90 0.61
CA TYR A 19 -0.92 -2.86 -0.34
C TYR A 19 -0.36 -1.64 0.38
N PHE A 20 0.62 -1.04 -0.25
CA PHE A 20 1.24 0.15 0.27
C PHE A 20 1.36 1.18 -0.84
N LEU A 21 0.83 2.36 -0.62
CA LEU A 21 0.93 3.42 -1.59
C LEU A 21 2.17 4.25 -1.36
N ASN A 22 2.88 4.62 -2.41
CA ASN A 22 3.87 5.66 -2.28
C ASN A 22 3.18 6.97 -2.55
N HIS A 23 2.77 7.68 -1.49
CA HIS A 23 2.09 8.96 -1.62
C HIS A 23 3.06 10.01 -2.18
N ILE A 24 4.33 9.65 -2.20
CA ILE A 24 5.38 10.52 -2.73
C ILE A 24 5.69 10.16 -4.18
N ASP A 25 5.58 8.88 -4.51
CA ASP A 25 5.99 8.38 -5.82
C ASP A 25 4.80 8.19 -6.75
N GLN A 26 3.59 8.17 -6.20
CA GLN A 26 2.36 7.96 -6.97
C GLN A 26 2.32 6.52 -7.49
N THR A 27 2.79 5.60 -6.65
CA THR A 27 2.84 4.21 -7.07
C THR A 27 2.04 3.30 -6.14
N THR A 28 1.46 2.26 -6.71
CA THR A 28 0.73 1.27 -5.96
C THR A 28 1.59 0.04 -5.72
N THR A 29 2.08 -0.12 -4.51
CA THR A 29 3.02 -1.17 -4.17
C THR A 29 2.30 -2.39 -3.58
N TRP A 30 2.47 -3.56 -4.19
CA TRP A 30 1.84 -4.80 -3.71
C TRP A 30 2.70 -5.48 -2.64
N GLN A 31 3.94 -5.04 -2.50
CA GLN A 31 4.89 -5.73 -1.65
C GLN A 31 5.35 -4.86 -0.49
N ASP A 32 5.68 -5.50 0.62
CA ASP A 32 6.02 -4.80 1.85
C ASP A 32 7.38 -4.11 1.74
N PRO A 33 7.40 -2.77 1.88
CA PRO A 33 8.61 -1.96 1.77
C PRO A 33 9.64 -2.25 2.87
N ARG A 34 9.22 -2.94 3.93
CA ARG A 34 10.13 -3.25 5.03
C ARG A 34 10.89 -4.54 4.74
N LYS A 35 10.35 -5.35 3.84
CA LYS A 35 10.96 -6.63 3.51
C LYS A 35 11.79 -6.53 2.25
N ALA A 36 11.59 -5.44 1.50
CA ALA A 36 12.36 -5.17 0.30
C ALA A 36 13.57 -4.32 0.64
N GLY B 1 -0.41 -14.19 -8.08
CA GLY B 1 -1.20 -13.38 -9.04
C GLY B 1 -2.25 -12.56 -8.34
N GLU B 2 -1.98 -11.27 -8.14
CA GLU B 2 -2.86 -10.42 -7.37
C GLU B 2 -3.89 -9.78 -8.27
N SER B 3 -5.06 -9.51 -7.72
CA SER B 3 -6.11 -8.82 -8.44
C SER B 3 -5.95 -7.32 -8.23
N PRO B 4 -6.36 -6.48 -9.20
CA PRO B 4 -6.05 -5.03 -9.20
C PRO B 4 -6.35 -4.38 -7.85
N PRO B 5 -5.43 -3.53 -7.36
CA PRO B 5 -5.42 -3.01 -6.01
C PRO B 5 -6.10 -1.63 -5.96
N PRO B 6 -6.16 -1.01 -4.78
CA PRO B 6 -6.70 0.34 -4.61
C PRO B 6 -6.13 1.36 -5.60
N PRO B 7 -6.98 2.29 -6.06
CA PRO B 7 -6.54 3.44 -6.84
C PRO B 7 -5.66 4.37 -6.01
N TYR B 8 -4.64 4.93 -6.63
CA TYR B 8 -3.70 5.80 -5.95
C TYR B 8 -4.31 7.16 -5.56
N SER B 9 -5.52 7.45 -6.05
CA SER B 9 -5.96 8.83 -6.18
C SER B 9 -5.95 9.56 -4.83
N ARG B 10 -6.85 9.24 -3.91
CA ARG B 10 -6.67 9.79 -2.57
C ARG B 10 -6.54 8.70 -1.51
N TYR B 11 -7.64 8.02 -1.25
CA TYR B 11 -7.65 6.95 -0.25
C TYR B 11 -8.08 5.63 -0.88
N PRO B 12 -7.36 4.53 -0.58
CA PRO B 12 -7.68 3.20 -1.10
C PRO B 12 -9.04 2.69 -0.65
N MET B 13 -9.17 2.40 0.63
CA MET B 13 -10.38 1.77 1.15
C MET B 13 -11.17 2.75 2.01
N ASP B 14 -12.37 3.07 1.56
CA ASP B 14 -13.29 3.91 2.32
C ASP B 14 -14.21 3.05 3.16
N ASP A 1 6.63 4.91 13.24
CA ASP A 1 7.42 5.22 12.02
C ASP A 1 8.17 3.98 11.53
N VAL A 2 8.54 3.11 12.46
CA VAL A 2 9.24 1.87 12.11
C VAL A 2 8.27 0.78 11.63
N PRO A 3 7.17 0.48 12.36
CA PRO A 3 6.22 -0.58 11.96
C PRO A 3 5.52 -0.28 10.62
N LEU A 4 5.51 0.98 10.23
CA LEU A 4 4.92 1.40 8.97
C LEU A 4 5.75 2.54 8.36
N PRO A 5 6.34 2.35 7.17
CA PRO A 5 7.15 3.39 6.51
C PRO A 5 6.38 4.70 6.33
N ALA A 6 7.08 5.82 6.44
CA ALA A 6 6.46 7.14 6.35
C ALA A 6 6.43 7.63 4.92
N GLY A 7 5.29 8.20 4.53
CA GLY A 7 5.10 8.63 3.16
C GLY A 7 4.48 7.51 2.35
N TRP A 8 3.99 6.52 3.06
CA TRP A 8 3.40 5.33 2.47
C TRP A 8 1.97 5.16 2.96
N GLU A 9 1.11 4.63 2.10
CA GLU A 9 -0.26 4.34 2.48
C GLU A 9 -0.34 2.90 2.96
N MET A 10 -0.67 2.71 4.22
CA MET A 10 -0.56 1.41 4.86
C MET A 10 -1.94 0.79 5.10
N ALA A 11 -2.32 -0.18 4.26
CA ALA A 11 -3.57 -0.89 4.49
C ALA A 11 -3.46 -2.33 4.04
N LYS A 12 -3.90 -3.24 4.90
CA LYS A 12 -3.81 -4.66 4.62
C LYS A 12 -5.19 -5.30 4.78
N THR A 13 -5.64 -6.01 3.76
CA THR A 13 -6.97 -6.61 3.80
C THR A 13 -6.90 -8.00 4.41
N SER A 14 -7.99 -8.40 5.07
CA SER A 14 -8.06 -9.71 5.72
C SER A 14 -8.04 -10.83 4.67
N SER A 15 -8.26 -10.47 3.42
CA SER A 15 -8.10 -11.38 2.30
C SER A 15 -6.62 -11.72 2.10
N GLY A 16 -5.77 -10.95 2.75
CA GLY A 16 -4.34 -11.10 2.61
C GLY A 16 -3.78 -10.25 1.49
N GLN A 17 -4.37 -9.07 1.31
CA GLN A 17 -3.86 -8.11 0.35
C GLN A 17 -3.20 -6.96 1.07
N ARG A 18 -1.89 -7.01 1.16
CA ARG A 18 -1.14 -5.94 1.79
C ARG A 18 -0.64 -4.96 0.75
N TYR A 19 -1.41 -3.90 0.50
CA TYR A 19 -1.00 -2.92 -0.47
C TYR A 19 -0.43 -1.70 0.22
N PHE A 20 0.60 -1.17 -0.39
CA PHE A 20 1.25 0.01 0.13
C PHE A 20 1.37 1.04 -0.98
N LEU A 21 0.83 2.22 -0.75
CA LEU A 21 0.95 3.29 -1.72
C LEU A 21 2.21 4.10 -1.46
N ASN A 22 2.91 4.49 -2.50
CA ASN A 22 3.90 5.52 -2.35
C ASN A 22 3.18 6.83 -2.59
N HIS A 23 2.77 7.50 -1.51
CA HIS A 23 2.03 8.75 -1.60
C HIS A 23 2.95 9.87 -2.08
N ILE A 24 4.22 9.53 -2.25
CA ILE A 24 5.21 10.46 -2.75
C ILE A 24 5.58 10.13 -4.20
N ASP A 25 5.76 8.85 -4.48
CA ASP A 25 6.22 8.41 -5.81
C ASP A 25 5.06 8.20 -6.77
N GLN A 26 3.85 8.14 -6.21
CA GLN A 26 2.65 7.84 -7.00
C GLN A 26 2.74 6.42 -7.58
N THR A 27 2.76 5.43 -6.70
CA THR A 27 2.81 4.04 -7.13
C THR A 27 2.04 3.13 -6.18
N THR A 28 1.43 2.10 -6.74
CA THR A 28 0.71 1.10 -5.95
C THR A 28 1.57 -0.15 -5.79
N THR A 29 2.06 -0.35 -4.59
CA THR A 29 3.00 -1.41 -4.30
C THR A 29 2.31 -2.62 -3.64
N TRP A 30 2.29 -3.77 -4.34
CA TRP A 30 1.78 -5.02 -3.77
C TRP A 30 2.79 -5.63 -2.80
N GLN A 31 4.07 -5.37 -3.04
CA GLN A 31 5.13 -6.06 -2.33
C GLN A 31 5.60 -5.25 -1.13
N ASP A 32 5.64 -5.89 0.03
CA ASP A 32 5.97 -5.22 1.29
C ASP A 32 7.32 -4.51 1.21
N PRO A 33 7.31 -3.17 1.25
CA PRO A 33 8.53 -2.36 1.21
C PRO A 33 9.29 -2.35 2.53
N ARG A 34 8.63 -2.78 3.60
CA ARG A 34 9.17 -2.62 4.95
C ARG A 34 10.27 -3.66 5.21
N LYS A 35 10.33 -4.68 4.37
CA LYS A 35 11.39 -5.69 4.47
C LYS A 35 12.76 -5.05 4.25
N ALA A 36 12.77 -3.85 3.69
CA ALA A 36 14.00 -3.11 3.47
C ALA A 36 14.24 -2.12 4.61
N GLY B 1 -1.23 -13.62 -9.35
CA GLY B 1 -2.65 -13.46 -9.76
C GLY B 1 -3.40 -12.53 -8.83
N GLU B 2 -2.99 -11.27 -8.81
CA GLU B 2 -3.58 -10.29 -7.93
C GLU B 2 -4.75 -9.63 -8.63
N SER B 3 -5.73 -9.21 -7.87
CA SER B 3 -6.83 -8.43 -8.42
C SER B 3 -6.45 -6.96 -8.33
N PRO B 4 -6.90 -6.12 -9.29
CA PRO B 4 -6.50 -4.71 -9.37
C PRO B 4 -6.63 -4.01 -8.01
N PRO B 5 -5.57 -3.32 -7.56
CA PRO B 5 -5.45 -2.80 -6.22
C PRO B 5 -6.02 -1.37 -6.19
N PRO B 6 -6.00 -0.70 -5.02
CA PRO B 6 -6.51 0.66 -4.87
C PRO B 6 -6.02 1.66 -5.92
N PRO B 7 -6.90 2.57 -6.35
CA PRO B 7 -6.51 3.76 -7.10
C PRO B 7 -5.66 4.68 -6.23
N TYR B 8 -4.63 5.26 -6.80
CA TYR B 8 -3.63 6.00 -6.04
C TYR B 8 -4.10 7.38 -5.57
N SER B 9 -5.25 7.85 -6.05
CA SER B 9 -5.55 9.28 -6.00
C SER B 9 -5.55 9.83 -4.56
N ARG B 10 -6.53 9.48 -3.74
CA ARG B 10 -6.46 9.86 -2.34
C ARG B 10 -6.48 8.65 -1.41
N TYR B 11 -7.63 8.00 -1.32
CA TYR B 11 -7.83 6.92 -0.36
C TYR B 11 -8.16 5.62 -1.08
N PRO B 12 -7.47 4.53 -0.72
CA PRO B 12 -7.67 3.23 -1.35
C PRO B 12 -9.05 2.64 -1.07
N MET B 13 -9.28 2.24 0.17
CA MET B 13 -10.53 1.63 0.57
C MET B 13 -11.22 2.49 1.61
N ASP B 14 -12.47 2.84 1.35
CA ASP B 14 -13.27 3.62 2.28
C ASP B 14 -14.13 2.69 3.14
N ASP A 1 6.62 4.37 13.66
CA ASP A 1 7.38 4.89 12.50
C ASP A 1 8.19 3.79 11.81
N VAL A 2 8.75 2.86 12.58
CA VAL A 2 9.52 1.77 12.00
C VAL A 2 8.66 0.61 11.44
N PRO A 3 7.44 0.32 11.98
CA PRO A 3 6.59 -0.73 11.43
C PRO A 3 5.84 -0.24 10.20
N LEU A 4 5.71 1.07 10.07
CA LEU A 4 5.03 1.69 8.94
C LEU A 4 5.79 2.93 8.49
N PRO A 5 6.51 2.83 7.36
CA PRO A 5 7.28 3.95 6.80
C PRO A 5 6.41 5.18 6.53
N ALA A 6 7.02 6.36 6.60
CA ALA A 6 6.28 7.61 6.45
C ALA A 6 6.24 8.03 4.98
N GLY A 7 5.08 8.51 4.56
CA GLY A 7 4.84 8.83 3.17
C GLY A 7 4.30 7.63 2.43
N TRP A 8 3.84 6.66 3.20
CA TRP A 8 3.29 5.42 2.66
C TRP A 8 1.88 5.21 3.21
N GLU A 9 1.01 4.69 2.37
CA GLU A 9 -0.35 4.38 2.78
C GLU A 9 -0.43 2.92 3.17
N MET A 10 -0.67 2.66 4.46
CA MET A 10 -0.58 1.31 4.99
C MET A 10 -1.95 0.75 5.29
N ALA A 11 -2.41 -0.17 4.46
CA ALA A 11 -3.68 -0.83 4.70
C ALA A 11 -3.65 -2.27 4.24
N LYS A 12 -4.15 -3.16 5.08
CA LYS A 12 -4.13 -4.58 4.79
C LYS A 12 -5.56 -5.12 4.75
N THR A 13 -5.92 -5.75 3.64
CA THR A 13 -7.28 -6.20 3.44
C THR A 13 -7.49 -7.60 3.98
N SER A 14 -8.68 -7.87 4.51
CA SER A 14 -9.02 -9.17 5.08
C SER A 14 -9.00 -10.27 4.02
N SER A 15 -9.05 -9.86 2.75
CA SER A 15 -8.92 -10.78 1.63
C SER A 15 -7.50 -11.36 1.57
N GLY A 16 -6.60 -10.74 2.30
CA GLY A 16 -5.20 -11.12 2.27
C GLY A 16 -4.41 -10.38 1.22
N GLN A 17 -4.65 -9.08 1.16
CA GLN A 17 -3.88 -8.18 0.30
C GLN A 17 -3.29 -7.05 1.13
N ARG A 18 -1.98 -7.07 1.32
CA ARG A 18 -1.30 -6.01 2.02
C ARG A 18 -0.68 -5.04 1.01
N TYR A 19 -1.28 -3.89 0.83
CA TYR A 19 -0.80 -2.94 -0.15
C TYR A 19 -0.26 -1.69 0.53
N PHE A 20 0.72 -1.09 -0.10
CA PHE A 20 1.30 0.13 0.41
C PHE A 20 1.37 1.16 -0.71
N LEU A 21 0.77 2.32 -0.48
CA LEU A 21 0.83 3.40 -1.46
C LEU A 21 2.04 4.28 -1.22
N ASN A 22 2.73 4.69 -2.27
CA ASN A 22 3.66 5.76 -2.13
C ASN A 22 2.92 7.05 -2.41
N HIS A 23 2.51 7.72 -1.33
CA HIS A 23 1.74 8.98 -1.43
C HIS A 23 2.61 10.08 -2.02
N ILE A 24 3.88 9.78 -2.20
CA ILE A 24 4.83 10.70 -2.81
C ILE A 24 5.07 10.33 -4.27
N ASP A 25 5.20 9.03 -4.53
CA ASP A 25 5.59 8.55 -5.87
C ASP A 25 4.37 8.30 -6.76
N GLN A 26 3.18 8.23 -6.16
CA GLN A 26 1.95 7.91 -6.89
C GLN A 26 1.97 6.44 -7.31
N THR A 27 2.57 5.60 -6.49
CA THR A 27 2.71 4.20 -6.87
C THR A 27 2.01 3.27 -5.90
N THR A 28 1.48 2.18 -6.44
CA THR A 28 0.84 1.15 -5.65
C THR A 28 1.79 -0.04 -5.49
N THR A 29 2.25 -0.26 -4.28
CA THR A 29 3.23 -1.29 -4.00
C THR A 29 2.58 -2.54 -3.40
N TRP A 30 2.72 -3.69 -4.07
CA TRP A 30 2.22 -4.97 -3.55
C TRP A 30 3.19 -5.57 -2.53
N GLN A 31 4.43 -5.10 -2.59
CA GLN A 31 5.50 -5.66 -1.78
C GLN A 31 5.75 -4.79 -0.55
N ASP A 32 6.19 -5.40 0.53
CA ASP A 32 6.50 -4.65 1.74
C ASP A 32 7.90 -4.05 1.63
N PRO A 33 7.98 -2.70 1.56
CA PRO A 33 9.25 -1.97 1.44
C PRO A 33 10.27 -2.29 2.54
N ARG A 34 9.81 -2.92 3.62
CA ARG A 34 10.71 -3.26 4.72
C ARG A 34 11.23 -4.69 4.57
N LYS A 35 10.59 -5.45 3.71
CA LYS A 35 10.95 -6.85 3.53
C LYS A 35 11.93 -6.99 2.36
N ALA A 36 12.02 -5.95 1.57
CA ALA A 36 12.92 -5.95 0.42
C ALA A 36 14.25 -5.31 0.78
N GLY B 1 0.02 -13.93 -8.00
CA GLY B 1 -0.98 -13.34 -8.92
C GLY B 1 -2.02 -12.54 -8.17
N GLU B 2 -1.89 -11.23 -8.23
CA GLU B 2 -2.69 -10.34 -7.39
C GLU B 2 -3.79 -9.69 -8.20
N SER B 3 -4.90 -9.38 -7.53
CA SER B 3 -6.02 -8.72 -8.18
C SER B 3 -5.82 -7.22 -8.06
N PRO B 4 -6.33 -6.43 -9.03
CA PRO B 4 -6.03 -4.99 -9.12
C PRO B 4 -6.20 -4.27 -7.79
N PRO B 5 -5.18 -3.52 -7.37
CA PRO B 5 -5.05 -2.95 -6.03
C PRO B 5 -5.68 -1.56 -5.98
N PRO B 6 -5.63 -0.89 -4.82
CA PRO B 6 -6.24 0.44 -4.61
C PRO B 6 -5.90 1.46 -5.67
N PRO B 7 -6.89 2.25 -6.10
CA PRO B 7 -6.66 3.43 -6.92
C PRO B 7 -5.90 4.48 -6.12
N TYR B 8 -4.80 4.96 -6.68
CA TYR B 8 -3.90 5.86 -5.96
C TYR B 8 -4.52 7.23 -5.64
N SER B 9 -5.69 7.54 -6.18
CA SER B 9 -6.11 8.93 -6.34
C SER B 9 -6.15 9.66 -4.99
N ARG B 10 -7.02 9.27 -4.09
CA ARG B 10 -6.92 9.81 -2.74
C ARG B 10 -6.72 8.71 -1.71
N TYR B 11 -7.75 7.93 -1.48
CA TYR B 11 -7.71 6.86 -0.50
C TYR B 11 -7.99 5.52 -1.17
N PRO B 12 -7.25 4.47 -0.78
CA PRO B 12 -7.40 3.13 -1.36
C PRO B 12 -8.80 2.55 -1.15
N MET B 13 -9.35 2.77 0.03
CA MET B 13 -10.66 2.25 0.35
C MET B 13 -11.35 3.17 1.34
N ASP B 14 -12.65 3.32 1.20
CA ASP B 14 -13.45 4.16 2.08
C ASP B 14 -14.05 3.32 3.21
N ASP A 1 6.96 5.40 13.81
CA ASP A 1 7.12 5.68 12.37
C ASP A 1 7.94 4.59 11.67
N VAL A 2 8.55 3.68 12.45
CA VAL A 2 9.25 2.54 11.87
C VAL A 2 8.28 1.41 11.48
N PRO A 3 7.36 0.97 12.37
CA PRO A 3 6.40 -0.10 12.06
C PRO A 3 5.52 0.23 10.85
N LEU A 4 5.45 1.50 10.51
CA LEU A 4 4.77 1.94 9.29
C LEU A 4 5.59 3.06 8.65
N PRO A 5 6.32 2.75 7.56
CA PRO A 5 7.16 3.73 6.85
C PRO A 5 6.44 5.04 6.55
N ALA A 6 7.21 6.12 6.54
CA ALA A 6 6.66 7.45 6.33
C ALA A 6 6.64 7.81 4.86
N GLY A 7 5.53 8.39 4.42
CA GLY A 7 5.32 8.68 3.01
C GLY A 7 4.64 7.52 2.31
N TRP A 8 4.09 6.61 3.11
CA TRP A 8 3.45 5.42 2.58
C TRP A 8 2.02 5.31 3.09
N GLU A 9 1.13 4.83 2.25
CA GLU A 9 -0.24 4.56 2.67
C GLU A 9 -0.32 3.12 3.15
N MET A 10 -0.57 2.97 4.44
CA MET A 10 -0.54 1.65 5.05
C MET A 10 -1.95 1.10 5.20
N ALA A 11 -2.32 0.15 4.34
CA ALA A 11 -3.63 -0.47 4.48
C ALA A 11 -3.59 -1.91 4.01
N LYS A 12 -4.11 -2.79 4.84
CA LYS A 12 -4.07 -4.21 4.58
C LYS A 12 -5.49 -4.73 4.35
N THR A 13 -5.67 -5.46 3.26
CA THR A 13 -6.97 -6.01 2.91
C THR A 13 -7.10 -7.40 3.53
N SER A 14 -8.26 -7.69 4.12
CA SER A 14 -8.49 -8.96 4.81
C SER A 14 -8.35 -10.15 3.87
N SER A 15 -8.38 -9.87 2.58
CA SER A 15 -8.15 -10.87 1.54
C SER A 15 -6.72 -11.44 1.63
N GLY A 16 -5.88 -10.76 2.39
CA GLY A 16 -4.47 -11.08 2.41
C GLY A 16 -3.72 -10.27 1.38
N GLN A 17 -4.30 -9.15 1.01
CA GLN A 17 -3.68 -8.22 0.09
C GLN A 17 -3.05 -7.07 0.87
N ARG A 18 -1.75 -7.11 1.03
CA ARG A 18 -1.05 -6.07 1.75
C ARG A 18 -0.53 -5.02 0.77
N TYR A 19 -1.19 -3.88 0.69
CA TYR A 19 -0.79 -2.87 -0.27
C TYR A 19 -0.29 -1.62 0.46
N PHE A 20 0.81 -1.12 -0.03
CA PHE A 20 1.40 0.08 0.49
C PHE A 20 1.56 1.09 -0.63
N LEU A 21 0.98 2.27 -0.44
CA LEU A 21 1.05 3.30 -1.45
C LEU A 21 2.27 4.17 -1.25
N ASN A 22 2.94 4.54 -2.32
CA ASN A 22 3.89 5.61 -2.22
C ASN A 22 3.13 6.89 -2.51
N HIS A 23 2.76 7.60 -1.43
CA HIS A 23 1.99 8.84 -1.55
C HIS A 23 2.87 9.96 -2.12
N ILE A 24 4.12 9.61 -2.37
CA ILE A 24 5.05 10.54 -2.97
C ILE A 24 5.34 10.14 -4.42
N ASP A 25 5.51 8.84 -4.64
CA ASP A 25 5.85 8.33 -5.97
C ASP A 25 4.62 8.15 -6.85
N GLN A 26 3.43 8.17 -6.22
CA GLN A 26 2.17 8.01 -6.96
C GLN A 26 2.05 6.58 -7.46
N THR A 27 2.61 5.64 -6.71
CA THR A 27 2.64 4.26 -7.16
C THR A 27 2.15 3.31 -6.06
N THR A 28 1.56 2.21 -6.50
CA THR A 28 1.00 1.22 -5.59
C THR A 28 1.92 0.01 -5.46
N THR A 29 2.28 -0.31 -4.23
CA THR A 29 3.22 -1.38 -3.96
C THR A 29 2.53 -2.58 -3.29
N TRP A 30 2.49 -3.73 -3.98
CA TRP A 30 1.91 -4.96 -3.39
C TRP A 30 2.86 -5.56 -2.36
N GLN A 31 4.13 -5.18 -2.43
CA GLN A 31 5.15 -5.78 -1.59
C GLN A 31 5.43 -4.92 -0.37
N ASP A 32 5.83 -5.54 0.72
CA ASP A 32 6.15 -4.80 1.93
C ASP A 32 7.56 -4.22 1.85
N PRO A 33 7.67 -2.88 1.79
CA PRO A 33 8.95 -2.16 1.73
C PRO A 33 9.94 -2.51 2.84
N ARG A 34 9.47 -3.17 3.89
CA ARG A 34 10.34 -3.55 5.01
C ARG A 34 10.85 -4.97 4.83
N LYS A 35 10.17 -5.74 3.99
CA LYS A 35 10.53 -7.12 3.76
C LYS A 35 11.33 -7.26 2.46
N ALA A 36 11.27 -6.23 1.64
CA ALA A 36 11.99 -6.21 0.38
C ALA A 36 13.20 -5.30 0.47
N GLY B 1 -0.63 -14.09 -8.31
CA GLY B 1 -1.45 -13.38 -9.31
C GLY B 1 -2.48 -12.50 -8.64
N GLU B 2 -2.16 -11.23 -8.47
CA GLU B 2 -3.00 -10.33 -7.69
C GLU B 2 -4.03 -9.67 -8.60
N SER B 3 -5.17 -9.35 -8.02
CA SER B 3 -6.21 -8.61 -8.71
C SER B 3 -5.94 -7.13 -8.47
N PRO B 4 -6.31 -6.24 -9.41
CA PRO B 4 -5.96 -4.81 -9.32
C PRO B 4 -6.27 -4.21 -7.96
N PRO B 5 -5.32 -3.46 -7.40
CA PRO B 5 -5.33 -2.95 -6.04
C PRO B 5 -5.97 -1.55 -6.02
N PRO B 6 -6.06 -0.92 -4.84
CA PRO B 6 -6.65 0.42 -4.69
C PRO B 6 -6.14 1.47 -5.68
N PRO B 7 -7.03 2.39 -6.08
CA PRO B 7 -6.65 3.57 -6.85
C PRO B 7 -5.79 4.51 -6.01
N TYR B 8 -4.90 5.23 -6.67
CA TYR B 8 -3.92 6.06 -5.97
C TYR B 8 -4.51 7.42 -5.53
N SER B 9 -5.71 7.76 -5.97
CA SER B 9 -6.12 9.16 -5.98
C SER B 9 -6.08 9.78 -4.58
N ARG B 10 -6.93 9.38 -3.66
CA ARG B 10 -6.68 9.78 -2.27
C ARG B 10 -6.52 8.56 -1.39
N TYR B 11 -7.63 7.87 -1.17
CA TYR B 11 -7.68 6.76 -0.24
C TYR B 11 -8.11 5.47 -0.93
N PRO B 12 -7.47 4.35 -0.55
CA PRO B 12 -7.74 3.04 -1.15
C PRO B 12 -9.10 2.45 -0.81
N MET B 13 -9.27 2.05 0.45
CA MET B 13 -10.46 1.35 0.87
C MET B 13 -11.28 2.18 1.83
N ASP B 14 -12.59 2.19 1.63
CA ASP B 14 -13.51 2.92 2.47
C ASP B 14 -14.67 2.02 2.88
N ASP A 1 4.01 1.71 14.80
CA ASP A 1 4.48 2.92 14.08
C ASP A 1 5.62 2.58 13.13
N VAL A 2 6.63 1.87 13.65
CA VAL A 2 7.85 1.64 12.87
C VAL A 2 7.69 0.63 11.71
N PRO A 3 6.74 -0.37 11.76
CA PRO A 3 6.57 -1.30 10.64
C PRO A 3 5.98 -0.64 9.41
N LEU A 4 5.52 0.60 9.57
CA LEU A 4 4.92 1.34 8.48
C LEU A 4 5.83 2.50 8.05
N PRO A 5 6.43 2.40 6.84
CA PRO A 5 7.26 3.47 6.29
C PRO A 5 6.49 4.78 6.10
N ALA A 6 7.21 5.90 6.19
CA ALA A 6 6.57 7.21 6.09
C ALA A 6 6.53 7.68 4.65
N GLY A 7 5.39 8.24 4.26
CA GLY A 7 5.16 8.63 2.88
C GLY A 7 4.53 7.50 2.10
N TRP A 8 4.02 6.52 2.84
CA TRP A 8 3.39 5.36 2.26
C TRP A 8 1.97 5.22 2.80
N GLU A 9 1.07 4.70 1.98
CA GLU A 9 -0.29 4.43 2.40
C GLU A 9 -0.37 3.00 2.91
N MET A 10 -0.68 2.84 4.18
CA MET A 10 -0.61 1.53 4.80
C MET A 10 -1.99 0.97 5.02
N ALA A 11 -2.36 -0.03 4.23
CA ALA A 11 -3.66 -0.68 4.39
C ALA A 11 -3.54 -2.18 4.22
N LYS A 12 -4.11 -2.91 5.16
CA LYS A 12 -4.10 -4.37 5.14
C LYS A 12 -5.52 -4.89 4.99
N THR A 13 -5.79 -5.59 3.90
CA THR A 13 -7.08 -6.21 3.73
C THR A 13 -7.07 -7.62 4.30
N SER A 14 -8.14 -7.99 5.00
CA SER A 14 -8.26 -9.33 5.55
C SER A 14 -8.36 -10.36 4.43
N SER A 15 -8.63 -9.87 3.22
CA SER A 15 -8.56 -10.67 2.00
C SER A 15 -7.16 -11.22 1.80
N GLY A 16 -6.19 -10.67 2.53
CA GLY A 16 -4.82 -11.10 2.40
C GLY A 16 -4.08 -10.29 1.37
N GLN A 17 -4.40 -9.01 1.27
CA GLN A 17 -3.71 -8.12 0.37
C GLN A 17 -3.10 -6.95 1.12
N ARG A 18 -1.80 -7.02 1.30
CA ARG A 18 -1.08 -5.93 1.95
C ARG A 18 -0.56 -4.98 0.89
N TYR A 19 -1.30 -3.91 0.63
CA TYR A 19 -0.88 -2.97 -0.37
C TYR A 19 -0.40 -1.69 0.28
N PHE A 20 0.63 -1.12 -0.30
CA PHE A 20 1.22 0.09 0.21
C PHE A 20 1.36 1.09 -0.94
N LEU A 21 0.81 2.27 -0.76
CA LEU A 21 0.90 3.32 -1.77
C LEU A 21 2.13 4.16 -1.56
N ASN A 22 2.79 4.56 -2.63
CA ASN A 22 3.77 5.60 -2.52
C ASN A 22 3.06 6.93 -2.75
N HIS A 23 2.70 7.62 -1.66
CA HIS A 23 2.05 8.92 -1.76
C HIS A 23 3.03 9.94 -2.33
N ILE A 24 4.29 9.52 -2.44
CA ILE A 24 5.32 10.33 -3.04
C ILE A 24 5.48 9.99 -4.52
N ASP A 25 5.76 8.73 -4.80
CA ASP A 25 6.07 8.27 -6.16
C ASP A 25 4.83 8.18 -7.05
N GLN A 26 3.65 8.21 -6.43
CA GLN A 26 2.39 8.05 -7.17
C GLN A 26 2.33 6.64 -7.76
N THR A 27 2.57 5.66 -6.91
CA THR A 27 2.60 4.27 -7.36
C THR A 27 1.91 3.34 -6.36
N THR A 28 1.35 2.25 -6.89
CA THR A 28 0.68 1.25 -6.07
C THR A 28 1.60 0.03 -5.88
N THR A 29 2.06 -0.17 -4.65
CA THR A 29 3.02 -1.22 -4.35
C THR A 29 2.33 -2.45 -3.74
N TRP A 30 2.45 -3.62 -4.40
CA TRP A 30 1.96 -4.88 -3.84
C TRP A 30 2.97 -5.47 -2.86
N GLN A 31 4.23 -5.06 -2.99
CA GLN A 31 5.31 -5.66 -2.23
C GLN A 31 5.51 -4.92 -0.92
N ASP A 32 5.97 -5.64 0.09
CA ASP A 32 6.23 -5.04 1.40
C ASP A 32 7.61 -4.37 1.43
N PRO A 33 7.64 -3.03 1.43
CA PRO A 33 8.89 -2.24 1.38
C PRO A 33 9.82 -2.49 2.58
N ARG A 34 9.30 -3.11 3.64
CA ARG A 34 10.09 -3.34 4.84
C ARG A 34 11.25 -4.29 4.57
N LYS A 35 11.20 -4.98 3.45
CA LYS A 35 12.29 -5.87 3.04
C LYS A 35 13.53 -5.06 2.63
N ALA A 36 13.33 -3.76 2.40
CA ALA A 36 14.39 -2.86 1.97
C ALA A 36 14.89 -3.26 0.58
N GLY B 1 -0.73 -14.22 -6.95
CA GLY B 1 -1.72 -13.73 -7.93
C GLY B 1 -2.69 -12.75 -7.30
N GLU B 2 -2.48 -11.47 -7.56
CA GLU B 2 -3.23 -10.43 -6.89
C GLU B 2 -4.33 -9.87 -7.79
N SER B 3 -5.42 -9.44 -7.18
CA SER B 3 -6.49 -8.75 -7.89
C SER B 3 -6.21 -7.25 -7.88
N PRO B 4 -6.64 -6.50 -8.91
CA PRO B 4 -6.28 -5.09 -9.09
C PRO B 4 -6.46 -4.25 -7.81
N PRO B 5 -5.44 -3.46 -7.44
CA PRO B 5 -5.30 -2.82 -6.15
C PRO B 5 -5.90 -1.40 -6.15
N PRO B 6 -5.83 -0.69 -5.01
CA PRO B 6 -6.38 0.66 -4.84
C PRO B 6 -6.01 1.66 -5.94
N PRO B 7 -6.92 2.60 -6.22
CA PRO B 7 -6.60 3.79 -7.01
C PRO B 7 -5.73 4.76 -6.21
N TYR B 8 -4.75 5.34 -6.88
CA TYR B 8 -3.78 6.20 -6.20
C TYR B 8 -4.36 7.55 -5.74
N SER B 9 -5.59 7.86 -6.14
CA SER B 9 -6.06 9.24 -6.14
C SER B 9 -5.99 9.87 -4.74
N ARG B 10 -6.83 9.44 -3.79
CA ARG B 10 -6.63 9.89 -2.43
C ARG B 10 -6.39 8.72 -1.48
N TYR B 11 -7.45 7.95 -1.25
CA TYR B 11 -7.40 6.83 -0.33
C TYR B 11 -7.76 5.53 -1.07
N PRO B 12 -7.13 4.42 -0.68
CA PRO B 12 -7.40 3.11 -1.29
C PRO B 12 -8.79 2.60 -0.99
N MET B 13 -9.14 2.60 0.28
CA MET B 13 -10.43 2.08 0.72
C MET B 13 -10.91 2.84 1.94
N ASP B 14 -12.09 3.41 1.84
CA ASP B 14 -12.67 4.15 2.95
C ASP B 14 -13.53 3.22 3.79
N ASP A 1 7.56 4.31 12.22
CA ASP A 1 8.52 4.37 11.09
C ASP A 1 9.04 2.97 10.74
N VAL A 2 9.22 2.14 11.76
CA VAL A 2 9.70 0.77 11.53
C VAL A 2 8.56 -0.16 11.07
N PRO A 3 7.41 -0.17 11.78
CA PRO A 3 6.23 -0.93 11.33
C PRO A 3 5.58 -0.28 10.11
N LEU A 4 5.37 1.02 10.19
CA LEU A 4 4.79 1.76 9.09
C LEU A 4 5.70 2.93 8.69
N PRO A 5 6.28 2.87 7.48
CA PRO A 5 7.09 3.96 6.93
C PRO A 5 6.26 5.24 6.73
N ALA A 6 6.94 6.38 6.69
CA ALA A 6 6.27 7.66 6.55
C ALA A 6 6.13 8.03 5.08
N GLY A 7 4.98 8.61 4.73
CA GLY A 7 4.68 8.93 3.34
C GLY A 7 4.10 7.73 2.61
N TRP A 8 3.66 6.75 3.39
CA TRP A 8 3.10 5.52 2.85
C TRP A 8 1.69 5.32 3.36
N GLU A 9 0.79 4.89 2.49
CA GLU A 9 -0.57 4.56 2.89
C GLU A 9 -0.63 3.09 3.27
N MET A 10 -0.94 2.82 4.53
CA MET A 10 -0.81 1.47 5.07
C MET A 10 -2.20 0.86 5.32
N ALA A 11 -2.55 -0.17 4.57
CA ALA A 11 -3.81 -0.87 4.81
C ALA A 11 -3.72 -2.34 4.42
N LYS A 12 -4.49 -3.17 5.11
CA LYS A 12 -4.46 -4.61 4.89
C LYS A 12 -5.89 -5.14 4.79
N THR A 13 -6.19 -5.82 3.69
CA THR A 13 -7.53 -6.35 3.46
C THR A 13 -7.64 -7.79 3.98
N SER A 14 -8.82 -8.16 4.46
CA SER A 14 -9.05 -9.48 5.07
C SER A 14 -8.92 -10.60 4.03
N SER A 15 -8.96 -10.23 2.76
CA SER A 15 -8.67 -11.17 1.67
C SER A 15 -7.21 -11.58 1.69
N GLY A 16 -6.41 -10.83 2.46
CA GLY A 16 -5.00 -11.07 2.53
C GLY A 16 -4.24 -10.27 1.50
N GLN A 17 -4.71 -9.06 1.24
CA GLN A 17 -3.98 -8.15 0.37
C GLN A 17 -3.39 -7.01 1.19
N ARG A 18 -2.08 -7.04 1.33
CA ARG A 18 -1.38 -5.98 2.03
C ARG A 18 -0.79 -5.00 1.03
N TYR A 19 -1.42 -3.85 0.87
CA TYR A 19 -0.93 -2.88 -0.09
C TYR A 19 -0.41 -1.65 0.63
N PHE A 20 0.67 -1.12 0.10
CA PHE A 20 1.27 0.08 0.64
C PHE A 20 1.39 1.13 -0.46
N LEU A 21 0.79 2.28 -0.24
CA LEU A 21 0.85 3.36 -1.22
C LEU A 21 2.06 4.25 -0.97
N ASN A 22 2.76 4.63 -2.03
CA ASN A 22 3.71 5.71 -1.89
C ASN A 22 2.98 7.00 -2.19
N HIS A 23 2.60 7.72 -1.13
CA HIS A 23 1.90 9.00 -1.29
C HIS A 23 2.85 10.07 -1.84
N ILE A 24 4.12 9.68 -1.96
CA ILE A 24 5.13 10.55 -2.51
C ILE A 24 5.44 10.16 -3.96
N ASP A 25 5.51 8.86 -4.21
CA ASP A 25 5.90 8.34 -5.53
C ASP A 25 4.70 8.18 -6.44
N GLN A 26 3.49 8.20 -5.86
CA GLN A 26 2.25 8.04 -6.61
C GLN A 26 2.14 6.61 -7.13
N THR A 27 2.66 5.66 -6.33
CA THR A 27 2.71 4.28 -6.76
C THR A 27 2.00 3.34 -5.78
N THR A 28 1.47 2.25 -6.31
CA THR A 28 0.80 1.24 -5.52
C THR A 28 1.70 0.03 -5.33
N THR A 29 2.22 -0.16 -4.13
CA THR A 29 3.16 -1.23 -3.86
C THR A 29 2.46 -2.45 -3.22
N TRP A 30 2.66 -3.64 -3.82
CA TRP A 30 2.09 -4.88 -3.28
C TRP A 30 3.00 -5.49 -2.22
N GLN A 31 4.30 -5.23 -2.33
CA GLN A 31 5.29 -5.88 -1.50
C GLN A 31 5.70 -4.97 -0.34
N ASP A 32 6.07 -5.58 0.79
CA ASP A 32 6.50 -4.82 1.95
C ASP A 32 7.82 -4.09 1.65
N PRO A 33 7.78 -2.74 1.58
CA PRO A 33 8.95 -1.91 1.24
C PRO A 33 10.14 -2.11 2.17
N ARG A 34 9.90 -2.73 3.31
CA ARG A 34 10.94 -2.93 4.31
C ARG A 34 11.66 -4.26 4.06
N LYS A 35 11.06 -5.10 3.24
CA LYS A 35 11.63 -6.40 2.91
C LYS A 35 12.58 -6.30 1.72
N ALA A 36 12.48 -5.19 1.01
CA ALA A 36 13.33 -4.95 -0.16
C ALA A 36 14.78 -4.82 0.26
N GLY B 1 -0.32 -14.05 -6.89
CA GLY B 1 -1.21 -13.59 -7.97
C GLY B 1 -2.26 -12.66 -7.45
N GLU B 2 -1.98 -11.37 -7.50
CA GLU B 2 -2.79 -10.37 -6.82
C GLU B 2 -3.85 -9.79 -7.75
N SER B 3 -4.98 -9.40 -7.17
CA SER B 3 -6.06 -8.76 -7.90
C SER B 3 -5.80 -7.25 -7.88
N PRO B 4 -6.22 -6.51 -8.94
CA PRO B 4 -5.87 -5.09 -9.11
C PRO B 4 -6.13 -4.28 -7.84
N PRO B 5 -5.13 -3.46 -7.43
CA PRO B 5 -5.05 -2.83 -6.12
C PRO B 5 -5.70 -1.44 -6.11
N PRO B 6 -5.67 -0.77 -4.94
CA PRO B 6 -6.27 0.56 -4.73
C PRO B 6 -5.91 1.60 -5.79
N PRO B 7 -6.87 2.49 -6.09
CA PRO B 7 -6.63 3.69 -6.89
C PRO B 7 -5.85 4.72 -6.07
N TYR B 8 -4.77 5.22 -6.65
CA TYR B 8 -3.88 6.15 -5.94
C TYR B 8 -4.52 7.50 -5.63
N SER B 9 -5.69 7.78 -6.19
CA SER B 9 -6.17 9.15 -6.31
C SER B 9 -6.27 9.84 -4.95
N ARG B 10 -7.12 9.36 -4.04
CA ARG B 10 -7.00 9.82 -2.67
C ARG B 10 -6.72 8.66 -1.71
N TYR B 11 -7.73 7.83 -1.52
CA TYR B 11 -7.60 6.69 -0.62
C TYR B 11 -7.86 5.37 -1.33
N PRO B 12 -7.19 4.30 -0.85
CA PRO B 12 -7.30 2.96 -1.44
C PRO B 12 -8.68 2.34 -1.32
N MET B 13 -9.47 2.83 -0.38
CA MET B 13 -10.78 2.25 -0.11
C MET B 13 -11.73 3.32 0.39
N ASP B 14 -12.96 3.30 -0.11
CA ASP B 14 -13.97 4.26 0.29
C ASP B 14 -14.79 3.71 1.45
N ASP A 1 6.64 4.24 12.40
CA ASP A 1 7.75 4.52 11.45
C ASP A 1 8.44 3.23 11.00
N VAL A 2 8.73 2.35 11.95
CA VAL A 2 9.41 1.10 11.63
C VAL A 2 8.45 0.04 11.06
N PRO A 3 7.30 -0.23 11.72
CA PRO A 3 6.31 -1.15 11.17
C PRO A 3 5.53 -0.54 10.01
N LEU A 4 5.39 0.78 10.04
CA LEU A 4 4.74 1.52 8.97
C LEU A 4 5.56 2.76 8.61
N PRO A 5 6.26 2.74 7.46
CA PRO A 5 7.06 3.87 6.98
C PRO A 5 6.22 5.14 6.76
N ALA A 6 6.88 6.29 6.82
CA ALA A 6 6.18 7.57 6.66
C ALA A 6 6.14 7.99 5.19
N GLY A 7 5.02 8.55 4.77
CA GLY A 7 4.79 8.86 3.38
C GLY A 7 4.22 7.69 2.63
N TRP A 8 3.73 6.71 3.38
CA TRP A 8 3.17 5.49 2.82
C TRP A 8 1.75 5.29 3.33
N GLU A 9 0.88 4.83 2.45
CA GLU A 9 -0.49 4.51 2.82
C GLU A 9 -0.58 3.04 3.21
N MET A 10 -0.88 2.77 4.47
CA MET A 10 -0.80 1.41 5.00
C MET A 10 -2.18 0.84 5.30
N ALA A 11 -2.60 -0.15 4.53
CA ALA A 11 -3.84 -0.85 4.82
C ALA A 11 -3.78 -2.29 4.34
N LYS A 12 -4.49 -3.17 5.03
CA LYS A 12 -4.49 -4.58 4.71
C LYS A 12 -5.93 -5.10 4.64
N THR A 13 -6.29 -5.74 3.53
CA THR A 13 -7.66 -6.25 3.37
C THR A 13 -7.78 -7.67 3.91
N SER A 14 -8.98 -8.00 4.38
CA SER A 14 -9.25 -9.33 4.92
C SER A 14 -9.17 -10.39 3.81
N SER A 15 -9.18 -9.90 2.57
CA SER A 15 -8.98 -10.74 1.41
C SER A 15 -7.56 -11.32 1.38
N GLY A 16 -6.70 -10.74 2.21
CA GLY A 16 -5.31 -11.14 2.25
C GLY A 16 -4.46 -10.33 1.29
N GLN A 17 -4.76 -9.05 1.20
CA GLN A 17 -4.01 -8.15 0.35
C GLN A 17 -3.32 -7.09 1.19
N ARG A 18 -2.00 -7.11 1.21
CA ARG A 18 -1.23 -6.07 1.85
C ARG A 18 -0.81 -5.05 0.79
N TYR A 19 -1.35 -3.85 0.85
CA TYR A 19 -0.97 -2.83 -0.11
C TYR A 19 -0.43 -1.61 0.60
N PHE A 20 0.55 -1.01 -0.01
CA PHE A 20 1.16 0.19 0.51
C PHE A 20 1.27 1.21 -0.61
N LEU A 21 0.69 2.38 -0.40
CA LEU A 21 0.81 3.45 -1.38
C LEU A 21 2.02 4.30 -1.11
N ASN A 22 2.77 4.66 -2.14
CA ASN A 22 3.73 5.72 -2.00
C ASN A 22 3.02 7.02 -2.33
N HIS A 23 2.58 7.75 -1.30
CA HIS A 23 1.91 9.03 -1.52
C HIS A 23 2.89 10.03 -2.11
N ILE A 24 4.17 9.70 -2.02
CA ILE A 24 5.24 10.53 -2.54
C ILE A 24 5.55 10.17 -3.99
N ASP A 25 5.57 8.87 -4.27
CA ASP A 25 5.98 8.38 -5.59
C ASP A 25 4.79 8.18 -6.51
N GLN A 26 3.58 8.18 -5.94
CA GLN A 26 2.34 7.99 -6.71
C GLN A 26 2.27 6.55 -7.23
N THR A 27 2.81 5.63 -6.46
CA THR A 27 2.88 4.24 -6.88
C THR A 27 2.11 3.32 -5.94
N THR A 28 1.57 2.25 -6.52
CA THR A 28 0.87 1.23 -5.74
C THR A 28 1.79 0.04 -5.50
N THR A 29 2.14 -0.17 -4.24
CA THR A 29 3.13 -1.17 -3.87
C THR A 29 2.49 -2.38 -3.19
N TRP A 30 2.57 -3.56 -3.82
CA TRP A 30 2.11 -4.80 -3.19
C TRP A 30 3.13 -5.31 -2.17
N GLN A 31 4.40 -5.13 -2.47
CA GLN A 31 5.46 -5.75 -1.69
C GLN A 31 5.91 -4.86 -0.54
N ASP A 32 6.00 -5.47 0.64
CA ASP A 32 6.36 -4.76 1.87
C ASP A 32 7.69 -4.02 1.72
N PRO A 33 7.65 -2.67 1.72
CA PRO A 33 8.84 -1.82 1.52
C PRO A 33 9.91 -1.99 2.58
N ARG A 34 9.55 -2.61 3.70
CA ARG A 34 10.49 -2.82 4.78
C ARG A 34 11.41 -3.99 4.46
N LYS A 35 11.02 -4.78 3.47
CA LYS A 35 11.80 -5.94 3.06
C LYS A 35 12.74 -5.56 1.92
N ALA A 36 12.41 -4.48 1.22
CA ALA A 36 13.18 -4.05 0.08
C ALA A 36 13.01 -2.55 -0.16
N GLY B 1 -0.26 -13.94 -7.59
CA GLY B 1 -1.48 -13.72 -8.38
C GLY B 1 -2.42 -12.76 -7.69
N GLU B 2 -2.20 -11.49 -7.94
CA GLU B 2 -2.89 -10.43 -7.22
C GLU B 2 -4.12 -10.00 -8.02
N SER B 3 -5.14 -9.56 -7.30
CA SER B 3 -6.25 -8.86 -7.91
C SER B 3 -5.90 -7.37 -7.89
N PRO B 4 -6.28 -6.61 -8.94
CA PRO B 4 -5.87 -5.19 -9.08
C PRO B 4 -6.12 -4.41 -7.79
N PRO B 5 -5.15 -3.60 -7.35
CA PRO B 5 -5.13 -3.02 -6.02
C PRO B 5 -5.81 -1.65 -6.03
N PRO B 6 -5.88 -0.98 -4.87
CA PRO B 6 -6.46 0.36 -4.75
C PRO B 6 -5.95 1.35 -5.80
N PRO B 7 -6.87 2.16 -6.36
CA PRO B 7 -6.50 3.30 -7.18
C PRO B 7 -5.77 4.35 -6.34
N TYR B 8 -4.66 4.84 -6.86
CA TYR B 8 -3.78 5.73 -6.10
C TYR B 8 -4.42 7.10 -5.81
N SER B 9 -5.57 7.41 -6.40
CA SER B 9 -5.95 8.81 -6.60
C SER B 9 -6.03 9.57 -5.27
N ARG B 10 -6.89 9.18 -4.34
CA ARG B 10 -6.75 9.72 -3.00
C ARG B 10 -6.52 8.61 -1.99
N TYR B 11 -7.58 7.85 -1.75
CA TYR B 11 -7.56 6.80 -0.74
C TYR B 11 -7.86 5.44 -1.34
N PRO B 12 -7.10 4.42 -0.92
CA PRO B 12 -7.31 3.04 -1.37
C PRO B 12 -8.70 2.52 -1.02
N MET B 13 -8.92 2.29 0.26
CA MET B 13 -10.20 1.83 0.75
C MET B 13 -10.71 2.78 1.81
N ASP B 14 -11.92 3.28 1.59
CA ASP B 14 -12.54 4.21 2.52
C ASP B 14 -13.35 3.45 3.56
N ASP A 1 7.41 5.20 11.97
CA ASP A 1 8.11 5.01 10.69
C ASP A 1 8.73 3.62 10.61
N VAL A 2 9.00 3.01 11.75
CA VAL A 2 9.57 1.66 11.77
C VAL A 2 8.49 0.59 11.56
N PRO A 3 7.35 0.62 12.30
CA PRO A 3 6.25 -0.32 12.06
C PRO A 3 5.64 -0.10 10.68
N LEU A 4 5.46 1.17 10.33
CA LEU A 4 4.90 1.55 9.05
C LEU A 4 5.71 2.72 8.48
N PRO A 5 6.34 2.56 7.31
CA PRO A 5 7.13 3.63 6.67
C PRO A 5 6.32 4.92 6.50
N ALA A 6 7.01 6.06 6.56
CA ALA A 6 6.34 7.35 6.47
C ALA A 6 6.24 7.82 5.02
N GLY A 7 5.09 8.37 4.67
CA GLY A 7 4.82 8.77 3.31
C GLY A 7 4.20 7.64 2.52
N TRP A 8 3.73 6.63 3.25
CA TRP A 8 3.12 5.46 2.68
C TRP A 8 1.69 5.30 3.18
N GLU A 9 0.83 4.76 2.34
CA GLU A 9 -0.53 4.44 2.73
C GLU A 9 -0.58 3.00 3.19
N MET A 10 -0.86 2.79 4.47
CA MET A 10 -0.82 1.46 5.04
C MET A 10 -2.23 0.91 5.18
N ALA A 11 -2.57 -0.08 4.36
CA ALA A 11 -3.86 -0.72 4.49
C ALA A 11 -3.79 -2.18 4.06
N LYS A 12 -4.27 -3.06 4.92
CA LYS A 12 -4.20 -4.50 4.67
C LYS A 12 -5.61 -5.08 4.68
N THR A 13 -5.96 -5.81 3.64
CA THR A 13 -7.25 -6.47 3.61
C THR A 13 -7.12 -7.86 4.22
N SER A 14 -8.16 -8.31 4.90
CA SER A 14 -8.17 -9.63 5.53
C SER A 14 -8.11 -10.73 4.47
N SER A 15 -8.38 -10.33 3.24
CA SER A 15 -8.29 -11.22 2.08
C SER A 15 -6.83 -11.64 1.85
N GLY A 16 -5.91 -10.94 2.50
CA GLY A 16 -4.50 -11.17 2.30
C GLY A 16 -3.96 -10.30 1.19
N GLN A 17 -4.44 -9.06 1.15
CA GLN A 17 -3.89 -8.07 0.25
C GLN A 17 -3.25 -6.96 1.07
N ARG A 18 -1.94 -7.01 1.19
CA ARG A 18 -1.21 -5.99 1.93
C ARG A 18 -0.58 -5.00 0.96
N TYR A 19 -1.28 -3.89 0.70
CA TYR A 19 -0.78 -2.91 -0.24
C TYR A 19 -0.30 -1.67 0.51
N PHE A 20 0.77 -1.11 -0.01
CA PHE A 20 1.33 0.11 0.54
C PHE A 20 1.45 1.15 -0.57
N LEU A 21 0.84 2.29 -0.38
CA LEU A 21 0.89 3.35 -1.38
C LEU A 21 2.08 4.27 -1.13
N ASN A 22 2.74 4.70 -2.18
CA ASN A 22 3.66 5.81 -2.03
C ASN A 22 2.89 7.09 -2.27
N HIS A 23 2.45 7.75 -1.19
CA HIS A 23 1.70 9.00 -1.30
C HIS A 23 2.62 10.11 -1.81
N ILE A 24 3.91 9.82 -1.85
CA ILE A 24 4.90 10.75 -2.35
C ILE A 24 5.22 10.46 -3.83
N ASP A 25 5.54 9.21 -4.13
CA ASP A 25 6.01 8.83 -5.46
C ASP A 25 4.85 8.59 -6.41
N GLN A 26 3.64 8.45 -5.87
CA GLN A 26 2.47 8.11 -6.69
C GLN A 26 2.63 6.72 -7.26
N THR A 27 2.64 5.73 -6.39
CA THR A 27 2.78 4.34 -6.80
C THR A 27 2.02 3.40 -5.88
N THR A 28 1.55 2.30 -6.44
CA THR A 28 0.84 1.29 -5.68
C THR A 28 1.73 0.05 -5.50
N THR A 29 2.18 -0.17 -4.28
CA THR A 29 3.15 -1.21 -3.99
C THR A 29 2.49 -2.43 -3.35
N TRP A 30 2.48 -3.58 -4.06
CA TRP A 30 1.99 -4.83 -3.49
C TRP A 30 2.97 -5.41 -2.48
N GLN A 31 4.26 -5.29 -2.78
CA GLN A 31 5.28 -5.98 -1.99
C GLN A 31 5.78 -5.10 -0.85
N ASP A 32 5.80 -5.68 0.34
CA ASP A 32 6.18 -4.96 1.56
C ASP A 32 7.55 -4.29 1.41
N PRO A 33 7.58 -2.93 1.42
CA PRO A 33 8.81 -2.16 1.26
C PRO A 33 9.82 -2.39 2.38
N ARG A 34 9.39 -2.98 3.48
CA ARG A 34 10.26 -3.21 4.62
C ARG A 34 10.90 -4.59 4.55
N LYS A 35 10.36 -5.45 3.69
CA LYS A 35 10.92 -6.78 3.50
C LYS A 35 12.28 -6.71 2.79
N ALA A 36 12.50 -5.63 2.06
CA ALA A 36 13.73 -5.46 1.31
C ALA A 36 14.39 -4.13 1.64
N GLY B 1 -0.39 -13.21 -8.89
CA GLY B 1 -1.78 -13.66 -8.61
C GLY B 1 -2.59 -12.63 -7.85
N GLU B 2 -2.36 -11.36 -8.16
CA GLU B 2 -3.04 -10.27 -7.46
C GLU B 2 -4.26 -9.84 -8.27
N SER B 3 -5.27 -9.39 -7.56
CA SER B 3 -6.36 -8.66 -8.18
C SER B 3 -5.99 -7.17 -8.16
N PRO B 4 -6.38 -6.39 -9.18
CA PRO B 4 -5.99 -4.96 -9.26
C PRO B 4 -6.24 -4.23 -7.96
N PRO B 5 -5.28 -3.42 -7.49
CA PRO B 5 -5.24 -2.87 -6.15
C PRO B 5 -5.91 -1.49 -6.13
N PRO B 6 -5.96 -0.83 -4.96
CA PRO B 6 -6.53 0.51 -4.80
C PRO B 6 -6.03 1.52 -5.83
N PRO B 7 -6.93 2.43 -6.23
CA PRO B 7 -6.55 3.63 -6.98
C PRO B 7 -5.69 4.54 -6.11
N TYR B 8 -4.67 5.14 -6.71
CA TYR B 8 -3.72 5.96 -5.99
C TYR B 8 -4.32 7.31 -5.57
N SER B 9 -5.51 7.64 -6.07
CA SER B 9 -5.95 9.03 -6.11
C SER B 9 -6.01 9.66 -4.72
N ARG B 10 -6.92 9.25 -3.86
CA ARG B 10 -6.85 9.70 -2.48
C ARG B 10 -6.72 8.55 -1.49
N TYR B 11 -7.78 7.79 -1.34
CA TYR B 11 -7.80 6.69 -0.39
C TYR B 11 -8.07 5.36 -1.09
N PRO B 12 -7.32 4.32 -0.71
CA PRO B 12 -7.43 3.00 -1.33
C PRO B 12 -8.81 2.37 -1.19
N MET B 13 -9.50 2.69 -0.10
CA MET B 13 -10.79 2.08 0.16
C MET B 13 -11.69 3.02 0.94
N ASP B 14 -12.59 3.69 0.24
CA ASP B 14 -13.62 4.48 0.89
C ASP B 14 -14.89 4.51 0.03
N ASP A 1 7.24 4.56 13.65
CA ASP A 1 7.89 4.95 12.36
C ASP A 1 8.52 3.74 11.67
N VAL A 2 8.85 2.71 12.43
CA VAL A 2 9.45 1.51 11.86
C VAL A 2 8.41 0.57 11.22
N PRO A 3 7.31 0.22 11.93
CA PRO A 3 6.29 -0.68 11.40
C PRO A 3 5.51 -0.08 10.24
N LEU A 4 5.58 1.24 10.11
CA LEU A 4 4.90 1.95 9.03
C LEU A 4 5.79 3.08 8.51
N PRO A 5 6.37 2.90 7.31
CA PRO A 5 7.16 3.95 6.65
C PRO A 5 6.35 5.22 6.39
N ALA A 6 7.03 6.36 6.43
CA ALA A 6 6.36 7.65 6.25
C ALA A 6 6.33 8.04 4.78
N GLY A 7 5.22 8.63 4.36
CA GLY A 7 5.01 8.95 2.96
C GLY A 7 4.37 7.79 2.22
N TRP A 8 3.84 6.85 2.99
CA TRP A 8 3.24 5.65 2.46
C TRP A 8 1.80 5.52 2.94
N GLU A 9 0.97 4.87 2.13
CA GLU A 9 -0.41 4.61 2.51
C GLU A 9 -0.51 3.17 2.99
N MET A 10 -0.83 2.99 4.26
CA MET A 10 -0.79 1.67 4.88
C MET A 10 -2.20 1.14 5.06
N ALA A 11 -2.55 0.09 4.33
CA ALA A 11 -3.84 -0.54 4.54
C ALA A 11 -3.78 -2.04 4.28
N LYS A 12 -4.32 -2.79 5.22
CA LYS A 12 -4.34 -4.25 5.11
C LYS A 12 -5.78 -4.74 5.14
N THR A 13 -6.25 -5.28 4.03
CA THR A 13 -7.61 -5.79 3.97
C THR A 13 -7.64 -7.28 4.28
N SER A 14 -8.69 -7.71 4.99
CA SER A 14 -8.83 -9.07 5.48
C SER A 14 -8.83 -10.11 4.34
N SER A 15 -9.02 -9.63 3.12
CA SER A 15 -8.92 -10.46 1.93
C SER A 15 -7.53 -11.11 1.82
N GLY A 16 -6.59 -10.59 2.61
CA GLY A 16 -5.22 -11.04 2.54
C GLY A 16 -4.43 -10.23 1.56
N GLN A 17 -4.92 -9.05 1.27
CA GLN A 17 -4.25 -8.13 0.37
C GLN A 17 -3.55 -7.03 1.15
N ARG A 18 -2.23 -7.09 1.17
CA ARG A 18 -1.44 -6.07 1.82
C ARG A 18 -0.88 -5.13 0.76
N TYR A 19 -1.21 -3.85 0.84
CA TYR A 19 -0.74 -2.90 -0.14
C TYR A 19 -0.28 -1.61 0.54
N PHE A 20 0.70 -0.99 -0.08
CA PHE A 20 1.26 0.24 0.44
C PHE A 20 1.44 1.23 -0.71
N LEU A 21 0.84 2.40 -0.56
CA LEU A 21 0.91 3.42 -1.59
C LEU A 21 2.11 4.32 -1.38
N ASN A 22 2.77 4.73 -2.45
CA ASN A 22 3.73 5.80 -2.34
C ASN A 22 2.99 7.10 -2.64
N HIS A 23 2.61 7.82 -1.58
CA HIS A 23 1.86 9.07 -1.74
C HIS A 23 2.74 10.14 -2.36
N ILE A 24 4.04 9.89 -2.37
CA ILE A 24 5.00 10.81 -2.95
C ILE A 24 5.31 10.44 -4.41
N ASP A 25 5.32 9.14 -4.69
CA ASP A 25 5.74 8.64 -6.00
C ASP A 25 4.55 8.39 -6.92
N GLN A 26 3.34 8.35 -6.36
CA GLN A 26 2.13 8.08 -7.13
C GLN A 26 2.11 6.62 -7.59
N THR A 27 2.69 5.75 -6.77
CA THR A 27 2.80 4.35 -7.14
C THR A 27 2.09 3.45 -6.14
N THR A 28 1.59 2.33 -6.64
CA THR A 28 0.92 1.35 -5.80
C THR A 28 1.82 0.14 -5.59
N THR A 29 2.30 -0.03 -4.36
CA THR A 29 3.23 -1.09 -4.03
C THR A 29 2.51 -2.29 -3.40
N TRP A 30 2.81 -3.50 -3.90
CA TRP A 30 2.22 -4.72 -3.35
C TRP A 30 3.09 -5.28 -2.22
N GLN A 31 4.40 -5.27 -2.43
CA GLN A 31 5.32 -5.94 -1.54
C GLN A 31 5.78 -5.01 -0.43
N ASP A 32 5.62 -5.47 0.81
CA ASP A 32 5.97 -4.71 2.00
C ASP A 32 7.40 -4.19 1.93
N PRO A 33 7.57 -2.85 1.89
CA PRO A 33 8.89 -2.22 1.82
C PRO A 33 9.82 -2.59 2.99
N ARG A 34 9.26 -3.18 4.04
CA ARG A 34 10.08 -3.59 5.18
C ARG A 34 10.60 -5.01 5.00
N LYS A 35 9.97 -5.77 4.11
CA LYS A 35 10.39 -7.14 3.85
C LYS A 35 11.21 -7.20 2.57
N ALA A 36 10.85 -6.37 1.60
CA ALA A 36 11.55 -6.35 0.33
C ALA A 36 12.34 -5.06 0.19
N GLY B 1 -0.19 -14.24 -10.03
CA GLY B 1 -0.18 -12.75 -10.04
C GLY B 1 -1.28 -12.18 -9.17
N GLU B 2 -1.10 -10.93 -8.78
CA GLU B 2 -2.06 -10.25 -7.92
C GLU B 2 -3.12 -9.54 -8.77
N SER B 3 -4.30 -9.42 -8.22
CA SER B 3 -5.40 -8.76 -8.91
C SER B 3 -5.36 -7.27 -8.59
N PRO B 4 -5.81 -6.42 -9.52
CA PRO B 4 -5.57 -4.96 -9.45
C PRO B 4 -5.89 -4.36 -8.09
N PRO B 5 -4.94 -3.58 -7.54
CA PRO B 5 -4.94 -3.06 -6.19
C PRO B 5 -5.61 -1.68 -6.17
N PRO B 6 -5.70 -1.03 -5.00
CA PRO B 6 -6.34 0.28 -4.82
C PRO B 6 -5.90 1.32 -5.84
N PRO B 7 -6.84 2.11 -6.36
CA PRO B 7 -6.54 3.29 -7.15
C PRO B 7 -5.79 4.32 -6.31
N TYR B 8 -4.73 4.87 -6.87
CA TYR B 8 -3.83 5.77 -6.15
C TYR B 8 -4.49 7.08 -5.72
N SER B 9 -5.71 7.35 -6.20
CA SER B 9 -6.20 8.72 -6.28
C SER B 9 -6.23 9.42 -4.92
N ARG B 10 -7.12 9.05 -4.00
CA ARG B 10 -6.99 9.58 -2.65
C ARG B 10 -6.82 8.48 -1.60
N TYR B 11 -7.89 7.74 -1.34
CA TYR B 11 -7.88 6.70 -0.32
C TYR B 11 -8.22 5.34 -0.92
N PRO B 12 -7.42 4.31 -0.62
CA PRO B 12 -7.69 2.94 -1.05
C PRO B 12 -8.87 2.31 -0.31
N MET B 13 -8.66 2.03 0.98
CA MET B 13 -9.66 1.33 1.78
C MET B 13 -10.45 2.32 2.62
N ASP B 14 -11.76 2.33 2.44
CA ASP B 14 -12.63 3.22 3.20
C ASP B 14 -13.09 2.54 4.47
N ASP A 1 7.16 4.73 12.05
CA ASP A 1 8.09 4.89 10.91
C ASP A 1 8.72 3.55 10.51
N VAL A 2 9.15 2.77 11.49
CA VAL A 2 9.69 1.44 11.21
C VAL A 2 8.59 0.40 10.98
N PRO A 3 7.59 0.29 11.89
CA PRO A 3 6.46 -0.63 11.70
C PRO A 3 5.60 -0.24 10.50
N LEU A 4 5.49 1.07 10.29
CA LEU A 4 4.82 1.63 9.14
C LEU A 4 5.64 2.78 8.57
N PRO A 5 6.27 2.58 7.40
CA PRO A 5 7.08 3.60 6.74
C PRO A 5 6.31 4.91 6.54
N ALA A 6 7.02 6.03 6.65
CA ALA A 6 6.40 7.34 6.56
C ALA A 6 6.36 7.84 5.12
N GLY A 7 5.22 8.38 4.73
CA GLY A 7 5.01 8.77 3.35
C GLY A 7 4.42 7.64 2.55
N TRP A 8 3.92 6.65 3.28
CA TRP A 8 3.30 5.48 2.68
C TRP A 8 1.87 5.33 3.18
N GLU A 9 1.04 4.68 2.38
CA GLU A 9 -0.34 4.40 2.77
C GLU A 9 -0.44 2.96 3.22
N MET A 10 -0.74 2.77 4.50
CA MET A 10 -0.69 1.46 5.11
C MET A 10 -2.08 0.90 5.31
N ALA A 11 -2.42 -0.16 4.56
CA ALA A 11 -3.70 -0.82 4.76
C ALA A 11 -3.62 -2.29 4.42
N LYS A 12 -4.26 -3.10 5.25
CA LYS A 12 -4.23 -4.54 5.10
C LYS A 12 -5.66 -5.08 5.02
N THR A 13 -6.00 -5.72 3.91
CA THR A 13 -7.36 -6.20 3.71
C THR A 13 -7.51 -7.62 4.24
N SER A 14 -8.66 -7.91 4.85
CA SER A 14 -8.93 -9.23 5.40
C SER A 14 -9.05 -10.27 4.28
N SER A 15 -9.25 -9.79 3.05
CA SER A 15 -9.24 -10.66 1.88
C SER A 15 -7.86 -11.29 1.67
N GLY A 16 -6.87 -10.75 2.36
CA GLY A 16 -5.51 -11.21 2.19
C GLY A 16 -4.78 -10.45 1.12
N GLN A 17 -4.90 -9.12 1.18
CA GLN A 17 -4.16 -8.24 0.31
C GLN A 17 -3.45 -7.18 1.13
N ARG A 18 -2.13 -7.24 1.12
CA ARG A 18 -1.34 -6.24 1.83
C ARG A 18 -0.82 -5.22 0.82
N TYR A 19 -1.32 -4.00 0.89
CA TYR A 19 -0.88 -2.99 -0.07
C TYR A 19 -0.36 -1.76 0.63
N PHE A 20 0.61 -1.15 0.00
CA PHE A 20 1.22 0.06 0.51
C PHE A 20 1.31 1.07 -0.63
N LEU A 21 0.77 2.24 -0.41
CA LEU A 21 0.85 3.30 -1.40
C LEU A 21 2.10 4.13 -1.17
N ASN A 22 2.77 4.52 -2.23
CA ASN A 22 3.79 5.52 -2.11
C ASN A 22 3.13 6.87 -2.30
N HIS A 23 2.76 7.54 -1.20
CA HIS A 23 2.11 8.84 -1.29
C HIS A 23 3.07 9.86 -1.88
N ILE A 24 4.35 9.50 -1.88
CA ILE A 24 5.39 10.35 -2.47
C ILE A 24 5.60 9.99 -3.95
N ASP A 25 5.63 8.70 -4.25
CA ASP A 25 5.92 8.23 -5.61
C ASP A 25 4.69 8.21 -6.50
N GLN A 26 3.50 8.31 -5.90
CA GLN A 26 2.24 8.23 -6.65
C GLN A 26 2.14 6.83 -7.25
N THR A 27 2.73 5.88 -6.54
CA THR A 27 2.90 4.52 -7.04
C THR A 27 2.26 3.51 -6.09
N THR A 28 1.67 2.47 -6.63
CA THR A 28 1.05 1.42 -5.83
C THR A 28 2.01 0.24 -5.63
N THR A 29 2.09 -0.23 -4.39
CA THR A 29 3.03 -1.28 -4.05
C THR A 29 2.31 -2.47 -3.36
N TRP A 30 2.62 -3.69 -3.78
CA TRP A 30 2.09 -4.90 -3.16
C TRP A 30 3.06 -5.44 -2.11
N GLN A 31 4.35 -5.32 -2.40
CA GLN A 31 5.39 -5.93 -1.58
C GLN A 31 5.84 -4.97 -0.49
N ASP A 32 5.91 -5.48 0.74
CA ASP A 32 6.22 -4.66 1.91
C ASP A 32 7.57 -3.96 1.76
N PRO A 33 7.53 -2.61 1.62
CA PRO A 33 8.72 -1.78 1.33
C PRO A 33 9.86 -1.91 2.33
N ARG A 34 9.57 -2.40 3.53
CA ARG A 34 10.59 -2.52 4.56
C ARG A 34 11.32 -3.86 4.42
N LYS A 35 10.68 -4.82 3.78
CA LYS A 35 11.26 -6.14 3.63
C LYS A 35 11.88 -6.31 2.24
N ALA A 36 11.55 -5.41 1.34
CA ALA A 36 12.05 -5.45 -0.03
C ALA A 36 13.38 -4.71 -0.13
N GLY B 1 0.66 -13.58 -7.84
CA GLY B 1 -0.27 -13.12 -8.90
C GLY B 1 -1.47 -12.44 -8.31
N GLU B 2 -1.39 -11.12 -8.20
CA GLU B 2 -2.38 -10.35 -7.46
C GLU B 2 -3.40 -9.73 -8.39
N SER B 3 -4.59 -9.56 -7.87
CA SER B 3 -5.66 -8.90 -8.60
C SER B 3 -5.56 -7.40 -8.31
N PRO B 4 -5.93 -6.53 -9.27
CA PRO B 4 -5.63 -5.09 -9.19
C PRO B 4 -5.98 -4.46 -7.84
N PRO B 5 -5.09 -3.60 -7.33
CA PRO B 5 -5.13 -3.05 -5.99
C PRO B 5 -5.82 -1.67 -6.00
N PRO B 6 -5.94 -1.01 -4.84
CA PRO B 6 -6.50 0.34 -4.75
C PRO B 6 -5.89 1.33 -5.75
N PRO B 7 -6.74 2.22 -6.29
CA PRO B 7 -6.29 3.36 -7.09
C PRO B 7 -5.58 4.39 -6.22
N TYR B 8 -4.54 5.00 -6.75
CA TYR B 8 -3.70 5.92 -5.99
C TYR B 8 -4.41 7.22 -5.60
N SER B 9 -5.61 7.47 -6.13
CA SER B 9 -6.08 8.86 -6.27
C SER B 9 -6.14 9.56 -4.92
N ARG B 10 -7.06 9.22 -4.02
CA ARG B 10 -6.90 9.71 -2.67
C ARG B 10 -6.80 8.60 -1.63
N TYR B 11 -7.91 7.93 -1.40
CA TYR B 11 -7.98 6.90 -0.36
C TYR B 11 -8.36 5.56 -0.97
N PRO B 12 -7.57 4.50 -0.67
CA PRO B 12 -7.77 3.17 -1.24
C PRO B 12 -9.11 2.51 -0.88
N MET B 13 -9.70 2.91 0.23
CA MET B 13 -10.91 2.25 0.70
C MET B 13 -11.81 3.21 1.47
N ASP B 14 -13.08 3.22 1.10
CA ASP B 14 -14.08 3.98 1.84
C ASP B 14 -14.94 3.03 2.66
N ASP A 1 6.80 4.17 13.81
CA ASP A 1 7.01 4.70 12.43
C ASP A 1 7.87 3.75 11.59
N VAL A 2 8.47 2.74 12.23
CA VAL A 2 9.28 1.77 11.49
C VAL A 2 8.42 0.74 10.74
N PRO A 3 7.42 0.09 11.40
CA PRO A 3 6.56 -0.88 10.73
C PRO A 3 5.67 -0.23 9.66
N LEU A 4 5.45 1.07 9.79
CA LEU A 4 4.70 1.82 8.80
C LEU A 4 5.50 3.04 8.36
N PRO A 5 6.23 2.91 7.23
CA PRO A 5 7.05 4.00 6.69
C PRO A 5 6.25 5.27 6.40
N ALA A 6 6.90 6.41 6.44
CA ALA A 6 6.23 7.69 6.26
C ALA A 6 6.22 8.07 4.79
N GLY A 7 5.08 8.59 4.34
CA GLY A 7 4.89 8.84 2.93
C GLY A 7 4.31 7.63 2.25
N TRP A 8 3.83 6.70 3.05
CA TRP A 8 3.24 5.46 2.56
C TRP A 8 1.81 5.32 3.07
N GLU A 9 0.97 4.69 2.27
CA GLU A 9 -0.40 4.42 2.66
C GLU A 9 -0.51 2.96 3.13
N MET A 10 -0.81 2.77 4.41
CA MET A 10 -0.74 1.44 5.01
C MET A 10 -2.13 0.89 5.29
N ALA A 11 -2.53 -0.13 4.55
CA ALA A 11 -3.77 -0.83 4.84
C ALA A 11 -3.69 -2.29 4.42
N LYS A 12 -4.40 -3.15 5.14
CA LYS A 12 -4.38 -4.58 4.89
C LYS A 12 -5.81 -5.13 4.91
N THR A 13 -6.20 -5.81 3.84
CA THR A 13 -7.52 -6.39 3.77
C THR A 13 -7.48 -7.81 4.34
N SER A 14 -8.58 -8.23 4.98
CA SER A 14 -8.66 -9.56 5.55
C SER A 14 -8.63 -10.63 4.46
N SER A 15 -8.85 -10.18 3.23
CA SER A 15 -8.73 -11.01 2.05
C SER A 15 -7.28 -11.49 1.87
N GLY A 16 -6.37 -10.86 2.60
CA GLY A 16 -4.96 -11.15 2.48
C GLY A 16 -4.30 -10.28 1.44
N GLN A 17 -4.80 -9.06 1.31
CA GLN A 17 -4.19 -8.08 0.43
C GLN A 17 -3.52 -7.00 1.25
N ARG A 18 -2.20 -6.99 1.22
CA ARG A 18 -1.42 -6.02 1.96
C ARG A 18 -0.85 -5.00 1.00
N TYR A 19 -1.53 -3.87 0.84
CA TYR A 19 -1.10 -2.89 -0.12
C TYR A 19 -0.49 -1.68 0.57
N PHE A 20 0.56 -1.18 -0.03
CA PHE A 20 1.23 -0.01 0.47
C PHE A 20 1.39 1.00 -0.66
N LEU A 21 0.83 2.18 -0.45
CA LEU A 21 0.92 3.23 -1.45
C LEU A 21 2.16 4.08 -1.23
N ASN A 22 2.86 4.44 -2.30
CA ASN A 22 3.87 5.45 -2.20
C ASN A 22 3.21 6.79 -2.47
N HIS A 23 2.84 7.50 -1.40
CA HIS A 23 2.17 8.79 -1.53
C HIS A 23 3.15 9.85 -2.06
N ILE A 24 4.40 9.43 -2.19
CA ILE A 24 5.45 10.29 -2.74
C ILE A 24 5.74 9.93 -4.19
N ASP A 25 5.85 8.63 -4.46
CA ASP A 25 6.21 8.15 -5.79
C ASP A 25 4.99 8.04 -6.70
N GLN A 26 3.80 8.08 -6.09
CA GLN A 26 2.55 7.92 -6.83
C GLN A 26 2.49 6.52 -7.45
N THR A 27 2.83 5.54 -6.63
CA THR A 27 2.84 4.16 -7.08
C THR A 27 2.09 3.26 -6.10
N THR A 28 1.49 2.20 -6.61
CA THR A 28 0.79 1.23 -5.79
C THR A 28 1.67 -0.01 -5.60
N THR A 29 2.08 -0.25 -4.36
CA THR A 29 2.99 -1.34 -4.05
C THR A 29 2.25 -2.54 -3.43
N TRP A 30 2.45 -3.73 -4.00
CA TRP A 30 1.86 -4.95 -3.46
C TRP A 30 2.77 -5.57 -2.40
N GLN A 31 4.07 -5.39 -2.57
CA GLN A 31 5.06 -6.07 -1.72
C GLN A 31 5.52 -5.16 -0.58
N ASP A 32 5.71 -5.75 0.59
CA ASP A 32 6.07 -4.99 1.78
C ASP A 32 7.46 -4.36 1.64
N PRO A 33 7.53 -3.02 1.58
CA PRO A 33 8.80 -2.29 1.38
C PRO A 33 9.84 -2.52 2.49
N ARG A 34 9.42 -3.06 3.63
CA ARG A 34 10.33 -3.20 4.77
C ARG A 34 11.34 -4.31 4.57
N LYS A 35 11.12 -5.19 3.59
CA LYS A 35 12.06 -6.27 3.31
C LYS A 35 13.26 -5.75 2.52
N ALA A 36 13.11 -4.55 1.97
CA ALA A 36 14.14 -3.90 1.15
C ALA A 36 14.39 -4.69 -0.13
N GLY B 1 -1.85 -13.94 -10.44
CA GLY B 1 -1.16 -13.05 -9.46
C GLY B 1 -2.15 -12.35 -8.56
N GLU B 2 -1.91 -11.07 -8.30
CA GLU B 2 -2.79 -10.28 -7.46
C GLU B 2 -3.86 -9.63 -8.31
N SER B 3 -5.02 -9.41 -7.72
CA SER B 3 -6.12 -8.76 -8.39
C SER B 3 -5.99 -7.26 -8.15
N PRO B 4 -6.42 -6.40 -9.10
CA PRO B 4 -6.12 -4.96 -9.07
C PRO B 4 -6.39 -4.31 -7.73
N PRO B 5 -5.46 -3.48 -7.26
CA PRO B 5 -5.40 -2.92 -5.93
C PRO B 5 -6.04 -1.52 -5.90
N PRO B 6 -6.06 -0.87 -4.72
CA PRO B 6 -6.60 0.49 -4.58
C PRO B 6 -6.06 1.49 -5.61
N PRO B 7 -6.93 2.43 -6.02
CA PRO B 7 -6.52 3.60 -6.81
C PRO B 7 -5.63 4.52 -5.96
N TYR B 8 -4.63 5.11 -6.60
CA TYR B 8 -3.64 5.94 -5.90
C TYR B 8 -4.21 7.30 -5.46
N SER B 9 -5.41 7.64 -5.92
CA SER B 9 -5.81 9.05 -6.00
C SER B 9 -5.75 9.74 -4.63
N ARG B 10 -6.63 9.42 -3.71
CA ARG B 10 -6.46 9.92 -2.36
C ARG B 10 -6.34 8.79 -1.35
N TYR B 11 -7.44 8.10 -1.11
CA TYR B 11 -7.44 6.97 -0.19
C TYR B 11 -7.88 5.71 -0.91
N PRO B 12 -7.29 4.56 -0.55
CA PRO B 12 -7.51 3.29 -1.26
C PRO B 12 -8.95 2.81 -1.26
N MET B 13 -9.57 2.73 -0.09
CA MET B 13 -10.89 2.15 0.03
C MET B 13 -11.71 2.91 1.06
N ASP B 14 -13.01 3.00 0.80
CA ASP B 14 -13.94 3.63 1.72
C ASP B 14 -15.26 2.88 1.69
N ASP A 1 6.57 4.06 12.46
CA ASP A 1 7.61 4.29 11.42
C ASP A 1 8.35 3.00 11.05
N VAL A 2 8.50 2.08 11.99
CA VAL A 2 9.20 0.83 11.70
C VAL A 2 8.31 -0.18 10.96
N PRO A 3 7.09 -0.47 11.47
CA PRO A 3 6.15 -1.37 10.78
C PRO A 3 5.42 -0.67 9.65
N LEU A 4 5.43 0.66 9.70
CA LEU A 4 4.77 1.49 8.70
C LEU A 4 5.67 2.67 8.34
N PRO A 5 6.32 2.63 7.16
CA PRO A 5 7.17 3.73 6.69
C PRO A 5 6.37 5.03 6.49
N ALA A 6 7.07 6.16 6.56
CA ALA A 6 6.41 7.46 6.46
C ALA A 6 6.35 7.93 5.01
N GLY A 7 5.21 8.49 4.63
CA GLY A 7 4.97 8.87 3.25
C GLY A 7 4.34 7.74 2.48
N TRP A 8 3.85 6.77 3.22
CA TRP A 8 3.23 5.58 2.66
C TRP A 8 1.81 5.43 3.18
N GLU A 9 0.93 4.88 2.35
CA GLU A 9 -0.44 4.61 2.76
C GLU A 9 -0.54 3.14 3.16
N MET A 10 -0.86 2.91 4.42
CA MET A 10 -0.79 1.56 4.98
C MET A 10 -2.18 1.00 5.20
N ALA A 11 -2.58 0.02 4.39
CA ALA A 11 -3.88 -0.59 4.57
C ALA A 11 -3.85 -2.08 4.20
N LYS A 12 -4.46 -2.89 5.04
CA LYS A 12 -4.50 -4.32 4.81
C LYS A 12 -5.95 -4.79 4.74
N THR A 13 -6.27 -5.57 3.73
CA THR A 13 -7.61 -6.10 3.58
C THR A 13 -7.73 -7.43 4.32
N SER A 14 -8.91 -7.70 4.88
CA SER A 14 -9.15 -8.96 5.58
C SER A 14 -9.02 -10.15 4.62
N SER A 15 -9.03 -9.85 3.33
CA SER A 15 -8.78 -10.84 2.28
C SER A 15 -7.35 -11.34 2.33
N GLY A 16 -6.50 -10.64 3.07
CA GLY A 16 -5.10 -10.99 3.16
C GLY A 16 -4.28 -10.29 2.10
N GLN A 17 -4.57 -9.03 1.89
CA GLN A 17 -3.82 -8.21 0.94
C GLN A 17 -3.16 -7.04 1.66
N ARG A 18 -1.84 -7.02 1.67
CA ARG A 18 -1.10 -5.94 2.28
C ARG A 18 -0.53 -5.02 1.20
N TYR A 19 -1.20 -3.89 0.97
CA TYR A 19 -0.73 -2.96 -0.05
C TYR A 19 -0.29 -1.66 0.60
N PHE A 20 0.65 -1.01 -0.05
CA PHE A 20 1.21 0.23 0.45
C PHE A 20 1.31 1.25 -0.68
N LEU A 21 0.74 2.41 -0.47
CA LEU A 21 0.84 3.49 -1.45
C LEU A 21 2.06 4.35 -1.18
N ASN A 22 2.76 4.76 -2.22
CA ASN A 22 3.70 5.84 -2.07
C ASN A 22 2.94 7.12 -2.34
N HIS A 23 2.56 7.83 -1.27
CA HIS A 23 1.81 9.08 -1.42
C HIS A 23 2.68 10.16 -2.06
N ILE A 24 3.98 9.87 -2.10
CA ILE A 24 4.95 10.77 -2.72
C ILE A 24 5.24 10.36 -4.16
N ASP A 25 5.46 9.06 -4.37
CA ASP A 25 5.85 8.55 -5.68
C ASP A 25 4.64 8.30 -6.58
N GLN A 26 3.44 8.28 -5.97
CA GLN A 26 2.19 8.07 -6.73
C GLN A 26 2.12 6.63 -7.23
N THR A 27 2.65 5.71 -6.43
CA THR A 27 2.74 4.33 -6.86
C THR A 27 2.05 3.37 -5.89
N THR A 28 1.46 2.32 -6.44
CA THR A 28 0.82 1.28 -5.66
C THR A 28 1.76 0.09 -5.49
N THR A 29 2.16 -0.18 -4.27
CA THR A 29 3.13 -1.23 -3.98
C THR A 29 2.47 -2.46 -3.35
N TRP A 30 2.70 -3.65 -3.94
CA TRP A 30 2.21 -4.90 -3.37
C TRP A 30 3.18 -5.44 -2.33
N GLN A 31 4.47 -5.26 -2.59
CA GLN A 31 5.51 -5.88 -1.78
C GLN A 31 6.01 -4.93 -0.69
N ASP A 32 5.91 -5.39 0.56
CA ASP A 32 6.27 -4.58 1.72
C ASP A 32 7.69 -4.02 1.61
N PRO A 33 7.79 -2.70 1.47
CA PRO A 33 9.05 -1.97 1.27
C PRO A 33 10.03 -2.05 2.44
N ARG A 34 9.54 -2.33 3.65
CA ARG A 34 10.41 -2.37 4.82
C ARG A 34 11.19 -3.67 4.86
N LYS A 35 10.74 -4.65 4.09
CA LYS A 35 11.42 -5.94 4.03
C LYS A 35 12.29 -6.01 2.78
N ALA A 36 11.64 -6.19 1.63
CA ALA A 36 12.34 -6.34 0.36
C ALA A 36 11.33 -6.30 -0.79
N GLY B 1 0.77 -12.88 -9.22
CA GLY B 1 -0.64 -13.10 -9.62
C GLY B 1 -1.60 -12.41 -8.67
N GLU B 2 -1.58 -11.09 -8.70
CA GLU B 2 -2.42 -10.30 -7.82
C GLU B 2 -3.55 -9.68 -8.62
N SER B 3 -4.68 -9.46 -7.96
CA SER B 3 -5.81 -8.80 -8.58
C SER B 3 -5.65 -7.30 -8.34
N PRO B 4 -6.15 -6.45 -9.26
CA PRO B 4 -5.87 -5.01 -9.25
C PRO B 4 -6.08 -4.38 -7.87
N PRO B 5 -5.10 -3.60 -7.40
CA PRO B 5 -5.03 -3.04 -6.07
C PRO B 5 -5.66 -1.65 -6.04
N PRO B 6 -5.67 -0.98 -4.87
CA PRO B 6 -6.26 0.34 -4.68
C PRO B 6 -5.86 1.38 -5.73
N PRO B 7 -6.82 2.16 -6.21
CA PRO B 7 -6.54 3.34 -7.03
C PRO B 7 -5.84 4.41 -6.21
N TYR B 8 -4.77 4.96 -6.74
CA TYR B 8 -3.91 5.89 -6.02
C TYR B 8 -4.59 7.23 -5.70
N SER B 9 -5.77 7.49 -6.26
CA SER B 9 -6.23 8.86 -6.43
C SER B 9 -6.32 9.60 -5.10
N ARG B 10 -7.12 9.16 -4.14
CA ARG B 10 -6.92 9.67 -2.79
C ARG B 10 -6.60 8.55 -1.82
N TYR B 11 -7.62 7.74 -1.55
CA TYR B 11 -7.52 6.66 -0.59
C TYR B 11 -7.82 5.32 -1.23
N PRO B 12 -7.11 4.27 -0.82
CA PRO B 12 -7.28 2.91 -1.35
C PRO B 12 -8.69 2.35 -1.13
N MET B 13 -9.19 2.47 0.08
CA MET B 13 -10.50 1.95 0.43
C MET B 13 -11.13 2.80 1.52
N ASP B 14 -12.34 3.26 1.27
CA ASP B 14 -13.08 4.02 2.28
C ASP B 14 -14.18 3.14 2.86
N ASP A 1 6.82 4.59 13.17
CA ASP A 1 7.60 4.78 11.93
C ASP A 1 8.28 3.48 11.50
N VAL A 2 8.51 2.58 12.46
CA VAL A 2 9.15 1.30 12.14
C VAL A 2 8.16 0.27 11.57
N PRO A 3 7.00 0.05 12.22
CA PRO A 3 6.00 -0.88 11.71
C PRO A 3 5.25 -0.34 10.49
N LEU A 4 5.26 0.98 10.34
CA LEU A 4 4.64 1.63 9.19
C LEU A 4 5.49 2.82 8.75
N PRO A 5 6.16 2.72 7.59
CA PRO A 5 6.95 3.82 7.03
C PRO A 5 6.10 5.05 6.72
N ALA A 6 6.69 6.23 6.87
CA ALA A 6 5.99 7.48 6.60
C ALA A 6 6.17 7.90 5.14
N GLY A 7 5.13 8.51 4.60
CA GLY A 7 5.07 8.80 3.17
C GLY A 7 4.47 7.62 2.43
N TRP A 8 3.84 6.73 3.20
CA TRP A 8 3.26 5.52 2.67
C TRP A 8 1.81 5.38 3.14
N GLU A 9 0.98 4.78 2.31
CA GLU A 9 -0.39 4.49 2.68
C GLU A 9 -0.46 3.04 3.14
N MET A 10 -0.69 2.85 4.43
CA MET A 10 -0.66 1.53 5.02
C MET A 10 -2.08 1.00 5.15
N ALA A 11 -2.45 0.01 4.36
CA ALA A 11 -3.77 -0.59 4.48
C ALA A 11 -3.74 -2.05 4.07
N LYS A 12 -4.35 -2.89 4.90
CA LYS A 12 -4.36 -4.32 4.68
C LYS A 12 -5.78 -4.85 4.67
N THR A 13 -6.13 -5.61 3.65
CA THR A 13 -7.46 -6.20 3.57
C THR A 13 -7.44 -7.56 4.26
N SER A 14 -8.57 -7.95 4.87
CA SER A 14 -8.67 -9.24 5.54
C SER A 14 -8.50 -10.39 4.54
N SER A 15 -8.61 -10.04 3.27
CA SER A 15 -8.37 -10.97 2.18
C SER A 15 -6.90 -11.42 2.16
N GLY A 16 -6.07 -10.70 2.91
CA GLY A 16 -4.65 -10.98 2.92
C GLY A 16 -3.92 -10.19 1.85
N GLN A 17 -4.39 -8.98 1.61
CA GLN A 17 -3.75 -8.09 0.66
C GLN A 17 -3.09 -6.93 1.40
N ARG A 18 -1.77 -6.95 1.43
CA ARG A 18 -1.02 -5.90 2.10
C ARG A 18 -0.48 -4.92 1.07
N TYR A 19 -1.25 -3.88 0.78
CA TYR A 19 -0.84 -2.90 -0.21
C TYR A 19 -0.34 -1.65 0.48
N PHE A 20 0.73 -1.11 -0.08
CA PHE A 20 1.34 0.09 0.44
C PHE A 20 1.46 1.12 -0.68
N LEU A 21 0.86 2.28 -0.48
CA LEU A 21 0.93 3.35 -1.46
C LEU A 21 2.13 4.23 -1.21
N ASN A 22 2.82 4.65 -2.25
CA ASN A 22 3.78 5.70 -2.10
C ASN A 22 3.06 7.02 -2.38
N HIS A 23 2.64 7.73 -1.33
CA HIS A 23 1.92 9.00 -1.49
C HIS A 23 2.85 10.05 -2.12
N ILE A 24 4.13 9.72 -2.18
CA ILE A 24 5.12 10.59 -2.79
C ILE A 24 5.40 10.14 -4.23
N ASP A 25 5.56 8.83 -4.43
CA ASP A 25 5.94 8.29 -5.74
C ASP A 25 4.75 8.16 -6.69
N GLN A 26 3.53 8.23 -6.13
CA GLN A 26 2.31 8.03 -6.91
C GLN A 26 2.27 6.59 -7.39
N THR A 27 2.79 5.71 -6.55
CA THR A 27 3.03 4.34 -6.92
C THR A 27 2.31 3.37 -5.99
N THR A 28 1.73 2.33 -6.56
CA THR A 28 1.07 1.30 -5.77
C THR A 28 1.99 0.10 -5.60
N THR A 29 2.21 -0.29 -4.35
CA THR A 29 3.14 -1.36 -4.04
C THR A 29 2.43 -2.55 -3.36
N TRP A 30 2.47 -3.73 -4.00
CA TRP A 30 1.90 -4.95 -3.41
C TRP A 30 2.79 -5.53 -2.32
N GLN A 31 4.10 -5.28 -2.43
CA GLN A 31 5.08 -5.92 -1.55
C GLN A 31 5.57 -4.96 -0.49
N ASP A 32 5.89 -5.50 0.69
CA ASP A 32 6.31 -4.68 1.82
C ASP A 32 7.67 -4.04 1.55
N PRO A 33 7.71 -2.69 1.49
CA PRO A 33 8.94 -1.91 1.29
C PRO A 33 10.06 -2.29 2.24
N ARG A 34 9.71 -2.70 3.45
CA ARG A 34 10.70 -2.98 4.48
C ARG A 34 11.38 -4.31 4.23
N LYS A 35 10.73 -5.15 3.43
CA LYS A 35 11.29 -6.44 3.06
C LYS A 35 12.09 -6.33 1.77
N ALA A 36 11.91 -5.24 1.06
CA ALA A 36 12.65 -5.00 -0.17
C ALA A 36 13.96 -4.26 0.14
N GLY B 1 -0.37 -14.08 -8.06
CA GLY B 1 -1.23 -13.53 -9.13
C GLY B 1 -2.34 -12.69 -8.56
N GLU B 2 -2.05 -11.40 -8.39
CA GLU B 2 -2.95 -10.51 -7.68
C GLU B 2 -3.92 -9.85 -8.65
N SER B 3 -5.10 -9.54 -8.16
CA SER B 3 -6.07 -8.76 -8.89
C SER B 3 -5.82 -7.29 -8.58
N PRO B 4 -6.11 -6.37 -9.52
CA PRO B 4 -5.73 -4.95 -9.40
C PRO B 4 -6.09 -4.34 -8.04
N PRO B 5 -5.17 -3.55 -7.48
CA PRO B 5 -5.23 -3.03 -6.12
C PRO B 5 -5.86 -1.63 -6.12
N PRO B 6 -5.99 -0.99 -4.95
CA PRO B 6 -6.57 0.34 -4.84
C PRO B 6 -6.00 1.35 -5.83
N PRO B 7 -6.86 2.24 -6.35
CA PRO B 7 -6.42 3.40 -7.13
C PRO B 7 -5.62 4.37 -6.26
N TYR B 8 -4.49 4.82 -6.76
CA TYR B 8 -3.57 5.65 -6.00
C TYR B 8 -4.16 7.00 -5.56
N SER B 9 -5.33 7.38 -6.06
CA SER B 9 -5.68 8.80 -6.15
C SER B 9 -5.70 9.47 -4.77
N ARG B 10 -6.65 9.17 -3.90
CA ARG B 10 -6.53 9.66 -2.54
C ARG B 10 -6.52 8.50 -1.54
N TYR B 11 -7.66 7.86 -1.39
CA TYR B 11 -7.84 6.83 -0.38
C TYR B 11 -8.24 5.50 -1.02
N PRO B 12 -7.49 4.42 -0.71
CA PRO B 12 -7.73 3.10 -1.30
C PRO B 12 -9.07 2.47 -0.94
N MET B 13 -9.59 2.82 0.22
CA MET B 13 -10.83 2.22 0.69
C MET B 13 -11.60 3.19 1.57
N ASP B 14 -12.90 3.26 1.35
CA ASP B 14 -13.79 4.11 2.14
C ASP B 14 -14.84 3.25 2.83
N ASP A 1 5.36 4.19 15.40
CA ASP A 1 5.38 4.94 14.13
C ASP A 1 6.39 4.36 13.14
N VAL A 2 7.30 3.52 13.63
CA VAL A 2 8.37 2.98 12.78
C VAL A 2 7.95 1.79 11.89
N PRO A 3 6.98 0.90 12.27
CA PRO A 3 6.65 -0.28 11.44
C PRO A 3 6.03 0.09 10.10
N LEU A 4 5.69 1.36 9.95
CA LEU A 4 5.09 1.85 8.72
C LEU A 4 5.97 2.94 8.12
N PRO A 5 6.61 2.66 6.95
CA PRO A 5 7.49 3.63 6.28
C PRO A 5 6.80 4.96 6.02
N ALA A 6 7.58 6.03 5.96
CA ALA A 6 7.05 7.37 5.81
C ALA A 6 6.91 7.75 4.34
N GLY A 7 5.77 8.36 4.01
CA GLY A 7 5.46 8.67 2.63
C GLY A 7 4.72 7.53 1.96
N TRP A 8 4.22 6.62 2.78
CA TRP A 8 3.56 5.42 2.29
C TRP A 8 2.14 5.33 2.86
N GLU A 9 1.23 4.76 2.08
CA GLU A 9 -0.11 4.51 2.54
C GLU A 9 -0.21 3.06 2.98
N MET A 10 -0.62 2.85 4.22
CA MET A 10 -0.54 1.53 4.84
C MET A 10 -1.93 0.96 5.07
N ALA A 11 -2.29 -0.09 4.34
CA ALA A 11 -3.55 -0.78 4.61
C ALA A 11 -3.46 -2.27 4.33
N LYS A 12 -4.06 -3.04 5.20
CA LYS A 12 -4.04 -4.49 5.10
C LYS A 12 -5.46 -5.03 5.20
N THR A 13 -6.01 -5.46 4.07
CA THR A 13 -7.38 -5.93 4.05
C THR A 13 -7.46 -7.44 4.26
N SER A 14 -8.56 -7.88 4.88
CA SER A 14 -8.77 -9.27 5.26
C SER A 14 -8.76 -10.20 4.06
N SER A 15 -8.87 -9.62 2.87
CA SER A 15 -8.78 -10.35 1.62
C SER A 15 -7.43 -11.05 1.47
N GLY A 16 -6.47 -10.64 2.31
CA GLY A 16 -5.13 -11.18 2.24
C GLY A 16 -4.26 -10.35 1.32
N GLN A 17 -4.61 -9.07 1.21
CA GLN A 17 -3.88 -8.15 0.36
C GLN A 17 -3.22 -7.08 1.21
N ARG A 18 -1.91 -7.13 1.29
CA ARG A 18 -1.16 -6.09 1.97
C ARG A 18 -0.57 -5.14 0.94
N TYR A 19 -1.23 -4.00 0.73
CA TYR A 19 -0.79 -3.05 -0.27
C TYR A 19 -0.25 -1.79 0.40
N PHE A 20 0.81 -1.27 -0.17
CA PHE A 20 1.43 -0.07 0.34
C PHE A 20 1.56 0.95 -0.78
N LEU A 21 1.00 2.12 -0.58
CA LEU A 21 1.04 3.16 -1.60
C LEU A 21 2.27 4.04 -1.45
N ASN A 22 2.92 4.39 -2.55
CA ASN A 22 3.91 5.44 -2.49
C ASN A 22 3.22 6.76 -2.74
N HIS A 23 2.92 7.50 -1.67
CA HIS A 23 2.26 8.80 -1.80
C HIS A 23 3.21 9.81 -2.42
N ILE A 24 4.45 9.40 -2.59
CA ILE A 24 5.46 10.23 -3.23
C ILE A 24 5.56 9.89 -4.71
N ASP A 25 5.66 8.60 -5.00
CA ASP A 25 5.87 8.12 -6.37
C ASP A 25 4.56 8.03 -7.16
N GLN A 26 3.43 8.08 -6.45
CA GLN A 26 2.11 7.91 -7.07
C GLN A 26 1.95 6.46 -7.53
N THR A 27 2.64 5.55 -6.87
CA THR A 27 2.66 4.17 -7.30
C THR A 27 1.99 3.25 -6.29
N THR A 28 1.42 2.17 -6.78
CA THR A 28 0.77 1.19 -5.94
C THR A 28 1.65 -0.05 -5.81
N THR A 29 2.07 -0.34 -4.59
CA THR A 29 3.04 -1.39 -4.35
C THR A 29 2.41 -2.62 -3.68
N TRP A 30 2.50 -3.79 -4.34
CA TRP A 30 2.08 -5.06 -3.73
C TRP A 30 3.18 -5.60 -2.81
N GLN A 31 4.43 -5.23 -3.09
CA GLN A 31 5.57 -5.82 -2.42
C GLN A 31 5.93 -5.04 -1.17
N ASP A 32 5.85 -5.73 -0.03
CA ASP A 32 6.12 -5.11 1.27
C ASP A 32 7.48 -4.42 1.33
N PRO A 33 7.47 -3.09 1.37
CA PRO A 33 8.70 -2.28 1.44
C PRO A 33 9.35 -2.29 2.82
N ARG A 34 8.62 -2.74 3.82
CA ARG A 34 9.13 -2.70 5.19
C ARG A 34 10.20 -3.77 5.40
N LYS A 35 10.06 -4.86 4.66
CA LYS A 35 11.05 -5.93 4.69
C LYS A 35 12.02 -5.79 3.52
N ALA A 36 11.60 -5.06 2.49
CA ALA A 36 12.40 -4.88 1.30
C ALA A 36 12.84 -3.44 1.14
N GLY B 1 -0.40 -13.83 -9.07
CA GLY B 1 -1.27 -13.17 -10.07
C GLY B 1 -2.34 -12.35 -9.39
N GLU B 2 -2.04 -11.10 -9.11
CA GLU B 2 -2.91 -10.27 -8.30
C GLU B 2 -3.93 -9.55 -9.17
N SER B 3 -5.09 -9.31 -8.59
CA SER B 3 -6.13 -8.54 -9.24
C SER B 3 -5.92 -7.07 -8.86
N PRO B 4 -6.30 -6.13 -9.74
CA PRO B 4 -5.95 -4.71 -9.57
C PRO B 4 -6.24 -4.19 -8.17
N PRO B 5 -5.26 -3.47 -7.59
CA PRO B 5 -5.25 -3.01 -6.21
C PRO B 5 -5.87 -1.61 -6.13
N PRO B 6 -5.94 -1.02 -4.94
CA PRO B 6 -6.52 0.32 -4.75
C PRO B 6 -6.02 1.37 -5.74
N PRO B 7 -6.93 2.23 -6.20
CA PRO B 7 -6.58 3.42 -6.97
C PRO B 7 -5.75 4.37 -6.11
N TYR B 8 -4.75 4.98 -6.71
CA TYR B 8 -3.80 5.81 -5.99
C TYR B 8 -4.42 7.11 -5.47
N SER B 9 -5.64 7.43 -5.88
CA SER B 9 -6.10 8.82 -5.88
C SER B 9 -6.04 9.45 -4.49
N ARG B 10 -6.88 9.07 -3.54
CA ARG B 10 -6.62 9.48 -2.17
C ARG B 10 -6.46 8.29 -1.22
N TYR B 11 -7.56 7.61 -0.96
CA TYR B 11 -7.60 6.56 0.06
C TYR B 11 -7.99 5.22 -0.54
N PRO B 12 -7.17 4.19 -0.35
CA PRO B 12 -7.43 2.85 -0.88
C PRO B 12 -8.59 2.12 -0.21
N MET B 13 -8.86 2.45 1.04
CA MET B 13 -9.85 1.74 1.82
C MET B 13 -10.47 2.68 2.84
N ASP B 14 -11.80 2.67 2.92
CA ASP B 14 -12.51 3.58 3.80
C ASP B 14 -12.71 2.95 5.17
N ASP A 1 6.15 4.11 12.75
CA ASP A 1 7.12 4.62 11.74
C ASP A 1 8.03 3.51 11.24
N VAL A 2 8.44 2.61 12.14
CA VAL A 2 9.22 1.45 11.74
C VAL A 2 8.34 0.34 11.15
N PRO A 3 7.25 -0.07 11.85
CA PRO A 3 6.33 -1.08 11.31
C PRO A 3 5.46 -0.53 10.20
N LEU A 4 5.41 0.79 10.09
CA LEU A 4 4.69 1.45 9.02
C LEU A 4 5.54 2.57 8.43
N PRO A 5 6.16 2.38 7.24
CA PRO A 5 6.99 3.42 6.61
C PRO A 5 6.24 4.74 6.44
N ALA A 6 6.97 5.85 6.57
CA ALA A 6 6.37 7.17 6.52
C ALA A 6 6.35 7.70 5.10
N GLY A 7 5.21 8.27 4.72
CA GLY A 7 4.99 8.69 3.35
C GLY A 7 4.37 7.58 2.53
N TRP A 8 3.87 6.57 3.24
CA TRP A 8 3.29 5.39 2.62
C TRP A 8 1.85 5.21 3.10
N GLU A 9 1.02 4.62 2.24
CA GLU A 9 -0.35 4.31 2.60
C GLU A 9 -0.42 2.90 3.14
N MET A 10 -0.79 2.77 4.39
CA MET A 10 -0.78 1.48 5.07
C MET A 10 -2.19 0.94 5.19
N ALA A 11 -2.50 -0.13 4.47
CA ALA A 11 -3.81 -0.75 4.62
C ALA A 11 -3.73 -2.27 4.52
N LYS A 12 -4.19 -2.93 5.56
CA LYS A 12 -4.23 -4.37 5.61
C LYS A 12 -5.69 -4.83 5.55
N THR A 13 -6.12 -5.28 4.38
CA THR A 13 -7.53 -5.62 4.19
C THR A 13 -7.76 -7.12 4.39
N SER A 14 -8.94 -7.46 4.94
CA SER A 14 -9.26 -8.82 5.33
C SER A 14 -9.29 -9.78 4.13
N SER A 15 -9.33 -9.21 2.94
CA SER A 15 -9.24 -9.99 1.71
C SER A 15 -7.89 -10.73 1.64
N GLY A 16 -6.96 -10.32 2.48
CA GLY A 16 -5.64 -10.90 2.48
C GLY A 16 -4.70 -10.16 1.56
N GLN A 17 -4.95 -8.87 1.41
CA GLN A 17 -4.11 -8.02 0.59
C GLN A 17 -3.50 -6.91 1.40
N ARG A 18 -2.20 -7.02 1.64
CA ARG A 18 -1.46 -6.01 2.35
C ARG A 18 -0.74 -5.11 1.35
N TYR A 19 -1.37 -4.00 1.00
CA TYR A 19 -0.80 -3.10 0.01
C TYR A 19 -0.32 -1.82 0.65
N PHE A 20 0.70 -1.24 0.04
CA PHE A 20 1.28 -0.02 0.54
C PHE A 20 1.44 0.96 -0.62
N LEU A 21 0.86 2.13 -0.48
CA LEU A 21 0.97 3.17 -1.51
C LEU A 21 2.18 4.04 -1.26
N ASN A 22 2.81 4.51 -2.32
CA ASN A 22 3.76 5.59 -2.17
C ASN A 22 3.03 6.89 -2.42
N HIS A 23 2.62 7.58 -1.35
CA HIS A 23 1.90 8.84 -1.48
C HIS A 23 2.83 9.94 -1.98
N ILE A 24 4.11 9.60 -2.12
CA ILE A 24 5.10 10.52 -2.65
C ILE A 24 5.45 10.15 -4.10
N ASP A 25 5.60 8.85 -4.35
CA ASP A 25 6.02 8.36 -5.66
C ASP A 25 4.83 8.20 -6.60
N GLN A 26 3.62 8.20 -6.04
CA GLN A 26 2.39 8.06 -6.84
C GLN A 26 2.30 6.64 -7.39
N THR A 27 2.77 5.68 -6.61
CA THR A 27 2.82 4.30 -7.06
C THR A 27 2.11 3.35 -6.11
N THR A 28 1.57 2.28 -6.66
CA THR A 28 0.91 1.26 -5.87
C THR A 28 1.82 0.06 -5.68
N THR A 29 2.29 -0.14 -4.45
CA THR A 29 3.25 -1.18 -4.15
C THR A 29 2.57 -2.44 -3.57
N TRP A 30 2.78 -3.60 -4.24
CA TRP A 30 2.26 -4.88 -3.73
C TRP A 30 3.21 -5.50 -2.72
N GLN A 31 4.49 -5.17 -2.81
CA GLN A 31 5.52 -5.83 -2.03
C GLN A 31 5.92 -4.98 -0.83
N ASP A 32 5.85 -5.56 0.36
CA ASP A 32 6.19 -4.85 1.60
C ASP A 32 7.58 -4.21 1.49
N PRO A 33 7.64 -2.87 1.46
CA PRO A 33 8.89 -2.12 1.26
C PRO A 33 9.94 -2.36 2.35
N ARG A 34 9.52 -2.93 3.47
CA ARG A 34 10.41 -3.15 4.59
C ARG A 34 11.38 -4.30 4.31
N LYS A 35 11.08 -5.09 3.28
CA LYS A 35 11.97 -6.19 2.90
C LYS A 35 13.35 -5.67 2.51
N ALA A 36 13.38 -4.47 1.92
CA ALA A 36 14.61 -3.87 1.40
C ALA A 36 15.24 -4.77 0.33
N GLY B 1 -0.47 -14.12 -8.37
CA GLY B 1 -1.47 -13.39 -9.20
C GLY B 1 -2.35 -12.49 -8.36
N GLU B 2 -2.01 -11.22 -8.30
CA GLU B 2 -2.75 -10.28 -7.46
C GLU B 2 -3.89 -9.63 -8.26
N SER B 3 -4.95 -9.28 -7.57
CA SER B 3 -6.08 -8.60 -8.18
C SER B 3 -5.82 -7.10 -8.10
N PRO B 4 -6.35 -6.31 -9.07
CA PRO B 4 -6.03 -4.87 -9.16
C PRO B 4 -6.18 -4.15 -7.81
N PRO B 5 -5.13 -3.43 -7.40
CA PRO B 5 -4.97 -2.85 -6.08
C PRO B 5 -5.56 -1.43 -6.04
N PRO B 6 -5.49 -0.75 -4.88
CA PRO B 6 -6.04 0.61 -4.70
C PRO B 6 -5.63 1.60 -5.78
N PRO B 7 -6.62 2.32 -6.34
CA PRO B 7 -6.36 3.48 -7.19
C PRO B 7 -5.64 4.56 -6.41
N TYR B 8 -4.58 5.11 -6.99
CA TYR B 8 -3.72 6.05 -6.27
C TYR B 8 -4.42 7.38 -5.94
N SER B 9 -5.61 7.61 -6.48
CA SER B 9 -6.15 8.97 -6.57
C SER B 9 -6.27 9.60 -5.18
N ARG B 10 -7.18 9.17 -4.33
CA ARG B 10 -7.15 9.65 -2.96
C ARG B 10 -6.98 8.53 -1.95
N TYR B 11 -8.02 7.73 -1.78
CA TYR B 11 -8.03 6.67 -0.78
C TYR B 11 -8.23 5.29 -1.40
N PRO B 12 -7.58 4.26 -0.82
CA PRO B 12 -7.69 2.89 -1.30
C PRO B 12 -9.01 2.23 -0.91
N MET B 13 -9.17 1.98 0.38
CA MET B 13 -10.34 1.26 0.88
C MET B 13 -11.12 2.13 1.84
N ASP B 14 -12.40 2.29 1.55
CA ASP B 14 -13.29 3.08 2.40
C ASP B 14 -13.95 2.19 3.43
N ASP A 1 6.05 3.74 13.00
CA ASP A 1 7.17 4.36 12.27
C ASP A 1 8.03 3.29 11.55
N VAL A 2 8.42 2.26 12.28
CA VAL A 2 9.20 1.17 11.69
C VAL A 2 8.31 0.17 10.93
N PRO A 3 7.21 -0.34 11.55
CA PRO A 3 6.28 -1.25 10.87
C PRO A 3 5.50 -0.57 9.76
N LEU A 4 5.29 0.73 9.91
CA LEU A 4 4.62 1.52 8.89
C LEU A 4 5.45 2.75 8.54
N PRO A 5 6.17 2.70 7.40
CA PRO A 5 6.97 3.84 6.91
C PRO A 5 6.12 5.08 6.64
N ALA A 6 6.76 6.24 6.74
CA ALA A 6 6.08 7.52 6.54
C ALA A 6 6.12 7.93 5.08
N GLY A 7 5.03 8.52 4.61
CA GLY A 7 4.90 8.84 3.20
C GLY A 7 4.34 7.66 2.42
N TRP A 8 3.80 6.71 3.17
CA TRP A 8 3.25 5.49 2.61
C TRP A 8 1.83 5.29 3.12
N GLU A 9 0.95 4.82 2.23
CA GLU A 9 -0.41 4.50 2.62
C GLU A 9 -0.48 3.05 3.06
N MET A 10 -0.73 2.83 4.34
CA MET A 10 -0.67 1.49 4.91
C MET A 10 -2.06 0.94 5.16
N ALA A 11 -2.47 -0.07 4.40
CA ALA A 11 -3.75 -0.73 4.66
C ALA A 11 -3.70 -2.19 4.27
N LYS A 12 -4.48 -3.00 4.99
CA LYS A 12 -4.51 -4.44 4.75
C LYS A 12 -5.95 -4.91 4.70
N THR A 13 -6.31 -5.60 3.63
CA THR A 13 -7.65 -6.10 3.48
C THR A 13 -7.77 -7.49 4.09
N SER A 14 -8.91 -7.76 4.73
CA SER A 14 -9.13 -9.03 5.41
C SER A 14 -9.26 -10.16 4.39
N SER A 15 -9.48 -9.77 3.13
CA SER A 15 -9.45 -10.68 2.00
C SER A 15 -8.03 -11.24 1.81
N GLY A 16 -7.06 -10.60 2.47
CA GLY A 16 -5.67 -11.01 2.37
C GLY A 16 -4.91 -10.33 1.26
N GLN A 17 -4.97 -9.01 1.24
CA GLN A 17 -4.10 -8.21 0.39
C GLN A 17 -3.45 -7.10 1.20
N ARG A 18 -2.13 -7.11 1.24
CA ARG A 18 -1.37 -6.08 1.93
C ARG A 18 -0.77 -5.12 0.90
N TYR A 19 -1.32 -3.91 0.83
CA TYR A 19 -0.82 -2.95 -0.16
C TYR A 19 -0.30 -1.69 0.53
N PHE A 20 0.68 -1.09 -0.10
CA PHE A 20 1.28 0.12 0.41
C PHE A 20 1.37 1.14 -0.72
N LEU A 21 0.81 2.31 -0.52
CA LEU A 21 0.89 3.36 -1.51
C LEU A 21 2.12 4.21 -1.30
N ASN A 22 2.79 4.60 -2.37
CA ASN A 22 3.77 5.64 -2.26
C ASN A 22 3.06 6.96 -2.50
N HIS A 23 2.66 7.63 -1.42
CA HIS A 23 1.97 8.91 -1.53
C HIS A 23 2.92 9.98 -2.02
N ILE A 24 4.19 9.63 -2.05
CA ILE A 24 5.24 10.51 -2.56
C ILE A 24 5.48 10.24 -4.04
N ASP A 25 5.78 8.98 -4.35
CA ASP A 25 6.16 8.57 -5.72
C ASP A 25 4.96 8.47 -6.63
N GLN A 26 3.76 8.39 -6.05
CA GLN A 26 2.54 8.17 -6.81
C GLN A 26 2.60 6.82 -7.51
N THR A 27 2.68 5.77 -6.71
CA THR A 27 2.66 4.42 -7.24
C THR A 27 2.04 3.44 -6.25
N THR A 28 1.42 2.40 -6.77
CA THR A 28 0.85 1.35 -5.93
C THR A 28 1.87 0.22 -5.74
N THR A 29 2.00 -0.25 -4.51
CA THR A 29 3.00 -1.26 -4.17
C THR A 29 2.38 -2.46 -3.44
N TRP A 30 2.54 -3.68 -4.00
CA TRP A 30 2.11 -4.89 -3.30
C TRP A 30 3.20 -5.38 -2.35
N GLN A 31 4.45 -5.12 -2.72
CA GLN A 31 5.60 -5.69 -2.01
C GLN A 31 6.06 -4.78 -0.88
N ASP A 32 6.10 -5.34 0.32
CA ASP A 32 6.45 -4.58 1.52
C ASP A 32 7.84 -3.95 1.40
N PRO A 33 7.89 -2.61 1.43
CA PRO A 33 9.15 -1.84 1.33
C PRO A 33 10.13 -2.14 2.48
N ARG A 34 9.65 -2.77 3.54
CA ARG A 34 10.48 -3.08 4.69
C ARG A 34 11.38 -4.28 4.41
N LYS A 35 11.07 -5.02 3.35
CA LYS A 35 11.85 -6.19 2.97
C LYS A 35 13.30 -5.79 2.67
N ALA A 36 13.51 -5.10 1.54
CA ALA A 36 14.84 -4.66 1.14
C ALA A 36 14.75 -3.75 -0.07
N GLY B 1 -2.26 -14.71 -9.03
CA GLY B 1 -1.53 -13.66 -8.28
C GLY B 1 -2.47 -12.74 -7.52
N GLU B 2 -2.12 -11.47 -7.45
CA GLU B 2 -2.92 -10.49 -6.74
C GLU B 2 -3.94 -9.87 -7.70
N SER B 3 -5.07 -9.47 -7.15
CA SER B 3 -6.11 -8.80 -7.91
C SER B 3 -5.86 -7.30 -7.90
N PRO B 4 -6.27 -6.56 -8.95
CA PRO B 4 -5.90 -5.14 -9.12
C PRO B 4 -6.15 -4.33 -7.85
N PRO B 5 -5.16 -3.52 -7.44
CA PRO B 5 -5.08 -2.88 -6.12
C PRO B 5 -5.71 -1.48 -6.13
N PRO B 6 -5.70 -0.80 -4.96
CA PRO B 6 -6.29 0.53 -4.78
C PRO B 6 -5.94 1.57 -5.84
N PRO B 7 -6.92 2.43 -6.17
CA PRO B 7 -6.68 3.63 -6.97
C PRO B 7 -5.87 4.64 -6.17
N TYR B 8 -4.94 5.31 -6.84
CA TYR B 8 -3.98 6.17 -6.16
C TYR B 8 -4.57 7.54 -5.77
N SER B 9 -5.77 7.86 -6.25
CA SER B 9 -6.21 9.25 -6.31
C SER B 9 -6.22 9.91 -4.92
N ARG B 10 -7.04 9.45 -3.99
CA ARG B 10 -6.89 9.91 -2.62
C ARG B 10 -6.62 8.76 -1.66
N TYR B 11 -7.64 7.95 -1.43
CA TYR B 11 -7.54 6.83 -0.51
C TYR B 11 -7.83 5.52 -1.23
N PRO B 12 -7.11 4.44 -0.85
CA PRO B 12 -7.26 3.12 -1.47
C PRO B 12 -8.67 2.55 -1.35
N MET B 13 -9.10 2.29 -0.12
CA MET B 13 -10.35 1.62 0.11
C MET B 13 -10.98 2.07 1.42
N ASP B 14 -12.23 2.47 1.35
CA ASP B 14 -13.01 2.79 2.54
C ASP B 14 -14.20 1.86 2.62
#